data_6NIL
#
_entry.id   6NIL
#
_cell.length_a   1.00
_cell.length_b   1.00
_cell.length_c   1.00
_cell.angle_alpha   90.00
_cell.angle_beta   90.00
_cell.angle_gamma   90.00
#
_symmetry.space_group_name_H-M   'P 1'
#
loop_
_entity.id
_entity.type
_entity.pdbx_description
1 polymer 'DNA dC->dU-editing enzyme APOBEC-3F'
2 polymer 'Core-binding factor subunit beta'
3 polymer 'Virion infectivity factor'
4 non-polymer 'ZINC ION'
#
loop_
_entity_poly.entity_id
_entity_poly.type
_entity_poly.pdbx_seq_one_letter_code
_entity_poly.pdbx_strand_id
1 'polypeptide(L)'
;MGSSHHHHHHSQDPNSMGKEILRNPMEAMDPHIFYFHFKNLRKAYGRNESWLCFTMEVVKHHSPVSWKRGVFRNQVDPET
GRHAERCFLSWFCDDILSPNTNYEVTWYTSWSPCPECAGEVAEFLARHSNVNLTIKTARLYYFKDTDAAEGLRSLSQEGA
SVEIMGYKDFKYCWENFVYNDDEPFKPWDGLDYNFLDLDSKLQEILE
;
A,D,G,J
2 'polypeptide(L)'
;MPRVVPDQRSKFENEEFFRKLSRECEIKYTGFRDRPHEERQARFQNACRDGRSEIAFVATGTNLSLQFFPASWQGEQRQT
PSREYVDLEREAGKVYLKAPMILNGVCVIWKGWIDLQRLDGMGCLEFDEERAQQEDALAQQAFEEARRRTR
;
B,E,H,K
3 'polypeptide(L)'
;MENRWQVMIVWQVDRMRINTWKRLVKHHMYISRKAKDWFYRHHYESTNPKISSEVHIPLGDAKLVITTYWGLHTGERDWH
LGQGVSIEWRKKRYSTQVDPDLADQLIHLHYFDEASEGSQIKPPLPSVRKLTEDRWNK
;
C,F,I,L
#
loop_
_chem_comp.id
_chem_comp.type
_chem_comp.name
_chem_comp.formula
ZN non-polymer 'ZINC ION' 'Zn 2'
#
# COMPACT_ATOMS: atom_id res chain seq x y z
N ASN A 24 13.75 0.34 12.79
CA ASN A 24 13.75 1.77 13.22
C ASN A 24 15.10 2.52 13.16
N PRO A 25 16.24 1.89 13.55
CA PRO A 25 17.50 2.60 13.29
C PRO A 25 17.94 2.55 11.83
N MET A 26 17.78 3.66 11.14
CA MET A 26 18.32 3.78 9.79
C MET A 26 19.84 3.80 9.85
N GLU A 27 20.48 3.07 8.93
CA GLU A 27 21.91 2.83 9.06
C GLU A 27 22.76 4.04 8.67
N ALA A 28 22.43 4.68 7.55
CA ALA A 28 23.24 5.79 7.07
C ALA A 28 22.35 6.77 6.30
N MET A 29 22.97 7.67 5.55
CA MET A 29 22.25 8.74 4.90
C MET A 29 23.05 9.28 3.71
N ASP A 30 22.34 9.68 2.68
CA ASP A 30 22.97 10.24 1.48
C ASP A 30 23.37 11.70 1.74
N PRO A 31 24.48 12.15 1.13
CA PRO A 31 25.05 13.43 1.57
C PRO A 31 24.27 14.66 1.15
N HIS A 32 23.27 14.53 0.28
CA HIS A 32 22.47 15.69 -0.07
C HIS A 32 21.43 16.04 0.98
N ILE A 33 21.21 15.17 1.95
CA ILE A 33 20.44 15.56 3.13
C ILE A 33 21.34 15.81 4.34
N PHE A 34 22.59 15.34 4.28
CA PHE A 34 23.59 15.71 5.27
C PHE A 34 23.87 17.21 5.22
N TYR A 35 23.99 17.75 4.00
CA TYR A 35 24.19 19.18 3.83
C TYR A 35 22.89 19.97 4.02
N PHE A 36 21.76 19.31 3.81
CA PHE A 36 20.46 19.96 3.96
C PHE A 36 20.08 20.13 5.43
N HIS A 37 20.71 19.35 6.31
CA HIS A 37 20.35 19.37 7.73
C HIS A 37 21.51 19.69 8.67
N PHE A 38 22.71 19.20 8.37
CA PHE A 38 23.81 19.35 9.32
C PHE A 38 24.78 20.46 8.93
N LYS A 39 24.28 21.51 8.29
CA LYS A 39 25.07 22.71 8.10
C LYS A 39 24.63 23.82 9.03
N ASN A 40 25.60 24.40 9.72
CA ASN A 40 25.35 25.35 10.81
C ASN A 40 25.29 26.79 10.28
N LEU A 41 24.20 27.10 9.60
CA LEU A 41 24.04 28.41 8.97
C LEU A 41 22.73 29.03 9.43
N ARG A 42 22.34 30.14 8.79
CA ARG A 42 21.09 30.83 9.07
C ARG A 42 20.05 30.61 7.97
N LYS A 43 20.29 29.64 7.09
CA LYS A 43 19.31 29.25 6.08
C LYS A 43 18.36 28.16 6.63
N ALA A 44 18.67 27.65 7.82
CA ALA A 44 18.14 26.36 8.27
C ALA A 44 16.89 26.50 9.16
N TYR A 45 16.04 27.49 8.90
CA TYR A 45 14.86 27.69 9.75
C TYR A 45 13.56 27.19 9.13
N GLY A 46 13.62 26.56 7.96
CA GLY A 46 12.42 26.42 7.14
C GLY A 46 11.79 25.03 7.13
N ARG A 47 11.95 24.26 8.22
CA ARG A 47 11.26 22.99 8.36
C ARG A 47 11.10 22.61 9.83
N ASN A 48 10.37 21.53 10.07
CA ASN A 48 10.11 21.06 11.42
C ASN A 48 10.74 19.70 11.73
N GLU A 49 11.64 19.23 10.87
CA GLU A 49 12.19 17.89 11.01
C GLU A 49 13.56 17.92 11.70
N SER A 50 13.90 16.82 12.36
CA SER A 50 15.16 16.74 13.08
C SER A 50 15.82 15.39 12.81
N TRP A 51 17.13 15.35 13.01
CA TRP A 51 17.91 14.16 12.74
C TRP A 51 18.86 13.91 13.90
N LEU A 52 19.31 12.68 14.05
CA LEU A 52 20.37 12.37 15.01
C LEU A 52 21.18 11.20 14.52
N CYS A 53 22.42 11.12 14.98
CA CYS A 53 23.27 9.97 14.75
C CYS A 53 23.77 9.50 16.10
N PHE A 54 23.49 8.26 16.46
CA PHE A 54 24.01 7.75 17.70
C PHE A 54 25.24 6.90 17.47
N THR A 55 25.97 6.65 18.55
CA THR A 55 27.11 5.73 18.54
C THR A 55 27.13 5.09 19.92
N MET A 56 26.46 3.96 20.03
CA MET A 56 26.11 3.41 21.32
C MET A 56 27.01 2.20 21.59
N GLU A 57 27.80 2.28 22.65
CA GLU A 57 28.79 1.26 22.97
C GLU A 57 28.35 0.52 24.22
N VAL A 58 27.95 -0.73 24.04
CA VAL A 58 27.57 -1.55 25.18
C VAL A 58 28.83 -2.00 25.91
N VAL A 59 28.71 -2.13 27.24
CA VAL A 59 29.72 -2.81 28.03
C VAL A 59 28.97 -3.83 28.88
N LYS A 60 28.86 -5.06 28.36
CA LYS A 60 28.35 -6.15 29.15
C LYS A 60 29.46 -6.71 30.01
N HIS A 61 29.20 -6.86 31.30
CA HIS A 61 30.23 -7.29 32.23
C HIS A 61 30.57 -8.76 32.01
N HIS A 62 31.88 -9.05 32.07
CA HIS A 62 32.44 -10.38 31.78
C HIS A 62 32.09 -10.84 30.38
N SER A 63 32.13 -9.90 29.43
CA SER A 63 31.76 -10.17 28.04
C SER A 63 32.41 -9.08 27.17
N PRO A 64 32.68 -9.39 25.90
CA PRO A 64 33.38 -8.39 25.07
C PRO A 64 32.50 -7.21 24.68
N VAL A 65 33.16 -6.10 24.36
CA VAL A 65 32.48 -4.87 24.01
C VAL A 65 31.97 -4.95 22.56
N SER A 66 30.66 -4.84 22.39
CA SER A 66 30.08 -4.75 21.06
C SER A 66 29.82 -3.29 20.70
N TRP A 67 29.13 -3.07 19.58
CA TRP A 67 28.89 -1.72 19.11
C TRP A 67 27.52 -1.63 18.46
N LYS A 68 26.94 -0.44 18.51
CA LYS A 68 25.77 -0.11 17.71
C LYS A 68 25.99 1.27 17.09
N ARG A 69 25.28 1.53 16.01
CA ARG A 69 25.50 2.71 15.20
C ARG A 69 24.33 2.87 14.25
N GLY A 70 23.87 4.11 14.08
CA GLY A 70 22.79 4.36 13.15
C GLY A 70 22.24 5.76 13.26
N VAL A 71 21.24 6.05 12.43
CA VAL A 71 20.68 7.39 12.28
C VAL A 71 19.18 7.25 12.51
N PHE A 72 18.60 8.24 13.20
CA PHE A 72 17.14 8.30 13.35
C PHE A 72 16.57 9.56 12.74
N ARG A 73 15.30 9.48 12.36
CA ARG A 73 14.55 10.63 11.90
C ARG A 73 13.13 10.51 12.46
N ASN A 74 12.23 11.39 12.04
CA ASN A 74 10.87 11.34 12.54
C ASN A 74 10.04 10.26 11.84
N ARG A 82 5.64 11.89 16.46
CA ARG A 82 6.76 11.41 17.25
C ARG A 82 8.06 12.10 16.87
N HIS A 83 8.72 12.68 17.85
CA HIS A 83 9.95 13.38 17.58
C HIS A 83 11.12 12.40 17.56
N ALA A 84 12.27 12.83 17.05
CA ALA A 84 13.34 11.89 16.72
C ALA A 84 14.07 11.38 17.97
N GLU A 85 14.40 12.28 18.89
CA GLU A 85 15.18 11.88 20.07
C GLU A 85 14.36 11.16 21.13
N ARG A 86 13.05 11.08 20.95
CA ARG A 86 12.25 10.13 21.70
C ARG A 86 12.15 8.80 20.95
N CYS A 87 12.21 8.85 19.63
CA CYS A 87 12.21 7.63 18.82
C CYS A 87 13.48 6.82 19.02
N PHE A 88 14.54 7.46 19.49
CA PHE A 88 15.70 6.73 20.00
C PHE A 88 15.29 5.89 21.22
N LEU A 89 14.60 6.51 22.17
CA LEU A 89 14.33 5.87 23.44
C LEU A 89 13.30 4.75 23.35
N SER A 90 12.37 4.86 22.42
CA SER A 90 11.44 3.76 22.20
C SER A 90 12.11 2.58 21.52
N TRP A 91 13.15 2.84 20.75
CA TRP A 91 14.00 1.75 20.28
C TRP A 91 14.95 1.28 21.37
N PHE A 92 15.37 2.21 22.21
CA PHE A 92 16.40 1.91 23.22
C PHE A 92 15.83 1.01 24.30
N CYS A 93 14.69 1.39 24.85
CA CYS A 93 14.13 0.68 26.00
C CYS A 93 13.33 -0.56 25.59
N ASP A 94 13.24 -0.84 24.29
CA ASP A 94 12.44 -1.97 23.84
C ASP A 94 13.18 -3.06 23.08
N ASP A 95 14.38 -2.78 22.59
CA ASP A 95 15.11 -3.79 21.83
C ASP A 95 16.46 -4.17 22.44
N ILE A 96 17.27 -3.17 22.79
CA ILE A 96 18.68 -3.42 23.04
C ILE A 96 18.98 -3.62 24.52
N LEU A 97 18.11 -3.10 25.37
CA LEU A 97 18.45 -2.85 26.76
C LEU A 97 18.46 -4.16 27.56
N SER A 98 19.35 -4.22 28.54
CA SER A 98 19.62 -5.44 29.29
C SER A 98 20.31 -5.04 30.58
N PRO A 99 20.06 -5.77 31.68
CA PRO A 99 20.67 -5.38 32.95
C PRO A 99 22.15 -5.73 33.04
N ASN A 100 22.78 -5.23 34.09
CA ASN A 100 24.20 -5.45 34.37
C ASN A 100 25.11 -4.99 33.23
N THR A 101 24.74 -3.86 32.63
CA THR A 101 25.48 -3.32 31.50
C THR A 101 25.88 -1.87 31.78
N ASN A 102 26.75 -1.35 30.91
CA ASN A 102 27.06 0.06 30.90
C ASN A 102 27.12 0.53 29.46
N TYR A 103 26.49 1.67 29.19
CA TYR A 103 26.28 2.14 27.82
C TYR A 103 26.93 3.52 27.68
N GLU A 104 27.61 3.73 26.56
CA GLU A 104 28.13 5.04 26.22
C GLU A 104 27.42 5.53 24.97
N VAL A 105 26.28 6.17 25.18
CA VAL A 105 25.50 6.71 24.09
C VAL A 105 26.11 8.05 23.68
N THR A 106 26.20 8.28 22.37
CA THR A 106 26.77 9.52 21.88
C THR A 106 25.94 10.02 20.70
N TRP A 107 25.03 10.94 20.98
CA TRP A 107 24.19 11.49 19.92
C TRP A 107 24.98 12.48 19.07
N TYR A 108 24.41 12.80 17.91
CA TYR A 108 24.92 13.86 17.04
C TYR A 108 23.70 14.48 16.36
N THR A 109 23.19 15.54 16.97
CA THR A 109 21.88 16.05 16.58
C THR A 109 22.04 17.34 15.78
N SER A 110 21.15 17.54 14.82
CA SER A 110 21.06 18.80 14.10
C SER A 110 20.72 19.93 15.06
N TRP A 111 19.50 19.89 15.59
CA TRP A 111 19.05 20.90 16.53
C TRP A 111 19.57 20.57 17.93
N SER A 112 19.07 21.28 18.93
CA SER A 112 19.10 20.77 20.28
C SER A 112 17.87 19.86 20.46
N PRO A 113 17.82 19.08 21.55
CA PRO A 113 16.53 18.47 21.88
C PRO A 113 15.48 19.52 22.23
N CYS A 114 14.22 19.24 21.93
CA CYS A 114 13.17 20.26 22.02
C CYS A 114 12.78 20.40 23.48
N PRO A 115 12.28 21.57 23.86
CA PRO A 115 12.01 21.81 25.27
C PRO A 115 11.05 20.81 25.90
N GLU A 116 10.16 20.21 25.12
CA GLU A 116 9.37 19.09 25.60
C GLU A 116 10.16 17.79 25.53
N CYS A 117 11.07 17.70 24.56
CA CYS A 117 11.88 16.50 24.37
C CYS A 117 12.89 16.36 25.51
N ALA A 118 13.41 17.48 25.99
CA ALA A 118 14.26 17.49 27.19
C ALA A 118 13.45 17.10 28.43
N GLY A 119 12.16 17.42 28.42
CA GLY A 119 11.26 17.02 29.49
C GLY A 119 10.80 15.57 29.42
N GLU A 120 11.41 14.78 28.53
CA GLU A 120 11.09 13.36 28.45
C GLU A 120 12.32 12.50 28.14
N VAL A 121 13.50 13.09 28.05
CA VAL A 121 14.73 12.31 27.90
C VAL A 121 15.56 12.44 29.16
N ALA A 122 15.44 13.56 29.87
CA ALA A 122 16.24 13.79 31.06
C ALA A 122 15.76 12.92 32.21
N GLU A 123 14.48 12.56 32.20
CA GLU A 123 13.92 11.63 33.17
C GLU A 123 14.35 10.19 32.91
N PHE A 124 14.80 9.90 31.70
CA PHE A 124 15.26 8.55 31.39
C PHE A 124 16.59 8.24 32.06
N LEU A 125 17.60 9.03 31.77
CA LEU A 125 18.91 8.81 32.36
C LEU A 125 18.98 9.24 33.81
N ALA A 126 17.94 9.89 34.31
CA ALA A 126 17.74 9.98 35.76
C ALA A 126 17.50 8.58 36.33
N ARG A 127 16.67 7.79 35.67
CA ARG A 127 16.34 6.46 36.16
C ARG A 127 17.44 5.46 35.87
N HIS A 128 18.05 5.56 34.69
CA HIS A 128 19.14 4.66 34.32
C HIS A 128 20.46 5.40 34.44
N SER A 129 21.29 4.97 35.37
CA SER A 129 22.55 5.65 35.63
C SER A 129 23.72 5.01 34.90
N ASN A 130 23.46 3.99 34.09
CA ASN A 130 24.54 3.31 33.37
C ASN A 130 24.75 3.87 31.96
N VAL A 131 24.03 4.93 31.61
CA VAL A 131 24.14 5.52 30.28
C VAL A 131 24.88 6.86 30.38
N ASN A 132 26.00 6.96 29.67
CA ASN A 132 26.76 8.20 29.62
C ASN A 132 26.43 8.94 28.33
N LEU A 133 25.20 9.41 28.26
CA LEU A 133 24.71 10.04 27.04
C LEU A 133 25.37 11.40 26.83
N THR A 134 25.58 11.76 25.57
CA THR A 134 26.39 12.91 25.24
C THR A 134 25.87 13.54 23.94
N ILE A 135 25.09 14.60 24.07
CA ILE A 135 24.60 15.30 22.89
C ILE A 135 25.66 16.32 22.48
N LYS A 136 26.57 15.92 21.59
CA LYS A 136 27.44 16.89 20.96
C LYS A 136 26.81 17.35 19.65
N THR A 137 25.82 18.23 19.79
CA THR A 137 24.97 18.60 18.67
C THR A 137 25.67 19.59 17.74
N ALA A 138 24.96 20.00 16.69
CA ALA A 138 25.54 20.85 15.66
C ALA A 138 24.97 22.28 15.70
N ARG A 139 23.65 22.40 15.61
CA ARG A 139 23.00 23.71 15.66
C ARG A 139 22.21 23.86 16.95
N LEU A 140 22.08 25.10 17.41
CA LEU A 140 21.22 25.39 18.54
C LEU A 140 19.77 25.57 18.06
N TYR A 141 18.90 26.01 18.97
CA TYR A 141 17.48 25.99 18.72
C TYR A 141 16.99 27.41 18.45
N TYR A 142 16.15 27.57 17.43
CA TYR A 142 15.75 28.89 16.94
C TYR A 142 14.85 29.61 17.94
N PHE A 143 13.92 28.88 18.56
CA PHE A 143 13.01 29.50 19.51
C PHE A 143 13.75 29.83 20.79
N LYS A 144 14.32 31.03 20.85
CA LYS A 144 15.12 31.48 21.98
C LYS A 144 14.19 32.04 23.04
N ASP A 145 13.89 31.20 24.04
CA ASP A 145 13.00 31.59 25.12
C ASP A 145 13.42 30.92 26.42
N THR A 146 12.67 31.16 27.48
CA THR A 146 13.00 30.64 28.80
C THR A 146 12.75 29.13 28.89
N ASP A 147 11.82 28.63 28.07
CA ASP A 147 11.41 27.23 28.14
C ASP A 147 12.52 26.25 27.73
N ALA A 148 13.47 26.71 26.92
CA ALA A 148 14.60 25.89 26.52
C ALA A 148 15.87 26.20 27.30
N ALA A 149 15.87 27.31 28.05
CA ALA A 149 17.08 27.72 28.77
C ALA A 149 17.41 26.75 29.90
N GLU A 150 16.47 26.58 30.84
CA GLU A 150 16.68 25.62 31.91
C GLU A 150 16.34 24.20 31.46
N GLY A 151 15.66 24.07 30.32
CA GLY A 151 15.34 22.76 29.76
C GLY A 151 16.59 22.04 29.28
N LEU A 152 17.54 22.78 28.72
CA LEU A 152 18.84 22.23 28.44
C LEU A 152 19.74 22.17 29.69
N ARG A 153 19.47 23.02 30.68
CA ARG A 153 20.18 22.90 31.95
C ARG A 153 19.75 21.73 32.83
N SER A 154 18.45 21.43 32.83
CA SER A 154 17.90 20.39 33.71
C SER A 154 18.20 19.03 33.10
N LEU A 155 18.40 19.01 31.79
CA LEU A 155 18.92 17.84 31.10
C LEU A 155 20.37 17.52 31.52
N SER A 156 21.12 18.54 31.95
CA SER A 156 22.57 18.42 32.03
C SER A 156 23.14 17.97 33.37
N GLN A 157 22.37 17.99 34.46
CA GLN A 157 22.97 17.59 35.75
C GLN A 157 22.95 16.08 35.99
N GLU A 158 22.67 15.29 34.97
CA GLU A 158 22.55 13.84 35.15
C GLU A 158 23.67 13.06 34.47
N GLY A 159 24.42 13.71 33.59
CA GLY A 159 25.51 13.05 32.88
C GLY A 159 25.51 13.42 31.41
N ALA A 160 24.50 14.16 30.99
CA ALA A 160 24.35 14.52 29.59
C ALA A 160 25.30 15.66 29.24
N SER A 161 26.51 15.29 28.85
CA SER A 161 27.55 16.27 28.54
C SER A 161 27.27 16.96 27.21
N VAL A 162 26.48 18.03 27.24
CA VAL A 162 26.13 18.75 26.03
C VAL A 162 27.35 19.54 25.53
N GLU A 163 27.67 19.36 24.26
CA GLU A 163 28.76 20.08 23.63
C GLU A 163 28.30 20.58 22.26
N ILE A 164 29.23 21.10 21.48
CA ILE A 164 29.00 21.34 20.05
C ILE A 164 30.01 20.54 19.26
N MET A 165 29.53 19.77 18.29
CA MET A 165 30.41 18.99 17.44
C MET A 165 31.19 19.89 16.50
N GLY A 166 32.42 19.50 16.20
CA GLY A 166 33.32 20.33 15.41
C GLY A 166 33.96 19.54 14.29
N TYR A 167 35.07 20.06 13.78
CA TYR A 167 35.73 19.48 12.62
C TYR A 167 36.28 18.08 12.89
N LYS A 168 36.57 17.77 14.15
CA LYS A 168 36.90 16.40 14.53
C LYS A 168 35.67 15.49 14.44
N ASP A 169 34.49 16.08 14.64
CA ASP A 169 33.26 15.28 14.72
C ASP A 169 32.39 15.35 13.48
N PHE A 170 32.46 16.43 12.71
CA PHE A 170 31.74 16.46 11.45
C PHE A 170 32.32 15.44 10.46
N LYS A 171 33.64 15.31 10.43
CA LYS A 171 34.24 14.28 9.60
C LYS A 171 34.07 12.89 10.22
N TYR A 172 33.86 12.82 11.53
CA TYR A 172 33.52 11.54 12.15
C TYR A 172 32.08 11.14 11.82
N CYS A 173 31.20 12.12 11.66
CA CYS A 173 29.86 11.84 11.16
C CYS A 173 29.90 11.52 9.67
N TRP A 174 30.89 12.06 8.97
CA TRP A 174 31.01 11.86 7.54
C TRP A 174 31.46 10.44 7.21
N GLU A 175 32.46 9.94 7.93
CA GLU A 175 33.03 8.65 7.63
C GLU A 175 32.36 7.50 8.41
N ASN A 176 31.27 7.80 9.10
CA ASN A 176 30.54 6.74 9.81
C ASN A 176 29.04 6.74 9.59
N PHE A 177 28.50 7.76 8.93
CA PHE A 177 27.05 7.84 8.75
C PHE A 177 26.61 8.25 7.36
N VAL A 178 27.55 8.56 6.47
CA VAL A 178 27.23 9.16 5.19
C VAL A 178 27.73 8.25 4.07
N TYR A 179 26.89 8.04 3.06
CA TYR A 179 27.31 7.39 1.83
C TYR A 179 28.24 8.32 1.08
N ASN A 180 29.49 8.32 1.49
CA ASN A 180 30.43 9.39 1.13
C ASN A 180 31.28 9.05 -0.08
N ASP A 181 30.83 8.09 -0.90
CA ASP A 181 31.51 7.64 -2.13
C ASP A 181 32.89 7.03 -1.90
N ASP A 182 33.26 6.81 -0.64
CA ASP A 182 34.67 6.65 -0.21
C ASP A 182 35.60 7.71 -0.83
N GLU A 183 35.07 8.94 -0.78
CA GLU A 183 35.65 10.22 -1.22
C GLU A 183 35.80 11.07 0.06
N PRO A 184 36.92 11.78 0.20
CA PRO A 184 37.22 12.46 1.45
C PRO A 184 36.26 13.60 1.78
N PHE A 185 36.34 14.07 3.01
CA PHE A 185 35.34 14.99 3.56
C PHE A 185 35.42 16.37 2.91
N LYS A 186 34.26 16.90 2.55
CA LYS A 186 34.15 18.26 2.02
C LYS A 186 33.65 19.17 3.14
N PRO A 187 34.51 20.08 3.62
CA PRO A 187 34.03 21.10 4.55
C PRO A 187 33.45 22.30 3.82
N TRP A 188 32.63 23.06 4.53
CA TRP A 188 32.29 24.41 4.12
C TRP A 188 33.06 25.39 5.00
N ASP A 189 33.74 26.34 4.37
CA ASP A 189 34.65 27.21 5.08
C ASP A 189 33.85 28.23 5.89
N GLY A 190 33.93 28.12 7.21
CA GLY A 190 33.17 28.97 8.11
C GLY A 190 32.58 28.21 9.27
N LEU A 191 32.79 26.90 9.29
CA LEU A 191 32.28 26.08 10.39
C LEU A 191 33.07 26.29 11.67
N ASP A 192 34.33 26.72 11.54
CA ASP A 192 35.17 26.96 12.71
C ASP A 192 34.72 28.21 13.47
N TYR A 193 34.13 29.16 12.75
CA TYR A 193 33.61 30.37 13.38
C TYR A 193 32.09 30.43 13.41
N ASN A 194 31.43 29.42 12.84
CA ASN A 194 30.07 29.07 13.26
C ASN A 194 30.09 28.20 14.51
N PHE A 195 31.26 27.68 14.87
CA PHE A 195 31.41 26.89 16.09
C PHE A 195 31.31 27.79 17.33
N LEU A 196 32.13 28.83 17.38
CA LEU A 196 32.36 29.58 18.61
C LEU A 196 31.16 30.43 19.01
N ASP A 197 30.54 31.09 18.04
CA ASP A 197 29.38 31.93 18.33
C ASP A 197 28.11 31.10 18.58
N LEU A 198 28.13 29.82 18.21
CA LEU A 198 27.10 28.87 18.65
C LEU A 198 27.48 28.18 19.95
N ASP A 199 28.78 28.02 20.20
CA ASP A 199 29.25 27.53 21.49
C ASP A 199 28.94 28.56 22.59
N SER A 200 29.08 29.84 22.26
CA SER A 200 28.86 30.91 23.24
C SER A 200 27.40 31.03 23.68
N LYS A 201 26.49 30.45 22.90
CA LYS A 201 25.10 30.36 23.33
C LYS A 201 24.83 29.15 24.22
N LEU A 202 25.86 28.36 24.53
CA LEU A 202 25.72 27.30 25.53
C LEU A 202 26.21 27.75 26.90
N GLN A 203 27.37 28.41 26.95
CA GLN A 203 27.82 28.99 28.22
C GLN A 203 26.95 30.18 28.66
N GLU A 204 26.17 30.74 27.73
CA GLU A 204 25.17 31.73 28.09
C GLU A 204 24.03 31.10 28.90
N ILE A 205 23.59 29.90 28.50
CA ILE A 205 22.50 29.26 29.21
C ILE A 205 22.99 28.39 30.37
N LEU A 206 24.19 27.84 30.26
CA LEU A 206 24.72 27.02 31.34
C LEU A 206 25.26 27.83 32.53
N GLU A 207 25.29 29.16 32.39
CA GLU A 207 25.71 30.03 33.49
C GLU A 207 24.69 31.12 33.75
N ARG B 3 -29.20 -9.83 45.74
CA ARG B 3 -27.91 -9.20 46.13
C ARG B 3 -27.04 -8.95 44.91
N VAL B 4 -26.55 -7.72 44.77
CA VAL B 4 -25.64 -7.35 43.68
C VAL B 4 -24.35 -6.70 44.20
N VAL B 5 -24.48 -5.81 45.19
CA VAL B 5 -23.32 -5.36 45.94
C VAL B 5 -22.86 -6.31 47.09
N PRO B 6 -23.77 -7.02 47.82
CA PRO B 6 -23.21 -7.86 48.89
C PRO B 6 -22.56 -9.16 48.43
N ASP B 7 -22.82 -9.61 47.20
CA ASP B 7 -22.25 -10.89 46.78
C ASP B 7 -20.93 -10.75 46.03
N GLN B 8 -20.61 -9.58 45.51
CA GLN B 8 -19.24 -9.29 45.12
C GLN B 8 -18.42 -8.68 46.26
N ARG B 9 -19.12 -8.18 47.28
CA ARG B 9 -18.54 -8.13 48.63
C ARG B 9 -18.14 -9.53 49.07
N SER B 10 -18.99 -10.51 48.78
CA SER B 10 -18.69 -11.90 49.10
C SER B 10 -17.70 -12.52 48.11
N LYS B 11 -17.42 -11.86 46.99
CA LYS B 11 -16.34 -12.33 46.13
C LYS B 11 -14.98 -12.01 46.71
N PHE B 12 -14.88 -10.94 47.51
CA PHE B 12 -13.67 -10.71 48.26
C PHE B 12 -13.47 -11.78 49.33
N GLU B 13 -14.56 -12.37 49.79
CA GLU B 13 -14.50 -13.52 50.68
C GLU B 13 -14.01 -14.77 49.96
N ASN B 14 -14.23 -14.83 48.64
CA ASN B 14 -14.18 -16.10 47.94
C ASN B 14 -13.26 -16.14 46.72
N GLU B 15 -13.26 -15.08 45.92
CA GLU B 15 -12.53 -15.12 44.65
C GLU B 15 -11.04 -15.00 44.91
N GLU B 16 -10.29 -16.02 44.54
CA GLU B 16 -8.94 -16.19 45.05
C GLU B 16 -7.92 -15.29 44.35
N PHE B 17 -8.32 -14.62 43.28
CA PHE B 17 -7.49 -13.56 42.74
C PHE B 17 -7.61 -12.27 43.57
N PHE B 18 -8.73 -12.10 44.27
CA PHE B 18 -8.78 -11.09 45.34
C PHE B 18 -8.01 -11.54 46.58
N ARG B 19 -7.89 -12.84 46.78
CA ARG B 19 -7.01 -13.35 47.82
C ARG B 19 -5.55 -13.06 47.49
N LYS B 20 -5.15 -13.38 46.26
CA LYS B 20 -3.76 -13.25 45.84
C LYS B 20 -3.32 -11.79 45.80
N LEU B 21 -4.25 -10.89 45.49
CA LEU B 21 -4.00 -9.45 45.61
C LEU B 21 -3.88 -9.03 47.07
N SER B 22 -4.72 -9.60 47.94
CA SER B 22 -4.80 -9.18 49.33
C SER B 22 -4.21 -10.23 50.29
N ARG B 23 -3.05 -10.82 49.93
CA ARG B 23 -2.35 -11.72 50.87
C ARG B 23 -1.51 -10.95 51.89
N GLU B 24 -2.08 -9.84 52.45
CA GLU B 24 -1.46 -8.93 53.44
C GLU B 24 0.01 -8.61 53.20
N CYS B 25 0.38 -8.49 51.93
CA CYS B 25 1.78 -8.62 51.56
C CYS B 25 2.49 -7.27 51.56
N GLU B 26 3.81 -7.33 51.55
CA GLU B 26 4.62 -6.13 51.64
C GLU B 26 4.64 -5.39 50.31
N ILE B 27 4.91 -4.10 50.38
CA ILE B 27 5.12 -3.29 49.20
C ILE B 27 6.44 -2.55 49.33
N LYS B 28 7.02 -2.19 48.19
CA LYS B 28 8.35 -1.59 48.18
C LYS B 28 8.44 -0.66 46.99
N TYR B 29 9.01 0.52 47.20
CA TYR B 29 9.29 1.44 46.12
C TYR B 29 10.57 1.01 45.42
N THR B 30 10.44 0.28 44.32
CA THR B 30 11.58 -0.01 43.48
C THR B 30 11.70 1.10 42.43
N GLY B 31 12.53 2.07 42.75
CA GLY B 31 12.75 3.18 41.84
C GLY B 31 14.16 3.16 41.29
N PHE B 32 14.96 4.12 41.73
CA PHE B 32 16.29 4.33 41.17
C PHE B 32 17.29 3.34 41.78
N ARG B 33 17.13 2.06 41.45
CA ARG B 33 17.81 1.00 42.21
C ARG B 33 19.31 0.91 41.89
N ASP B 34 19.74 1.37 40.71
CA ASP B 34 21.16 1.33 40.39
C ASP B 34 21.93 2.42 41.12
N ARG B 35 21.23 3.48 41.49
CA ARG B 35 21.80 4.54 42.30
C ARG B 35 21.92 4.07 43.75
N PRO B 36 22.83 4.68 44.54
CA PRO B 36 22.98 4.25 45.92
C PRO B 36 21.78 4.56 46.81
N HIS B 37 21.75 3.94 47.98
CA HIS B 37 20.54 3.79 48.77
C HIS B 37 20.08 5.11 49.40
N GLU B 38 20.99 6.03 49.66
CA GLU B 38 20.63 7.23 50.41
C GLU B 38 20.01 8.31 49.53
N GLU B 39 20.42 8.42 48.28
CA GLU B 39 19.99 9.52 47.44
C GLU B 39 18.54 9.35 46.98
N ARG B 40 18.08 8.10 46.87
CA ARG B 40 16.79 7.82 46.23
C ARG B 40 15.60 8.21 47.09
N GLN B 41 15.77 8.28 48.42
CA GLN B 41 14.70 8.76 49.28
C GLN B 41 14.44 10.24 49.10
N ALA B 42 15.47 10.98 48.70
CA ALA B 42 15.27 12.36 48.27
C ALA B 42 14.46 12.40 46.97
N ARG B 43 14.87 11.60 45.98
CA ARG B 43 14.17 11.54 44.70
C ARG B 43 12.75 11.00 44.85
N PHE B 44 12.55 10.10 45.80
CA PHE B 44 11.20 9.65 46.14
C PHE B 44 10.40 10.80 46.73
N GLN B 45 10.98 11.51 47.68
CA GLN B 45 10.30 12.62 48.35
C GLN B 45 10.09 13.81 47.39
N ASN B 46 10.99 14.00 46.43
CA ASN B 46 10.79 15.04 45.44
C ASN B 46 9.66 14.68 44.48
N ALA B 47 9.47 13.39 44.22
CA ALA B 47 8.50 12.95 43.23
C ALA B 47 7.09 12.84 43.78
N CYS B 48 6.93 12.74 45.11
CA CYS B 48 5.64 12.38 45.69
C CYS B 48 4.58 13.46 45.57
N ARG B 49 4.94 14.73 45.74
CA ARG B 49 3.89 15.73 45.84
C ARG B 49 3.82 16.66 44.63
N ASP B 50 4.81 16.60 43.76
CA ASP B 50 4.70 17.32 42.48
C ASP B 50 4.04 16.45 41.43
N GLY B 51 3.63 17.07 40.33
CA GLY B 51 3.07 16.32 39.23
C GLY B 51 4.14 15.82 38.28
N ARG B 52 3.73 15.57 37.04
CA ARG B 52 4.63 15.31 35.91
C ARG B 52 5.50 14.07 36.08
N SER B 53 5.09 13.16 36.97
CA SER B 53 5.88 11.97 37.25
C SER B 53 4.99 10.87 37.78
N GLU B 54 5.52 9.66 37.77
CA GLU B 54 4.82 8.50 38.31
C GLU B 54 5.58 7.94 39.50
N ILE B 55 4.91 7.06 40.25
CA ILE B 55 5.55 6.31 41.31
C ILE B 55 5.09 4.85 41.22
N ALA B 56 5.99 3.95 41.59
CA ALA B 56 5.74 2.51 41.47
C ALA B 56 5.61 1.92 42.87
N PHE B 57 4.86 0.82 42.97
CA PHE B 57 4.80 0.03 44.20
C PHE B 57 4.69 -1.45 43.85
N VAL B 58 5.81 -2.15 43.95
CA VAL B 58 5.84 -3.57 43.67
C VAL B 58 5.13 -4.33 44.81
N ALA B 59 4.72 -5.56 44.51
CA ALA B 59 4.06 -6.40 45.51
C ALA B 59 5.04 -7.29 46.29
N THR B 60 6.34 -7.17 45.97
CA THR B 60 7.46 -7.83 46.66
C THR B 60 7.51 -9.35 46.57
N GLY B 61 6.51 -9.95 45.94
CA GLY B 61 6.52 -11.39 45.72
C GLY B 61 6.17 -11.74 44.28
N THR B 62 5.55 -10.81 43.58
CA THR B 62 5.04 -11.06 42.24
C THR B 62 5.52 -10.02 41.25
N ASN B 63 5.11 -10.17 40.00
CA ASN B 63 5.34 -9.16 38.96
C ASN B 63 4.17 -8.19 38.84
N LEU B 64 3.53 -7.89 39.98
CA LEU B 64 2.45 -6.93 40.03
C LEU B 64 2.99 -5.62 40.58
N SER B 65 2.46 -4.51 40.06
CA SER B 65 2.85 -3.20 40.52
C SER B 65 1.69 -2.23 40.46
N LEU B 66 1.78 -1.17 41.26
CA LEU B 66 0.77 -0.11 41.26
C LEU B 66 1.42 1.17 40.77
N GLN B 67 0.83 1.76 39.74
CA GLN B 67 1.38 2.95 39.10
C GLN B 67 0.44 4.13 39.25
N PHE B 68 0.95 5.23 39.80
CA PHE B 68 0.17 6.43 40.01
C PHE B 68 0.52 7.43 38.93
N PHE B 69 -0.17 7.35 37.81
CA PHE B 69 -0.02 8.36 36.80
C PHE B 69 -0.76 9.63 37.24
N PRO B 70 -0.27 10.79 36.82
CA PRO B 70 -1.06 12.01 37.02
C PRO B 70 -2.37 11.96 36.25
N ALA B 71 -3.40 12.59 36.80
CA ALA B 71 -4.73 12.51 36.23
C ALA B 71 -4.86 13.27 34.91
N SER B 72 -3.88 14.10 34.57
CA SER B 72 -3.83 14.72 33.24
C SER B 72 -3.44 13.72 32.15
N TRP B 73 -2.92 12.55 32.54
CA TRP B 73 -2.56 11.53 31.56
C TRP B 73 -3.70 10.54 31.37
N ARG B 83 -10.17 10.34 48.02
CA ARG B 83 -9.96 9.30 47.02
C ARG B 83 -8.48 9.05 46.79
N GLU B 84 -8.02 9.27 45.57
CA GLU B 84 -6.61 9.08 45.23
C GLU B 84 -5.78 10.22 45.80
N TYR B 85 -4.79 9.89 46.62
CA TYR B 85 -3.87 10.89 47.10
C TYR B 85 -2.49 10.32 47.34
N VAL B 86 -1.48 11.15 47.09
CA VAL B 86 -0.13 10.95 47.60
C VAL B 86 0.21 12.17 48.42
N ASP B 87 0.52 11.96 49.70
CA ASP B 87 0.73 13.09 50.58
C ASP B 87 1.81 12.83 51.63
N LEU B 88 2.41 13.91 52.10
CA LEU B 88 3.39 13.87 53.17
C LEU B 88 2.82 14.38 54.50
N GLU B 89 1.60 14.91 54.49
CA GLU B 89 1.08 15.68 55.63
C GLU B 89 0.49 14.81 56.75
N ARG B 90 0.43 13.49 56.54
CA ARG B 90 -0.12 12.61 57.56
C ARG B 90 0.84 12.48 58.74
N GLU B 91 2.04 11.97 58.49
CA GLU B 91 3.09 11.98 59.49
C GLU B 91 4.36 12.57 58.90
N ALA B 92 5.22 13.09 59.77
CA ALA B 92 6.50 13.64 59.34
C ALA B 92 7.47 12.50 59.07
N GLY B 93 7.99 12.45 57.84
CA GLY B 93 8.93 11.40 57.46
C GLY B 93 8.26 10.08 57.11
N LYS B 94 7.00 10.14 56.69
CA LYS B 94 6.27 8.95 56.28
C LYS B 94 5.09 9.38 55.41
N VAL B 95 4.84 8.63 54.35
CA VAL B 95 3.80 8.95 53.39
C VAL B 95 2.73 7.85 53.40
N TYR B 96 1.48 8.26 53.47
CA TYR B 96 0.36 7.33 53.34
C TYR B 96 -0.17 7.35 51.92
N LEU B 97 -0.62 6.19 51.46
CA LEU B 97 -1.11 6.03 50.10
C LEU B 97 -2.50 5.43 50.14
N LYS B 98 -3.39 5.96 49.31
CA LYS B 98 -4.72 5.38 49.13
C LYS B 98 -5.26 5.78 47.77
N ALA B 99 -5.85 4.81 47.08
CA ALA B 99 -6.45 5.03 45.76
C ALA B 99 -7.47 3.94 45.47
N PRO B 100 -8.65 4.32 44.94
CA PRO B 100 -9.61 3.34 44.50
C PRO B 100 -9.43 2.92 43.04
N MET B 101 -9.96 1.74 42.72
CA MET B 101 -9.91 1.23 41.36
C MET B 101 -11.10 0.31 41.14
N ILE B 102 -11.26 -0.14 39.91
CA ILE B 102 -12.35 -1.03 39.55
C ILE B 102 -11.75 -2.32 39.01
N LEU B 103 -11.52 -3.27 39.91
CA LEU B 103 -10.78 -4.48 39.59
C LEU B 103 -11.74 -5.65 39.52
N ASN B 104 -11.70 -6.39 38.40
CA ASN B 104 -12.71 -7.41 38.05
C ASN B 104 -14.12 -6.87 38.13
N GLY B 105 -14.32 -5.65 37.65
CA GLY B 105 -15.65 -5.06 37.59
C GLY B 105 -16.13 -4.41 38.87
N VAL B 106 -15.48 -4.69 40.00
CA VAL B 106 -15.98 -4.20 41.29
C VAL B 106 -15.06 -3.14 41.87
N CYS B 107 -15.64 -2.24 42.64
CA CYS B 107 -14.92 -1.09 43.18
C CYS B 107 -14.19 -1.50 44.45
N VAL B 108 -12.87 -1.67 44.33
CA VAL B 108 -12.03 -2.00 45.47
C VAL B 108 -10.99 -0.90 45.60
N ILE B 109 -10.75 -0.45 46.83
CA ILE B 109 -9.82 0.63 47.09
C ILE B 109 -8.51 0.05 47.64
N TRP B 110 -7.39 0.58 47.15
CA TRP B 110 -6.07 0.12 47.58
C TRP B 110 -5.45 1.18 48.48
N LYS B 111 -4.94 0.74 49.63
CA LYS B 111 -4.33 1.65 50.57
C LYS B 111 -3.16 0.96 51.26
N GLY B 112 -2.21 1.74 51.74
CA GLY B 112 -1.03 1.19 52.37
C GLY B 112 -0.07 2.27 52.79
N TRP B 113 0.85 1.90 53.66
CA TRP B 113 1.90 2.79 54.13
C TRP B 113 3.26 2.34 53.64
N ILE B 114 4.19 3.28 53.59
CA ILE B 114 5.55 3.00 53.14
C ILE B 114 6.53 3.88 53.91
N ASP B 115 7.58 3.26 54.45
CA ASP B 115 8.56 3.97 55.25
C ASP B 115 9.42 4.83 54.32
N LEU B 116 9.44 6.13 54.58
CA LEU B 116 10.12 7.07 53.70
C LEU B 116 11.66 6.95 53.79
N GLN B 117 12.16 6.31 54.83
CA GLN B 117 13.60 6.16 55.00
C GLN B 117 14.14 4.81 54.54
N ARG B 118 13.39 3.73 54.81
CA ARG B 118 13.80 2.40 54.37
C ARG B 118 13.37 2.11 52.93
N LEU B 119 12.29 2.74 52.49
CA LEU B 119 11.51 2.32 51.32
C LEU B 119 11.16 0.84 51.38
N ASP B 120 10.58 0.44 52.52
CA ASP B 120 10.03 -0.89 52.70
C ASP B 120 8.81 -0.74 53.61
N GLY B 121 7.66 -1.17 53.12
CA GLY B 121 6.41 -0.88 53.78
C GLY B 121 5.42 -2.02 53.71
N MET B 122 4.15 -1.67 53.86
CA MET B 122 3.07 -2.66 53.91
C MET B 122 1.81 -2.04 53.32
N GLY B 123 1.13 -2.80 52.47
CA GLY B 123 -0.07 -2.30 51.84
C GLY B 123 -1.02 -3.44 51.53
N CYS B 124 -2.31 -3.18 51.66
CA CYS B 124 -3.33 -4.16 51.29
C CYS B 124 -4.60 -3.45 50.88
N LEU B 125 -5.25 -4.00 49.86
CA LEU B 125 -6.48 -3.43 49.33
C LEU B 125 -7.67 -4.07 50.03
N GLU B 126 -8.60 -3.22 50.48
CA GLU B 126 -9.86 -3.67 51.07
C GLU B 126 -11.01 -3.23 50.18
N PHE B 127 -12.11 -3.97 50.24
CA PHE B 127 -13.25 -3.69 49.39
C PHE B 127 -13.94 -2.41 49.84
N ASP B 128 -14.40 -1.64 48.86
CA ASP B 128 -14.87 -0.28 49.09
C ASP B 128 -16.40 -0.28 49.04
N GLU B 129 -17.02 0.20 50.11
CA GLU B 129 -18.47 0.08 50.28
C GLU B 129 -19.21 1.41 50.09
N GLU B 130 -18.49 2.53 50.17
CA GLU B 130 -19.13 3.84 50.21
C GLU B 130 -19.66 4.26 48.83
N ARG B 131 -18.77 4.36 47.84
CA ARG B 131 -19.21 4.59 46.46
C ARG B 131 -19.53 3.29 45.72
N ALA B 132 -19.76 2.21 46.47
CA ALA B 132 -20.33 0.99 45.91
C ALA B 132 -21.81 1.13 45.57
N GLN B 133 -22.43 2.23 45.98
CA GLN B 133 -23.71 2.65 45.41
C GLN B 133 -23.52 3.41 44.09
N GLN B 134 -22.32 3.91 43.87
CA GLN B 134 -22.02 4.72 42.69
C GLN B 134 -21.43 3.83 41.57
N GLU B 135 -21.88 2.59 41.49
CA GLU B 135 -21.29 1.65 40.55
C GLU B 135 -21.84 1.88 39.14
N ASP B 136 -23.03 1.34 38.90
CA ASP B 136 -23.85 1.51 37.69
C ASP B 136 -25.11 0.68 37.94
N ALA B 137 -26.00 0.62 36.96
CA ALA B 137 -27.27 -0.08 37.11
C ALA B 137 -27.26 -1.46 36.43
N LEU B 138 -26.94 -1.48 35.13
CA LEU B 138 -26.92 -2.73 34.38
C LEU B 138 -25.57 -2.99 33.70
N ALA B 139 -24.86 -1.94 33.32
CA ALA B 139 -23.54 -2.11 32.72
C ALA B 139 -22.45 -2.37 33.75
N GLN B 140 -22.77 -2.23 35.04
CA GLN B 140 -21.99 -2.88 36.08
C GLN B 140 -22.09 -4.40 35.94
N GLN B 141 -23.31 -4.88 35.71
CA GLN B 141 -23.54 -6.31 35.53
C GLN B 141 -23.05 -6.81 34.16
N ALA B 142 -22.59 -5.90 33.29
CA ALA B 142 -22.07 -6.29 31.98
C ALA B 142 -20.79 -7.13 32.10
N PHE B 143 -20.06 -6.97 33.18
CA PHE B 143 -18.96 -7.88 33.45
C PHE B 143 -19.43 -9.19 34.09
N GLU B 144 -20.69 -9.25 34.50
CA GLU B 144 -21.26 -10.51 34.95
C GLU B 144 -22.25 -11.01 33.89
N GLU B 145 -22.35 -10.29 32.77
CA GLU B 145 -22.59 -10.93 31.47
C GLU B 145 -21.33 -11.62 30.92
N ALA B 146 -20.23 -11.58 31.68
CA ALA B 146 -19.04 -12.35 31.34
C ALA B 146 -18.49 -13.17 32.52
N ARG B 147 -18.56 -12.64 33.74
CA ARG B 147 -18.06 -13.35 34.92
C ARG B 147 -19.03 -14.43 35.39
N ARG B 148 -20.25 -14.03 35.74
CA ARG B 148 -21.30 -15.00 36.04
C ARG B 148 -21.73 -15.77 34.79
N ARG B 149 -21.80 -15.06 33.66
CA ARG B 149 -22.21 -15.66 32.40
C ARG B 149 -20.96 -16.13 31.66
N THR B 150 -20.54 -17.35 31.96
CA THR B 150 -19.48 -18.01 31.21
C THR B 150 -20.08 -18.94 30.17
N ARG B 151 -19.30 -19.21 29.12
CA ARG B 151 -19.82 -19.87 27.94
C ARG B 151 -18.67 -20.43 27.10
N MET C 1 -3.65 21.45 46.48
CA MET C 1 -2.36 20.71 46.58
C MET C 1 -1.83 20.43 45.19
N GLU C 2 -2.34 19.38 44.56
CA GLU C 2 -1.96 18.97 43.21
C GLU C 2 -3.06 18.08 42.67
N ASN C 3 -2.80 17.40 41.57
CA ASN C 3 -3.86 16.70 40.85
C ASN C 3 -4.17 15.38 41.56
N ARG C 4 -5.07 14.58 41.02
CA ARG C 4 -5.27 13.25 41.55
C ARG C 4 -4.32 12.26 40.87
N TRP C 5 -4.47 10.98 41.19
CA TRP C 5 -3.54 9.97 40.72
C TRP C 5 -4.30 8.80 40.12
N GLN C 6 -4.55 8.89 38.81
CA GLN C 6 -5.22 7.84 38.03
C GLN C 6 -4.42 6.54 38.07
N VAL C 7 -5.00 5.49 38.66
CA VAL C 7 -4.30 4.23 38.77
C VAL C 7 -4.69 3.29 37.62
N MET C 8 -3.73 2.49 37.20
CA MET C 8 -3.98 1.30 36.39
C MET C 8 -3.08 0.20 36.93
N ILE C 9 -3.65 -0.96 37.17
CA ILE C 9 -2.89 -2.05 37.77
C ILE C 9 -1.97 -2.67 36.70
N VAL C 10 -0.72 -2.22 36.68
CA VAL C 10 0.20 -2.57 35.61
C VAL C 10 1.03 -3.77 36.03
N TRP C 11 0.89 -4.85 35.27
CA TRP C 11 1.73 -6.03 35.45
C TRP C 11 3.05 -5.79 34.76
N GLN C 12 4.12 -5.66 35.52
CA GLN C 12 5.42 -5.43 34.89
C GLN C 12 5.91 -6.76 34.33
N VAL C 13 6.52 -6.70 33.15
CA VAL C 13 7.03 -7.89 32.49
C VAL C 13 8.40 -7.58 31.92
N ASP C 14 8.93 -8.53 31.15
CA ASP C 14 10.29 -8.45 30.64
C ASP C 14 10.33 -7.54 29.41
N ARG C 15 11.45 -7.60 28.69
CA ARG C 15 11.55 -6.97 27.37
C ARG C 15 11.15 -7.96 26.27
N MET C 16 11.36 -9.25 26.52
CA MET C 16 11.30 -10.26 25.47
C MET C 16 9.90 -10.78 25.19
N ARG C 17 9.10 -11.03 26.22
CA ARG C 17 7.73 -11.51 25.99
C ARG C 17 6.81 -10.42 25.46
N ILE C 18 7.17 -9.16 25.65
CA ILE C 18 6.53 -8.07 24.93
C ILE C 18 6.78 -8.20 23.42
N ASN C 19 8.03 -8.47 23.07
CA ASN C 19 8.36 -8.65 21.67
C ASN C 19 8.18 -10.08 21.18
N THR C 20 7.41 -10.89 21.91
CA THR C 20 6.74 -12.02 21.30
C THR C 20 5.23 -11.87 21.34
N TRP C 21 4.74 -10.92 22.13
CA TRP C 21 3.34 -10.54 22.06
C TRP C 21 3.08 -9.68 20.82
N LYS C 22 4.01 -8.77 20.52
CA LYS C 22 3.89 -7.94 19.33
C LYS C 22 4.12 -8.71 18.04
N ARG C 23 4.55 -9.96 18.13
CA ARG C 23 4.75 -10.79 16.95
C ARG C 23 3.70 -11.88 16.80
N LEU C 24 2.97 -12.19 17.86
CA LEU C 24 1.84 -13.12 17.72
C LEU C 24 0.56 -12.40 17.35
N VAL C 25 0.31 -11.23 17.93
CA VAL C 25 -0.86 -10.46 17.55
C VAL C 25 -0.72 -9.92 16.12
N LYS C 26 0.47 -9.46 15.75
CA LYS C 26 0.70 -9.10 14.36
C LYS C 26 0.70 -10.30 13.43
N HIS C 27 0.88 -11.51 13.97
CA HIS C 27 0.67 -12.71 13.16
C HIS C 27 -0.82 -12.99 12.97
N HIS C 28 -1.57 -12.95 14.07
CA HIS C 28 -2.99 -13.25 14.05
C HIS C 28 -3.86 -12.07 13.64
N MET C 29 -3.26 -11.03 13.07
CA MET C 29 -4.04 -9.96 12.44
C MET C 29 -3.92 -9.98 10.93
N TYR C 30 -2.70 -9.86 10.41
CA TYR C 30 -2.53 -9.59 9.00
C TYR C 30 -2.40 -10.85 8.16
N ILE C 31 -1.36 -11.64 8.39
CA ILE C 31 -1.06 -12.71 7.46
C ILE C 31 -1.88 -13.97 7.76
N SER C 32 -2.11 -14.23 9.03
CA SER C 32 -3.18 -15.13 9.44
C SER C 32 -4.28 -14.32 10.10
N ARG C 33 -5.52 -14.69 9.86
CA ARG C 33 -6.64 -13.88 10.30
C ARG C 33 -7.62 -14.71 11.10
N LYS C 34 -7.08 -15.45 12.09
CA LYS C 34 -7.92 -16.19 13.02
C LYS C 34 -8.77 -15.25 13.88
N ALA C 35 -8.14 -14.21 14.41
CA ALA C 35 -8.86 -13.15 15.12
C ALA C 35 -8.44 -11.81 14.54
N LYS C 36 -9.11 -11.41 13.46
CA LYS C 36 -8.67 -10.28 12.67
C LYS C 36 -9.26 -8.94 13.13
N ASP C 37 -10.20 -8.97 14.06
CA ASP C 37 -10.88 -7.74 14.49
C ASP C 37 -10.20 -7.09 15.71
N TRP C 38 -8.89 -6.93 15.66
CA TRP C 38 -8.15 -6.36 16.79
C TRP C 38 -7.40 -5.12 16.31
N PHE C 39 -7.97 -3.95 16.57
CA PHE C 39 -7.42 -2.71 16.04
C PHE C 39 -6.22 -2.25 16.88
N TYR C 40 -5.03 -2.54 16.36
CA TYR C 40 -3.78 -2.22 17.03
C TYR C 40 -3.41 -0.79 16.65
N ARG C 41 -3.85 0.18 17.45
CA ARG C 41 -3.55 1.57 17.12
C ARG C 41 -2.13 1.90 17.57
N HIS C 42 -1.52 2.86 16.88
CA HIS C 42 -0.08 3.05 16.98
C HIS C 42 0.24 4.09 18.06
N HIS C 43 1.48 4.58 18.04
CA HIS C 43 2.08 5.28 19.17
C HIS C 43 1.41 6.62 19.49
N TYR C 44 1.43 7.55 18.54
CA TYR C 44 1.06 8.93 18.83
C TYR C 44 -0.44 9.22 18.69
N GLU C 45 -1.27 8.18 18.79
CA GLU C 45 -2.70 8.38 19.00
C GLU C 45 -3.09 8.32 20.46
N SER C 46 -2.16 8.63 21.36
CA SER C 46 -2.40 8.57 22.80
C SER C 46 -1.99 9.87 23.47
N THR C 47 -2.51 10.10 24.67
CA THR C 47 -2.16 11.27 25.46
C THR C 47 -1.20 10.98 26.61
N ASN C 48 -1.14 9.72 27.03
CA ASN C 48 -0.22 9.32 28.10
C ASN C 48 1.13 8.97 27.47
N PRO C 49 2.21 9.68 27.86
CA PRO C 49 3.49 9.48 27.18
C PRO C 49 4.16 8.14 27.47
N LYS C 50 3.69 7.43 28.49
CA LYS C 50 4.26 6.12 28.82
C LYS C 50 3.47 4.96 28.19
N ILE C 51 2.82 5.22 27.06
CA ILE C 51 2.07 4.20 26.35
C ILE C 51 2.82 3.84 25.09
N SER C 52 3.08 2.55 24.89
CA SER C 52 3.65 2.09 23.63
C SER C 52 2.57 1.96 22.56
N SER C 53 1.62 1.05 22.79
CA SER C 53 0.59 0.75 21.81
C SER C 53 -0.56 0.01 22.47
N GLU C 54 -1.76 0.55 22.35
CA GLU C 54 -2.95 -0.15 22.81
C GLU C 54 -3.29 -1.27 21.84
N VAL C 55 -3.92 -2.32 22.35
CA VAL C 55 -4.53 -3.32 21.49
C VAL C 55 -6.03 -3.31 21.73
N HIS C 56 -6.74 -2.48 20.98
CA HIS C 56 -8.19 -2.39 21.07
C HIS C 56 -8.80 -3.65 20.46
N ILE C 57 -9.35 -4.52 21.30
CA ILE C 57 -10.09 -5.67 20.79
C ILE C 57 -11.58 -5.46 21.07
N PRO C 58 -12.37 -5.15 20.03
CA PRO C 58 -13.81 -5.05 20.24
C PRO C 58 -14.42 -6.40 20.52
N LEU C 59 -14.88 -6.58 21.75
CA LEU C 59 -15.37 -7.88 22.19
C LEU C 59 -16.88 -7.83 22.30
N GLY C 60 -17.54 -8.01 21.16
CA GLY C 60 -19.00 -7.94 21.12
C GLY C 60 -19.50 -6.52 21.30
N ASP C 61 -20.07 -6.24 22.47
CA ASP C 61 -20.72 -4.97 22.73
C ASP C 61 -19.70 -3.83 22.87
N ALA C 62 -18.64 -4.08 23.64
CA ALA C 62 -17.66 -3.05 23.95
C ALA C 62 -16.25 -3.60 23.87
N LYS C 63 -15.26 -2.70 23.91
CA LYS C 63 -13.88 -3.04 23.61
C LYS C 63 -13.09 -3.36 24.88
N LEU C 64 -12.37 -4.48 24.85
CA LEU C 64 -11.27 -4.72 25.76
C LEU C 64 -10.01 -4.12 25.17
N VAL C 65 -9.18 -3.50 26.00
CA VAL C 65 -7.90 -3.00 25.53
C VAL C 65 -6.78 -3.67 26.30
N ILE C 66 -5.64 -3.78 25.64
CA ILE C 66 -4.42 -4.28 26.28
C ILE C 66 -3.30 -3.33 25.84
N THR C 67 -2.79 -2.55 26.78
CA THR C 67 -1.83 -1.53 26.45
C THR C 67 -0.44 -1.90 26.97
N THR C 68 0.57 -1.29 26.38
CA THR C 68 1.95 -1.66 26.66
C THR C 68 2.68 -0.41 27.16
N TYR C 69 3.37 -0.53 28.27
CA TYR C 69 4.08 0.58 28.88
C TYR C 69 5.57 0.43 28.65
N TRP C 70 6.29 1.55 28.68
CA TRP C 70 7.74 1.49 28.55
C TRP C 70 8.38 2.59 29.36
N GLY C 71 9.44 2.24 30.07
CA GLY C 71 10.21 3.18 30.87
C GLY C 71 9.44 3.71 32.07
N LEU C 72 8.82 2.82 32.82
CA LEU C 72 8.10 3.24 34.01
C LEU C 72 9.09 3.44 35.16
N HIS C 73 9.53 2.32 35.71
CA HIS C 73 10.50 2.27 36.82
C HIS C 73 11.05 0.86 36.86
N THR C 74 12.27 0.74 37.36
CA THR C 74 12.96 -0.53 37.36
C THR C 74 12.38 -1.44 38.45
N GLY C 75 12.33 -2.74 38.18
CA GLY C 75 11.66 -3.68 39.05
C GLY C 75 12.55 -4.26 40.13
N GLU C 76 12.04 -5.30 40.79
CA GLU C 76 12.71 -5.87 41.95
C GLU C 76 13.63 -7.04 41.56
N ARG C 77 13.30 -7.78 40.51
CA ARG C 77 13.96 -9.05 40.22
C ARG C 77 14.75 -8.98 38.93
N ASP C 78 15.56 -7.94 38.84
CA ASP C 78 16.75 -7.84 37.96
C ASP C 78 16.53 -8.06 36.47
N TRP C 79 15.27 -7.98 36.05
CA TRP C 79 14.98 -7.86 34.63
C TRP C 79 13.81 -6.92 34.34
N HIS C 80 13.00 -6.61 35.34
CA HIS C 80 11.79 -5.81 35.13
C HIS C 80 12.16 -4.36 34.89
N LEU C 81 12.60 -4.08 33.67
CA LEU C 81 13.26 -2.83 33.36
C LEU C 81 12.29 -1.78 32.80
N GLY C 82 11.20 -1.59 33.52
CA GLY C 82 10.25 -0.51 33.19
C GLY C 82 9.25 -0.70 32.08
N GLN C 83 8.97 -1.95 31.73
CA GLN C 83 8.02 -2.24 30.67
C GLN C 83 6.92 -3.20 31.09
N GLY C 84 5.68 -2.72 31.08
CA GLY C 84 4.58 -3.46 31.67
C GLY C 84 3.31 -3.37 30.84
N VAL C 85 2.25 -3.95 31.39
CA VAL C 85 1.00 -4.16 30.67
C VAL C 85 -0.16 -4.04 31.66
N SER C 86 -1.24 -3.40 31.23
CA SER C 86 -2.43 -3.27 32.06
C SER C 86 -3.66 -3.51 31.20
N ILE C 87 -4.26 -4.68 31.35
CA ILE C 87 -5.45 -5.03 30.60
C ILE C 87 -6.67 -4.35 31.21
N GLU C 88 -7.57 -3.89 30.35
CA GLU C 88 -8.62 -2.96 30.77
C GLU C 88 -9.80 -3.10 29.82
N TRP C 89 -10.97 -3.44 30.37
CA TRP C 89 -12.20 -3.54 29.60
C TRP C 89 -13.07 -2.34 29.93
N ARG C 90 -13.39 -1.55 28.91
CA ARG C 90 -14.22 -0.37 29.07
C ARG C 90 -15.59 -0.61 28.42
N LYS C 91 -16.63 -0.06 29.02
CA LYS C 91 -17.99 -0.20 28.51
C LYS C 91 -18.62 1.17 28.41
N LYS C 92 -18.49 1.79 27.24
CA LYS C 92 -19.11 3.09 26.91
C LYS C 92 -18.87 4.16 27.98
N ARG C 93 -17.58 4.46 28.18
CA ARG C 93 -17.08 5.27 29.30
C ARG C 93 -17.43 4.70 30.67
N TYR C 94 -17.21 3.40 30.86
CA TYR C 94 -17.13 2.79 32.19
C TYR C 94 -16.03 1.75 32.18
N SER C 95 -14.95 2.04 32.89
CA SER C 95 -13.68 1.32 32.77
C SER C 95 -13.50 0.33 33.91
N THR C 96 -13.13 -0.90 33.59
CA THR C 96 -12.62 -1.82 34.60
C THR C 96 -11.34 -2.51 34.14
N GLN C 97 -10.61 -3.05 35.10
CA GLN C 97 -9.30 -3.66 34.85
C GLN C 97 -9.31 -5.05 35.44
N VAL C 98 -8.88 -6.03 34.67
CA VAL C 98 -9.31 -7.38 34.87
C VAL C 98 -8.16 -8.34 35.18
N ASP C 99 -8.51 -9.51 35.70
CA ASP C 99 -7.57 -10.58 35.96
C ASP C 99 -7.00 -11.09 34.63
N PRO C 100 -5.67 -11.23 34.53
CA PRO C 100 -5.09 -11.96 33.40
C PRO C 100 -5.52 -13.43 33.31
N ASP C 101 -5.77 -14.07 34.44
CA ASP C 101 -6.20 -15.47 34.42
C ASP C 101 -7.64 -15.62 33.93
N LEU C 102 -8.40 -14.51 33.96
CA LEU C 102 -9.77 -14.51 33.43
C LEU C 102 -9.84 -13.85 32.05
N ALA C 103 -8.87 -13.02 31.70
CA ALA C 103 -8.90 -12.30 30.43
C ALA C 103 -8.73 -13.25 29.24
N ASP C 104 -7.80 -14.19 29.35
CA ASP C 104 -7.67 -15.21 28.32
C ASP C 104 -8.91 -16.12 28.25
N GLN C 105 -9.60 -16.27 29.37
CA GLN C 105 -10.90 -16.93 29.36
C GLN C 105 -11.99 -16.03 28.80
N LEU C 106 -11.71 -14.73 28.69
CA LEU C 106 -12.65 -13.76 28.16
C LEU C 106 -12.47 -13.50 26.67
N ILE C 107 -11.26 -13.67 26.14
CA ILE C 107 -11.10 -13.81 24.70
C ILE C 107 -11.72 -15.15 24.25
N HIS C 108 -11.62 -16.16 25.11
CA HIS C 108 -12.15 -17.51 24.85
C HIS C 108 -13.65 -17.53 24.56
N LEU C 109 -14.40 -16.56 25.07
CA LEU C 109 -15.82 -16.44 24.77
C LEU C 109 -16.09 -16.01 23.33
N HIS C 110 -15.08 -15.53 22.63
CA HIS C 110 -15.24 -15.13 21.24
C HIS C 110 -14.17 -15.75 20.36
N TYR C 111 -12.99 -15.98 20.94
CA TYR C 111 -11.85 -16.50 20.17
C TYR C 111 -11.06 -17.47 21.04
N PHE C 112 -11.03 -18.75 20.67
CA PHE C 112 -11.69 -19.24 19.47
C PHE C 112 -12.45 -20.51 19.85
N ASP C 113 -13.45 -20.87 19.06
CA ASP C 113 -14.29 -22.03 19.33
C ASP C 113 -13.69 -23.35 18.81
N GLU C 114 -12.40 -23.33 18.49
CA GLU C 114 -11.62 -24.49 18.04
C GLU C 114 -12.24 -25.24 16.86
N GLN C 120 2.21 -27.49 19.92
CA GLN C 120 2.54 -27.93 18.58
C GLN C 120 1.66 -27.21 17.56
N ILE C 121 0.87 -26.25 18.02
CA ILE C 121 -0.06 -25.54 17.15
C ILE C 121 0.74 -24.52 16.34
N LYS C 122 0.38 -24.34 15.08
CA LYS C 122 1.06 -23.39 14.22
C LYS C 122 0.11 -22.22 13.92
N PRO C 123 0.20 -21.09 14.64
CA PRO C 123 0.93 -20.87 15.89
C PRO C 123 -0.03 -20.98 17.08
N PRO C 124 0.47 -20.92 18.33
CA PRO C 124 -0.44 -20.79 19.46
C PRO C 124 -1.22 -19.48 19.44
N LEU C 125 -2.41 -19.49 20.04
CA LEU C 125 -3.26 -18.31 20.07
C LEU C 125 -2.69 -17.30 21.08
N PRO C 126 -2.91 -15.99 20.84
CA PRO C 126 -2.37 -14.99 21.77
C PRO C 126 -3.10 -15.00 23.10
N SER C 127 -2.45 -15.53 24.12
CA SER C 127 -3.03 -15.60 25.46
C SER C 127 -2.23 -14.73 26.40
N VAL C 128 -2.91 -13.83 27.11
CA VAL C 128 -2.25 -12.89 27.97
C VAL C 128 -1.70 -13.53 29.25
N ARG C 129 -2.18 -14.72 29.58
CA ARG C 129 -1.62 -15.43 30.73
C ARG C 129 -0.21 -15.92 30.42
N LYS C 130 0.03 -16.29 29.16
CA LYS C 130 1.38 -16.63 28.72
C LYS C 130 2.30 -15.43 28.79
N LEU C 131 1.75 -14.23 28.58
CA LEU C 131 2.52 -13.00 28.67
C LEU C 131 2.96 -12.75 30.12
N THR C 132 2.00 -12.64 31.03
CA THR C 132 2.23 -11.99 32.31
C THR C 132 2.85 -12.89 33.37
N GLU C 133 3.34 -14.07 33.00
CA GLU C 133 3.98 -14.92 33.99
C GLU C 133 5.47 -14.59 34.12
N ASP C 134 5.86 -14.23 35.34
CA ASP C 134 7.23 -13.80 35.62
C ASP C 134 8.20 -14.99 35.58
N ARG C 135 9.27 -14.83 34.82
CA ARG C 135 10.27 -15.87 34.68
C ARG C 135 11.37 -15.80 35.73
N TRP C 136 11.15 -15.03 36.79
CA TRP C 136 12.20 -14.83 37.77
C TRP C 136 11.79 -15.17 39.19
N ASN C 137 10.54 -14.89 39.55
CA ASN C 137 10.08 -15.24 40.88
C ASN C 137 9.90 -16.75 41.03
N LYS C 138 9.35 -17.39 40.01
CA LYS C 138 9.22 -18.84 40.02
C LYS C 138 10.45 -19.49 39.40
N ASN D 24 -12.98 1.44 -13.50
CA ASN D 24 -12.18 1.89 -14.66
C ASN D 24 -12.67 3.16 -15.40
N PRO D 25 -13.99 3.35 -15.62
CA PRO D 25 -14.38 4.66 -16.16
C PRO D 25 -14.37 5.78 -15.12
N MET D 26 -13.37 6.63 -15.20
CA MET D 26 -13.34 7.83 -14.37
C MET D 26 -14.45 8.78 -14.82
N GLU D 27 -15.14 9.37 -13.84
CA GLU D 27 -16.37 10.09 -14.15
C GLU D 27 -16.11 11.46 -14.78
N ALA D 28 -15.18 12.22 -14.22
CA ALA D 28 -14.93 13.57 -14.71
C ALA D 28 -13.47 13.93 -14.47
N MET D 29 -13.15 15.22 -14.59
CA MET D 29 -11.77 15.67 -14.53
C MET D 29 -11.71 17.14 -14.14
N ASP D 30 -10.68 17.50 -13.40
CA ASP D 30 -10.48 18.89 -12.97
C ASP D 30 -9.90 19.71 -14.13
N PRO D 31 -10.26 21.00 -14.21
CA PRO D 31 -9.96 21.74 -15.44
C PRO D 31 -8.50 22.09 -15.65
N HIS D 32 -7.65 21.90 -14.65
CA HIS D 32 -6.23 22.17 -14.87
C HIS D 32 -5.52 21.05 -15.62
N ILE D 33 -6.16 19.91 -15.80
CA ILE D 33 -5.65 18.91 -16.74
C ILE D 33 -6.45 18.90 -18.04
N PHE D 34 -7.64 19.51 -18.03
CA PHE D 34 -8.38 19.74 -19.27
C PHE D 34 -7.61 20.70 -20.18
N TYR D 35 -7.04 21.75 -19.59
CA TYR D 35 -6.23 22.68 -20.36
C TYR D 35 -4.83 22.13 -20.64
N PHE D 36 -4.38 21.21 -19.80
CA PHE D 36 -3.06 20.61 -19.97
C PHE D 36 -3.05 19.58 -21.10
N HIS D 37 -4.22 19.08 -21.47
CA HIS D 37 -4.31 18.02 -22.49
C HIS D 37 -5.18 18.37 -23.69
N PHE D 38 -6.29 19.07 -23.48
CA PHE D 38 -7.23 19.29 -24.57
C PHE D 38 -7.13 20.68 -25.17
N LYS D 39 -5.93 21.26 -25.17
CA LYS D 39 -5.69 22.48 -25.93
C LYS D 39 -4.89 22.19 -27.19
N ASN D 40 -5.40 22.70 -28.30
CA ASN D 40 -4.89 22.36 -29.64
C ASN D 40 -3.79 23.34 -30.06
N LEU D 41 -2.62 23.20 -29.45
CA LEU D 41 -1.51 24.11 -29.70
C LEU D 41 -0.27 23.31 -30.09
N ARG D 42 0.87 23.98 -30.14
CA ARG D 42 2.15 23.36 -30.45
C ARG D 42 3.05 23.23 -29.22
N LYS D 43 2.48 23.42 -28.03
CA LYS D 43 3.19 23.19 -26.78
C LYS D 43 3.04 21.73 -26.32
N ALA D 44 2.19 20.97 -27.01
CA ALA D 44 1.64 19.74 -26.46
C ALA D 44 2.40 18.48 -26.91
N TYR D 45 3.72 18.58 -27.08
CA TYR D 45 4.50 17.42 -27.55
C TYR D 45 5.27 16.70 -26.45
N GLY D 46 5.12 17.12 -25.20
CA GLY D 46 6.11 16.76 -24.18
C GLY D 46 5.68 15.68 -23.19
N ARG D 47 4.79 14.77 -23.62
CA ARG D 47 4.44 13.61 -22.80
C ARG D 47 3.96 12.46 -23.67
N ASN D 48 3.72 11.32 -23.03
CA ASN D 48 3.27 10.13 -23.73
C ASN D 48 1.86 9.68 -23.32
N GLU D 49 1.12 10.53 -22.61
CA GLU D 49 -0.17 10.14 -22.07
C GLU D 49 -1.31 10.62 -22.96
N SER D 50 -2.43 9.91 -22.91
CA SER D 50 -3.58 10.25 -23.73
C SER D 50 -4.86 10.17 -22.90
N TRP D 51 -5.88 10.88 -23.36
CA TRP D 51 -7.14 10.95 -22.65
C TRP D 51 -8.28 10.74 -23.63
N LEU D 52 -9.44 10.34 -23.13
CA LEU D 52 -10.64 10.30 -23.95
C LEU D 52 -11.86 10.53 -23.10
N CYS D 53 -12.92 11.01 -23.73
CA CYS D 53 -14.22 11.13 -23.08
C CYS D 53 -15.23 10.42 -23.96
N PHE D 54 -15.91 9.42 -23.43
CA PHE D 54 -16.92 8.76 -24.22
C PHE D 54 -18.31 9.27 -23.85
N THR D 55 -19.27 8.99 -24.72
CA THR D 55 -20.67 9.26 -24.46
C THR D 55 -21.45 8.15 -25.14
N MET D 56 -21.72 7.10 -24.39
CA MET D 56 -22.14 5.84 -24.96
C MET D 56 -23.63 5.66 -24.69
N GLU D 57 -24.42 5.58 -25.75
CA GLU D 57 -25.88 5.53 -25.65
C GLU D 57 -26.35 4.14 -26.06
N VAL D 58 -26.81 3.37 -25.09
CA VAL D 58 -27.35 2.05 -25.38
C VAL D 58 -28.74 2.21 -26.00
N VAL D 59 -29.07 1.29 -26.90
CA VAL D 59 -30.44 1.13 -27.38
C VAL D 59 -30.77 -0.35 -27.23
N LYS D 60 -31.34 -0.71 -26.08
CA LYS D 60 -31.87 -2.05 -25.91
C LYS D 60 -33.25 -2.12 -26.53
N HIS D 61 -33.48 -3.12 -27.36
CA HIS D 61 -34.74 -3.22 -28.09
C HIS D 61 -35.87 -3.59 -27.13
N HIS D 62 -37.02 -2.94 -27.34
CA HIS D 62 -38.21 -3.06 -26.48
C HIS D 62 -37.89 -2.69 -25.04
N SER D 63 -37.09 -1.64 -24.88
CA SER D 63 -36.63 -1.19 -23.56
C SER D 63 -36.19 0.27 -23.70
N PRO D 64 -36.26 1.05 -22.60
CA PRO D 64 -35.92 2.47 -22.73
C PRO D 64 -34.43 2.72 -22.91
N VAL D 65 -34.11 3.87 -23.48
CA VAL D 65 -32.73 4.25 -23.76
C VAL D 65 -32.06 4.74 -22.48
N SER D 66 -30.99 4.06 -22.09
CA SER D 66 -30.18 4.51 -20.97
C SER D 66 -28.98 5.29 -21.48
N TRP D 67 -28.05 5.61 -20.58
CA TRP D 67 -26.88 6.40 -20.96
C TRP D 67 -25.67 5.95 -20.17
N LYS D 68 -24.50 6.13 -20.76
CA LYS D 68 -23.24 6.02 -20.05
C LYS D 68 -22.35 7.19 -20.43
N ARG D 69 -21.40 7.51 -19.57
CA ARG D 69 -20.60 8.71 -19.71
C ARG D 69 -19.41 8.60 -18.78
N GLY D 70 -18.24 9.02 -19.26
CA GLY D 70 -17.06 9.00 -18.42
C GLY D 70 -15.79 9.27 -19.19
N VAL D 71 -14.68 9.26 -18.47
CA VAL D 71 -13.37 9.65 -19.01
C VAL D 71 -12.42 8.49 -18.72
N PHE D 72 -11.55 8.19 -19.68
CA PHE D 72 -10.49 7.20 -19.47
C PHE D 72 -9.11 7.82 -19.60
N ARG D 73 -8.15 7.19 -18.94
CA ARG D 73 -6.75 7.54 -19.07
C ARG D 73 -5.94 6.25 -19.06
N ASN D 74 -4.62 6.36 -19.04
CA ASN D 74 -3.78 5.16 -19.05
C ASN D 74 -3.70 4.51 -17.67
N ARG D 82 -0.64 -0.22 -21.06
CA ARG D 82 -1.97 -0.21 -21.67
C ARG D 82 -2.36 1.19 -22.10
N HIS D 83 -2.72 1.32 -23.37
CA HIS D 83 -3.09 2.62 -23.89
C HIS D 83 -4.56 2.89 -23.59
N ALA D 84 -4.99 4.14 -23.75
CA ALA D 84 -6.29 4.56 -23.21
C ALA D 84 -7.46 4.03 -24.06
N GLU D 85 -7.36 4.14 -25.38
CA GLU D 85 -8.47 3.76 -26.24
C GLU D 85 -8.61 2.25 -26.43
N ARG D 86 -7.66 1.48 -25.90
CA ARG D 86 -7.89 0.05 -25.72
C ARG D 86 -8.47 -0.23 -24.33
N CYS D 87 -8.15 0.62 -23.37
CA CYS D 87 -8.72 0.49 -22.03
C CYS D 87 -10.22 0.79 -22.02
N PHE D 88 -10.70 1.51 -23.03
CA PHE D 88 -12.13 1.58 -23.28
C PHE D 88 -12.69 0.20 -23.62
N LEU D 89 -12.02 -0.50 -24.54
CA LEU D 89 -12.56 -1.74 -25.07
C LEU D 89 -12.51 -2.90 -24.08
N SER D 90 -11.52 -2.89 -23.19
CA SER D 90 -11.50 -3.90 -22.14
C SER D 90 -12.57 -3.65 -21.10
N TRP D 91 -12.97 -2.40 -20.92
CA TRP D 91 -14.16 -2.12 -20.14
C TRP D 91 -15.42 -2.38 -20.93
N PHE D 92 -15.35 -2.15 -22.23
CA PHE D 92 -16.54 -2.24 -23.09
C PHE D 92 -16.98 -3.68 -23.24
N CYS D 93 -16.04 -4.55 -23.60
CA CYS D 93 -16.38 -5.93 -23.93
C CYS D 93 -16.49 -6.82 -22.68
N ASP D 94 -16.28 -6.25 -21.49
CA ASP D 94 -16.31 -7.05 -20.28
C ASP D 94 -17.36 -6.66 -19.25
N ASP D 95 -17.92 -5.47 -19.34
CA ASP D 95 -18.90 -5.06 -18.34
C ASP D 95 -20.27 -4.73 -18.93
N ILE D 96 -20.31 -3.93 -19.99
CA ILE D 96 -21.56 -3.30 -20.38
C ILE D 96 -22.28 -4.08 -21.48
N LEU D 97 -21.53 -4.88 -22.23
CA LEU D 97 -21.97 -5.35 -23.52
C LEU D 97 -23.02 -6.46 -23.36
N SER D 98 -23.95 -6.51 -24.31
CA SER D 98 -25.12 -7.38 -24.23
C SER D 98 -25.69 -7.49 -25.64
N PRO D 99 -26.25 -8.66 -25.99
CA PRO D 99 -26.76 -8.83 -27.34
C PRO D 99 -28.08 -8.11 -27.57
N ASN D 100 -28.49 -8.07 -28.84
CA ASN D 100 -29.73 -7.44 -29.29
C ASN D 100 -29.80 -5.95 -28.91
N THR D 101 -28.66 -5.28 -29.02
CA THR D 101 -28.57 -3.87 -28.66
C THR D 101 -28.00 -3.06 -29.82
N ASN D 102 -28.07 -1.75 -29.69
CA ASN D 102 -27.39 -0.84 -30.59
C ASN D 102 -26.77 0.28 -29.78
N TYR D 103 -25.52 0.59 -30.08
CA TYR D 103 -24.72 1.49 -29.26
C TYR D 103 -24.28 2.67 -30.12
N GLU D 104 -24.35 3.87 -29.57
CA GLU D 104 -23.80 5.05 -30.21
C GLU D 104 -22.65 5.58 -29.35
N VAL D 105 -21.48 5.03 -29.60
CA VAL D 105 -20.28 5.45 -28.89
C VAL D 105 -19.77 6.74 -29.52
N THR D 106 -19.35 7.68 -28.67
CA THR D 106 -18.85 8.95 -29.17
C THR D 106 -17.63 9.35 -28.35
N TRP D 107 -16.45 9.06 -28.87
CA TRP D 107 -15.22 9.42 -28.17
C TRP D 107 -14.95 10.92 -28.30
N TYR D 108 -14.04 11.39 -27.46
CA TYR D 108 -13.50 12.75 -27.54
C TYR D 108 -12.05 12.68 -27.08
N THR D 109 -11.16 12.51 -28.04
CA THR D 109 -9.78 12.15 -27.71
C THR D 109 -8.86 13.36 -27.90
N SER D 110 -7.85 13.46 -27.05
CA SER D 110 -6.80 14.45 -27.22
C SER D 110 -6.07 14.21 -28.54
N TRP D 111 -5.34 13.11 -28.61
CA TRP D 111 -4.61 12.76 -29.81
C TRP D 111 -5.56 12.11 -30.82
N SER D 112 -4.98 11.55 -31.88
CA SER D 112 -5.68 10.52 -32.63
C SER D 112 -5.41 9.18 -31.92
N PRO D 113 -6.16 8.12 -32.28
CA PRO D 113 -5.69 6.79 -31.85
C PRO D 113 -4.35 6.44 -32.47
N CYS D 114 -3.53 5.67 -31.76
CA CYS D 114 -2.14 5.45 -32.17
C CYS D 114 -2.14 4.41 -33.27
N PRO D 115 -1.14 4.44 -34.13
CA PRO D 115 -1.13 3.56 -35.28
C PRO D 115 -1.23 2.07 -34.93
N GLU D 116 -0.77 1.67 -33.75
CA GLU D 116 -1.04 0.33 -33.27
C GLU D 116 -2.43 0.24 -32.63
N CYS D 117 -2.90 1.34 -32.07
CA CYS D 117 -4.21 1.38 -31.43
C CYS D 117 -5.32 1.28 -32.47
N ALA D 118 -5.10 1.89 -33.64
CA ALA D 118 -6.01 1.73 -34.77
C ALA D 118 -5.99 0.29 -35.29
N GLY D 119 -4.85 -0.37 -35.15
CA GLY D 119 -4.72 -1.78 -35.50
C GLY D 119 -5.30 -2.74 -34.48
N GLU D 120 -6.02 -2.22 -33.49
CA GLU D 120 -6.68 -3.07 -32.51
C GLU D 120 -8.04 -2.53 -32.07
N VAL D 121 -8.50 -1.43 -32.65
CA VAL D 121 -9.85 -0.94 -32.39
C VAL D 121 -10.69 -1.09 -33.64
N ALA D 122 -10.05 -1.03 -34.81
CA ALA D 122 -10.79 -1.11 -36.07
C ALA D 122 -11.29 -2.52 -36.32
N GLU D 123 -10.59 -3.51 -35.77
CA GLU D 123 -11.03 -4.89 -35.83
C GLU D 123 -12.20 -5.18 -34.89
N PHE D 124 -12.41 -4.32 -33.90
CA PHE D 124 -13.52 -4.51 -32.98
C PHE D 124 -14.85 -4.20 -33.65
N LEU D 125 -15.01 -2.99 -34.15
CA LEU D 125 -16.25 -2.61 -34.80
C LEU D 125 -16.39 -3.21 -36.19
N ALA D 126 -15.35 -3.86 -36.69
CA ALA D 126 -15.51 -4.79 -37.81
C ALA D 126 -16.38 -5.97 -37.36
N ARG D 127 -16.11 -6.50 -36.18
CA ARG D 127 -16.85 -7.65 -35.69
C ARG D 127 -18.22 -7.27 -35.15
N HIS D 128 -18.30 -6.13 -34.47
CA HIS D 128 -19.57 -5.66 -33.92
C HIS D 128 -20.08 -4.52 -34.79
N SER D 129 -21.20 -4.75 -35.46
CA SER D 129 -21.74 -3.76 -36.37
C SER D 129 -22.82 -2.90 -35.73
N ASN D 130 -23.08 -3.09 -34.45
CA ASN D 130 -24.11 -2.31 -33.76
C ASN D 130 -23.55 -1.07 -33.06
N VAL D 131 -22.26 -0.80 -33.24
CA VAL D 131 -21.62 0.33 -32.60
C VAL D 131 -21.33 1.42 -33.65
N ASN D 132 -21.90 2.60 -33.44
CA ASN D 132 -21.64 3.73 -34.33
C ASN D 132 -20.61 4.64 -33.69
N LEU D 133 -19.39 4.13 -33.60
CA LEU D 133 -18.32 4.84 -32.92
C LEU D 133 -17.89 6.06 -33.72
N THR D 134 -17.48 7.11 -33.01
CA THR D 134 -17.25 8.39 -33.65
C THR D 134 -16.14 9.13 -32.89
N ILE D 135 -14.93 9.08 -33.42
CA ILE D 135 -13.83 9.81 -32.80
C ILE D 135 -13.84 11.24 -33.35
N LYS D 136 -14.53 12.14 -32.66
CA LYS D 136 -14.37 13.55 -32.97
C LYS D 136 -13.30 14.15 -32.08
N THR D 137 -12.06 13.86 -32.45
CA THR D 137 -10.92 14.16 -31.60
C THR D 137 -10.56 15.64 -31.64
N ALA D 138 -9.52 16.01 -30.90
CA ALA D 138 -9.13 17.41 -30.75
C ALA D 138 -7.81 17.72 -31.48
N ARG D 139 -6.75 16.99 -31.15
CA ARG D 139 -5.46 17.19 -31.80
C ARG D 139 -5.11 15.99 -32.68
N LEU D 140 -4.34 16.25 -33.73
CA LEU D 140 -3.81 15.17 -34.56
C LEU D 140 -2.53 14.62 -33.92
N TYR D 141 -1.85 13.75 -34.66
CA TYR D 141 -0.76 12.97 -34.10
C TYR D 141 0.57 13.52 -34.60
N TYR D 142 1.54 13.66 -33.70
CA TYR D 142 2.79 14.34 -34.00
C TYR D 142 3.66 13.53 -34.97
N PHE D 143 3.70 12.21 -34.78
CA PHE D 143 4.53 11.38 -35.65
C PHE D 143 3.87 11.26 -37.01
N LYS D 144 4.22 12.18 -37.90
CA LYS D 144 3.64 12.25 -39.24
C LYS D 144 4.40 11.30 -40.15
N ASP D 145 3.84 10.11 -40.34
CA ASP D 145 4.45 9.10 -41.18
C ASP D 145 3.39 8.27 -41.88
N THR D 146 3.82 7.28 -42.66
CA THR D 146 2.92 6.46 -43.44
C THR D 146 2.11 5.50 -42.56
N ASP D 147 2.67 5.14 -41.40
CA ASP D 147 2.05 4.15 -40.52
C ASP D 147 0.72 4.61 -39.91
N ALA D 148 0.54 5.93 -39.80
CA ALA D 148 -0.71 6.49 -39.30
C ALA D 148 -1.63 6.99 -40.40
N ALA D 149 -1.12 7.10 -41.63
CA ALA D 149 -1.90 7.65 -42.73
C ALA D 149 -3.05 6.71 -43.11
N GLU D 150 -2.72 5.49 -43.49
CA GLU D 150 -3.75 4.51 -43.80
C GLU D 150 -4.29 3.86 -42.53
N GLY D 151 -3.61 4.03 -41.41
CA GLY D 151 -4.08 3.51 -40.12
C GLY D 151 -5.32 4.24 -39.65
N LEU D 152 -5.39 5.54 -39.90
CA LEU D 152 -6.62 6.27 -39.69
C LEU D 152 -7.62 6.08 -40.83
N ARG D 153 -7.14 5.74 -42.03
CA ARG D 153 -8.05 5.39 -43.11
C ARG D 153 -8.70 4.01 -42.99
N SER D 154 -7.95 3.03 -42.49
CA SER D 154 -8.44 1.65 -42.41
C SER D 154 -9.38 1.53 -41.22
N LEU D 155 -9.20 2.43 -40.25
CA LEU D 155 -10.16 2.59 -39.16
C LEU D 155 -11.52 3.11 -39.66
N SER D 156 -11.52 3.84 -40.78
CA SER D 156 -12.66 4.66 -41.14
C SER D 156 -13.71 4.01 -42.04
N GLN D 157 -13.41 2.89 -42.70
CA GLN D 157 -14.43 2.32 -43.60
C GLN D 157 -15.43 1.42 -42.89
N GLU D 158 -15.49 1.45 -41.58
CA GLU D 158 -16.37 0.55 -40.83
C GLU D 158 -17.51 1.28 -40.13
N GLY D 159 -17.42 2.60 -40.03
CA GLY D 159 -18.45 3.40 -39.37
C GLY D 159 -17.85 4.45 -38.46
N ALA D 160 -16.53 4.41 -38.32
CA ALA D 160 -15.84 5.32 -37.41
C ALA D 160 -15.71 6.70 -38.07
N SER D 161 -16.73 7.52 -37.85
CA SER D 161 -16.77 8.85 -38.45
C SER D 161 -15.79 9.79 -37.76
N VAL D 162 -14.54 9.79 -38.22
CA VAL D 162 -13.52 10.64 -37.63
C VAL D 162 -13.77 12.10 -38.02
N GLU D 163 -13.80 12.97 -37.02
CA GLU D 163 -13.98 14.39 -37.23
C GLU D 163 -12.98 15.16 -36.36
N ILE D 164 -13.12 16.46 -36.30
CA ILE D 164 -12.44 17.28 -35.29
C ILE D 164 -13.48 17.99 -34.47
N MET D 165 -13.38 17.88 -33.15
CA MET D 165 -14.30 18.56 -32.26
C MET D 165 -14.06 20.06 -32.27
N GLY D 166 -15.12 20.83 -32.12
CA GLY D 166 -15.04 22.27 -32.24
C GLY D 166 -15.72 22.96 -31.07
N TYR D 167 -16.08 24.23 -31.26
CA TYR D 167 -16.63 25.05 -30.19
C TYR D 167 -17.99 24.55 -29.71
N LYS D 168 -18.72 23.84 -30.58
CA LYS D 168 -19.94 23.15 -30.14
C LYS D 168 -19.60 21.97 -29.23
N ASP D 169 -18.42 21.39 -29.42
CA ASP D 169 -18.05 20.15 -28.72
C ASP D 169 -17.07 20.36 -27.58
N PHE D 170 -16.23 21.39 -27.64
CA PHE D 170 -15.37 21.69 -26.50
C PHE D 170 -16.20 22.14 -25.29
N LYS D 171 -17.23 22.94 -25.53
CA LYS D 171 -18.11 23.30 -24.43
C LYS D 171 -19.03 22.15 -24.04
N TYR D 172 -19.27 21.21 -24.95
CA TYR D 172 -19.99 19.99 -24.60
C TYR D 172 -19.13 19.07 -23.74
N CYS D 173 -17.82 19.08 -23.98
CA CYS D 173 -16.90 18.38 -23.09
C CYS D 173 -16.75 19.13 -21.77
N TRP D 174 -16.95 20.44 -21.80
CA TRP D 174 -16.80 21.26 -20.61
C TRP D 174 -17.96 21.05 -19.63
N GLU D 175 -19.18 21.02 -20.15
CA GLU D 175 -20.34 20.92 -19.29
C GLU D 175 -20.79 19.47 -19.06
N ASN D 176 -19.99 18.50 -19.48
CA ASN D 176 -20.31 17.10 -19.22
C ASN D 176 -19.16 16.27 -18.67
N PHE D 177 -17.96 16.81 -18.63
CA PHE D 177 -16.81 16.04 -18.17
C PHE D 177 -15.88 16.77 -17.23
N VAL D 178 -16.14 18.05 -16.97
CA VAL D 178 -15.19 18.90 -16.26
C VAL D 178 -15.86 19.43 -14.99
N TYR D 179 -15.12 19.38 -13.88
CA TYR D 179 -15.54 20.05 -12.66
C TYR D 179 -15.42 21.55 -12.87
N ASN D 180 -16.44 22.11 -13.49
CA ASN D 180 -16.34 23.44 -14.08
C ASN D 180 -16.88 24.54 -13.18
N ASP D 181 -16.95 24.26 -11.87
CA ASP D 181 -17.42 25.20 -10.84
C ASP D 181 -18.87 25.65 -10.99
N ASP D 182 -19.60 25.04 -11.93
CA ASP D 182 -20.83 25.61 -12.52
C ASP D 182 -20.67 27.09 -12.90
N GLU D 183 -19.51 27.33 -13.53
CA GLU D 183 -19.00 28.58 -14.10
C GLU D 183 -18.89 28.34 -15.62
N PRO D 184 -19.29 29.33 -16.41
CA PRO D 184 -19.38 29.13 -17.86
C PRO D 184 -18.04 28.87 -18.54
N PHE D 185 -18.10 28.43 -19.78
CA PHE D 185 -16.93 27.92 -20.49
C PHE D 185 -15.94 29.04 -20.83
N LYS D 186 -14.67 28.77 -20.57
CA LYS D 186 -13.59 29.68 -20.94
C LYS D 186 -12.92 29.14 -22.21
N PRO D 187 -13.09 29.86 -23.33
CA PRO D 187 -12.32 29.51 -24.52
C PRO D 187 -10.95 30.16 -24.52
N TRP D 188 -10.05 29.59 -25.31
CA TRP D 188 -8.83 30.28 -25.70
C TRP D 188 -8.99 30.74 -27.15
N ASP D 189 -8.70 32.01 -27.39
CA ASP D 189 -8.99 32.61 -28.69
C ASP D 189 -7.96 32.12 -29.71
N GLY D 190 -8.43 31.34 -30.68
CA GLY D 190 -7.55 30.74 -31.67
C GLY D 190 -7.91 29.30 -31.97
N LEU D 191 -8.91 28.78 -31.26
CA LEU D 191 -9.34 27.40 -31.50
C LEU D 191 -10.10 27.26 -32.81
N ASP D 192 -10.71 28.35 -33.27
CA ASP D 192 -11.46 28.32 -34.52
C ASP D 192 -10.52 28.20 -35.73
N TYR D 193 -9.30 28.71 -35.60
CA TYR D 193 -8.31 28.60 -36.66
C TYR D 193 -7.18 27.65 -36.33
N ASN D 194 -7.20 27.06 -35.13
CA ASN D 194 -6.55 25.77 -34.91
C ASN D 194 -7.43 24.62 -35.35
N PHE D 195 -8.70 24.90 -35.62
CA PHE D 195 -9.63 23.89 -36.14
C PHE D 195 -9.29 23.53 -37.58
N LEU D 196 -9.23 24.54 -38.44
CA LEU D 196 -9.23 24.33 -39.89
C LEU D 196 -7.91 23.75 -40.39
N ASP D 197 -6.80 24.25 -39.88
CA ASP D 197 -5.50 23.75 -40.30
C ASP D 197 -5.17 22.38 -39.69
N LEU D 198 -5.91 21.98 -38.65
CA LEU D 198 -5.87 20.59 -38.18
C LEU D 198 -6.93 19.73 -38.86
N ASP D 199 -8.03 20.34 -39.28
CA ASP D 199 -9.01 19.64 -40.11
C ASP D 199 -8.41 19.30 -41.47
N SER D 200 -7.61 20.22 -42.02
CA SER D 200 -7.00 20.03 -43.33
C SER D 200 -5.99 18.89 -43.38
N LYS D 201 -5.50 18.48 -42.21
CA LYS D 201 -4.66 17.29 -42.14
C LYS D 201 -5.46 16.00 -42.04
N LEU D 202 -6.79 16.08 -42.06
CA LEU D 202 -7.62 14.88 -42.17
C LEU D 202 -8.04 14.62 -43.62
N GLN D 203 -8.47 15.65 -44.34
CA GLN D 203 -8.74 15.47 -45.77
C GLN D 203 -7.47 15.25 -46.58
N GLU D 204 -6.31 15.57 -46.00
CA GLU D 204 -5.04 15.20 -46.61
C GLU D 204 -4.81 13.69 -46.57
N ILE D 205 -5.17 13.05 -45.46
CA ILE D 205 -4.96 11.62 -45.35
C ILE D 205 -6.17 10.82 -45.83
N LEU D 206 -7.37 11.38 -45.74
CA LEU D 206 -8.55 10.68 -46.22
C LEU D 206 -8.72 10.73 -47.75
N GLU D 207 -7.85 11.48 -48.42
CA GLU D 207 -7.88 11.53 -49.89
C GLU D 207 -6.51 11.26 -50.48
N ARG E 3 3.32 -50.49 -21.93
CA ARG E 3 2.70 -49.59 -22.94
C ARG E 3 2.53 -48.18 -22.36
N VAL E 4 3.00 -47.18 -23.10
CA VAL E 4 2.85 -45.78 -22.71
C VAL E 4 2.20 -44.93 -23.82
N VAL E 5 2.61 -45.16 -25.07
CA VAL E 5 1.87 -44.64 -26.21
C VAL E 5 0.63 -45.49 -26.64
N PRO E 6 0.66 -46.86 -26.56
CA PRO E 6 -0.56 -47.53 -27.02
C PRO E 6 -1.74 -47.49 -26.06
N ASP E 7 -1.53 -47.15 -24.80
CA ASP E 7 -2.65 -47.17 -23.87
C ASP E 7 -3.35 -45.82 -23.71
N GLN E 8 -2.68 -44.73 -24.08
CA GLN E 8 -3.40 -43.48 -24.30
C GLN E 8 -3.89 -43.33 -25.73
N ARG E 9 -3.32 -44.13 -26.64
CA ARG E 9 -4.05 -44.52 -27.85
C ARG E 9 -5.35 -45.22 -27.46
N SER E 10 -5.29 -46.08 -26.44
CA SER E 10 -6.48 -46.76 -25.95
C SER E 10 -7.34 -45.85 -25.08
N LYS E 11 -6.84 -44.68 -24.68
CA LYS E 11 -7.70 -43.72 -24.01
C LYS E 11 -8.63 -43.03 -25.00
N PHE E 12 -8.22 -42.91 -26.26
CA PHE E 12 -9.14 -42.46 -27.28
C PHE E 12 -10.24 -43.49 -27.52
N GLU E 13 -9.94 -44.75 -27.25
CA GLU E 13 -10.95 -45.80 -27.27
C GLU E 13 -11.92 -45.68 -26.10
N ASN E 14 -11.48 -45.07 -25.00
CA ASN E 14 -12.15 -45.25 -23.72
C ASN E 14 -12.53 -43.97 -23.00
N GLU E 15 -11.65 -42.97 -23.01
CA GLU E 15 -11.88 -41.78 -22.19
C GLU E 15 -12.95 -40.91 -22.84
N GLU E 16 -14.06 -40.72 -22.15
CA GLU E 16 -15.27 -40.24 -22.78
C GLU E 16 -15.26 -38.74 -23.03
N PHE E 17 -14.26 -38.03 -22.50
CA PHE E 17 -14.05 -36.66 -22.93
C PHE E 17 -13.35 -36.59 -24.29
N PHE E 18 -12.61 -37.63 -24.65
CA PHE E 18 -12.19 -37.79 -26.05
C PHE E 18 -13.35 -38.26 -26.93
N ARG E 19 -14.32 -38.94 -26.34
CA ARG E 19 -15.55 -39.24 -27.07
C ARG E 19 -16.34 -37.97 -27.35
N LYS E 20 -16.52 -37.14 -26.32
CA LYS E 20 -17.35 -35.94 -26.42
C LYS E 20 -16.72 -34.92 -27.37
N LEU E 21 -15.39 -34.89 -27.43
CA LEU E 21 -14.68 -34.09 -28.42
C LEU E 21 -14.86 -34.67 -29.83
N SER E 22 -14.84 -36.00 -29.94
CA SER E 22 -14.87 -36.66 -31.23
C SER E 22 -16.21 -37.36 -31.51
N ARG E 23 -17.34 -36.70 -31.18
CA ARG E 23 -18.65 -37.25 -31.53
C ARG E 23 -19.03 -36.93 -33.00
N GLU E 24 -18.05 -37.09 -33.93
CA GLU E 24 -18.17 -36.82 -35.39
C GLU E 24 -18.97 -35.57 -35.76
N CYS E 25 -18.84 -34.53 -34.95
CA CYS E 25 -19.84 -33.48 -34.94
C CYS E 25 -19.50 -32.36 -35.92
N GLU E 26 -20.49 -31.54 -36.21
CA GLU E 26 -20.33 -30.48 -37.19
C GLU E 26 -19.53 -29.32 -36.61
N ILE E 27 -18.92 -28.56 -37.49
CA ILE E 27 -18.25 -27.33 -37.11
C ILE E 27 -18.77 -26.20 -37.99
N LYS E 28 -18.67 -24.97 -37.47
CA LYS E 28 -19.25 -23.82 -38.15
C LYS E 28 -18.42 -22.60 -37.81
N TYR E 29 -18.13 -21.78 -38.82
CA TYR E 29 -17.47 -20.51 -38.59
C TYR E 29 -18.50 -19.48 -38.13
N THR E 30 -18.59 -19.29 -36.82
CA THR E 30 -19.39 -18.20 -36.29
C THR E 30 -18.51 -16.96 -36.17
N GLY E 31 -18.56 -16.14 -37.20
CA GLY E 31 -17.79 -14.91 -37.21
C GLY E 31 -18.68 -13.70 -37.13
N PHE E 32 -18.76 -12.97 -38.24
CA PHE E 32 -19.44 -11.69 -38.26
C PHE E 32 -20.96 -11.89 -38.40
N ARG E 33 -21.58 -12.43 -37.36
CA ARG E 33 -22.94 -12.96 -37.49
C ARG E 33 -24.01 -11.86 -37.57
N ASP E 34 -23.73 -10.67 -37.05
CA ASP E 34 -24.70 -9.59 -37.13
C ASP E 34 -24.75 -8.98 -38.53
N ARG E 35 -23.66 -9.13 -39.26
CA ARG E 35 -23.59 -8.72 -40.65
C ARG E 35 -24.35 -9.73 -41.51
N PRO E 36 -24.82 -9.31 -42.71
CA PRO E 36 -25.55 -10.24 -43.55
C PRO E 36 -24.70 -11.38 -44.12
N HIS E 37 -25.38 -12.39 -44.65
CA HIS E 37 -24.80 -13.71 -44.86
C HIS E 37 -23.77 -13.73 -45.99
N GLU E 38 -23.91 -12.84 -46.97
CA GLU E 38 -23.07 -12.92 -48.17
C GLU E 38 -21.70 -12.27 -47.97
N GLU E 39 -21.63 -11.22 -47.18
CA GLU E 39 -20.38 -10.46 -47.07
C GLU E 39 -19.33 -11.20 -46.25
N ARG E 40 -19.77 -12.04 -45.32
CA ARG E 40 -18.86 -12.62 -44.33
C ARG E 40 -17.96 -13.71 -44.92
N GLN E 41 -18.38 -14.34 -46.02
CA GLN E 41 -17.51 -15.30 -46.70
C GLN E 41 -16.32 -14.63 -47.37
N ALA E 42 -16.49 -13.37 -47.76
CA ALA E 42 -15.36 -12.57 -48.18
C ALA E 42 -14.42 -12.29 -47.00
N ARG E 43 -14.99 -11.85 -45.88
CA ARG E 43 -14.19 -11.57 -44.69
C ARG E 43 -13.53 -12.83 -44.12
N PHE E 44 -14.21 -13.97 -44.27
CA PHE E 44 -13.60 -15.25 -43.93
C PHE E 44 -12.43 -15.55 -44.85
N GLN E 45 -12.64 -15.38 -46.16
CA GLN E 45 -11.61 -15.66 -47.15
C GLN E 45 -10.45 -14.65 -47.06
N ASN E 46 -10.74 -13.41 -46.67
CA ASN E 46 -9.68 -12.45 -46.47
C ASN E 46 -8.84 -12.78 -45.23
N ALA E 47 -9.47 -13.39 -44.22
CA ALA E 47 -8.80 -13.64 -42.96
C ALA E 47 -7.98 -14.93 -42.96
N CYS E 48 -8.27 -15.85 -43.88
CA CYS E 48 -7.71 -17.20 -43.79
C CYS E 48 -6.21 -17.28 -44.06
N ARG E 49 -5.71 -16.53 -45.03
CA ARG E 49 -4.34 -16.76 -45.43
C ARG E 49 -3.38 -15.64 -45.04
N ASP E 50 -3.92 -14.51 -44.58
CA ASP E 50 -3.06 -13.48 -44.00
C ASP E 50 -2.87 -13.72 -42.51
N GLY E 51 -1.90 -13.02 -41.93
CA GLY E 51 -1.69 -13.11 -40.50
C GLY E 51 -2.55 -12.11 -39.75
N ARG E 52 -2.09 -11.76 -38.54
CA ARG E 52 -2.63 -10.64 -37.75
C ARG E 52 -4.10 -10.80 -37.37
N SER E 53 -4.61 -12.03 -37.41
CA SER E 53 -6.02 -12.28 -37.13
C SER E 53 -6.20 -13.70 -36.66
N GLU E 54 -7.37 -13.96 -36.07
CA GLU E 54 -7.74 -15.29 -35.63
C GLU E 54 -8.95 -15.78 -36.40
N ILE E 55 -9.21 -17.09 -36.29
CA ILE E 55 -10.43 -17.68 -36.83
C ILE E 55 -11.00 -18.64 -35.78
N ALA E 56 -12.33 -18.72 -35.76
CA ALA E 56 -13.04 -19.52 -34.76
C ALA E 56 -13.68 -20.71 -35.44
N PHE E 57 -13.86 -21.79 -34.69
CA PHE E 57 -14.63 -22.95 -35.15
C PHE E 57 -15.41 -23.54 -33.99
N VAL E 58 -16.70 -23.23 -33.94
CA VAL E 58 -17.56 -23.75 -32.89
C VAL E 58 -17.82 -25.25 -33.13
N ALA E 59 -18.23 -25.94 -32.08
CA ALA E 59 -18.54 -27.36 -32.19
C ALA E 59 -20.02 -27.63 -32.51
N THR E 60 -20.81 -26.55 -32.66
CA THR E 60 -22.23 -26.57 -33.09
C THR E 60 -23.20 -27.23 -32.13
N GLY E 61 -22.71 -27.80 -31.04
CA GLY E 61 -23.57 -28.37 -30.03
C GLY E 61 -23.19 -27.91 -28.63
N THR E 62 -21.95 -27.45 -28.48
CA THR E 62 -21.42 -27.11 -27.18
C THR E 62 -20.84 -25.70 -27.15
N ASN E 63 -20.33 -25.30 -26.00
CA ASN E 63 -19.58 -24.05 -25.85
C ASN E 63 -18.08 -24.24 -26.04
N LEU E 64 -17.72 -25.18 -26.93
CA LEU E 64 -16.33 -25.43 -27.26
C LEU E 64 -16.02 -24.76 -28.59
N SER E 65 -14.80 -24.24 -28.71
CA SER E 65 -14.36 -23.62 -29.94
C SER E 65 -12.88 -23.86 -30.16
N LEU E 66 -12.47 -23.74 -31.42
CA LEU E 66 -11.06 -23.87 -31.80
C LEU E 66 -10.58 -22.53 -32.34
N GLN E 67 -9.52 -22.01 -31.75
CA GLN E 67 -9.00 -20.69 -32.10
C GLN E 67 -7.59 -20.81 -32.67
N PHE E 68 -7.40 -20.26 -33.86
CA PHE E 68 -6.12 -20.30 -34.54
C PHE E 68 -5.45 -18.94 -34.39
N PHE E 69 -4.72 -18.77 -33.30
CA PHE E 69 -3.93 -17.57 -33.17
C PHE E 69 -2.70 -17.68 -34.07
N PRO E 70 -2.19 -16.55 -34.55
CA PRO E 70 -0.90 -16.57 -35.22
C PRO E 70 0.22 -16.97 -34.27
N ALA E 71 1.23 -17.65 -34.80
CA ALA E 71 2.28 -18.21 -33.98
C ALA E 71 3.20 -17.14 -33.39
N SER E 72 3.11 -15.90 -33.86
CA SER E 72 3.80 -14.79 -33.21
C SER E 72 3.15 -14.38 -31.89
N TRP E 73 1.94 -14.85 -31.63
CA TRP E 73 1.26 -14.55 -30.37
C TRP E 73 1.51 -15.66 -29.36
N ARG E 83 1.85 -29.71 -40.39
CA ARG E 83 1.30 -29.50 -39.05
C ARG E 83 0.11 -28.54 -39.11
N GLU E 84 0.23 -27.41 -38.41
CA GLU E 84 -0.82 -26.41 -38.39
C GLU E 84 -0.83 -25.65 -39.71
N TYR E 85 -1.97 -25.66 -40.40
CA TYR E 85 -2.12 -24.86 -41.59
C TYR E 85 -3.55 -24.40 -41.79
N VAL E 86 -3.68 -23.20 -42.33
CA VAL E 86 -4.92 -22.73 -42.94
C VAL E 86 -4.59 -22.40 -44.39
N ASP E 87 -5.28 -23.05 -45.32
CA ASP E 87 -4.93 -22.88 -46.72
C ASP E 87 -6.14 -22.93 -47.64
N LEU E 88 -6.00 -22.29 -48.79
CA LEU E 88 -7.01 -22.32 -49.84
C LEU E 88 -6.61 -23.21 -51.02
N GLU E 89 -5.38 -23.74 -51.01
CA GLU E 89 -4.80 -24.35 -52.20
C GLU E 89 -5.21 -25.81 -52.39
N ARG E 90 -5.96 -26.38 -51.45
CA ARG E 90 -6.38 -27.77 -51.58
C ARG E 90 -7.46 -27.91 -52.65
N GLU E 91 -8.60 -27.26 -52.46
CA GLU E 91 -9.61 -27.16 -53.50
C GLU E 91 -10.00 -25.72 -53.71
N ALA E 92 -10.50 -25.42 -54.91
CA ALA E 92 -10.97 -24.08 -55.22
C ALA E 92 -12.34 -23.85 -54.59
N GLY E 93 -12.44 -22.82 -53.75
CA GLY E 93 -13.70 -22.51 -53.07
C GLY E 93 -13.97 -23.39 -51.86
N LYS E 94 -12.91 -23.92 -51.26
CA LYS E 94 -13.04 -24.73 -50.05
C LYS E 94 -11.69 -24.76 -49.35
N VAL E 95 -11.72 -24.66 -48.02
CA VAL E 95 -10.52 -24.61 -47.22
C VAL E 95 -10.45 -25.84 -46.30
N TYR E 96 -9.30 -26.49 -46.28
CA TYR E 96 -9.05 -27.58 -45.35
C TYR E 96 -8.29 -27.08 -44.13
N LEU E 97 -8.59 -27.67 -42.99
CA LEU E 97 -7.99 -27.25 -41.73
C LEU E 97 -7.38 -28.46 -41.05
N LYS E 98 -6.18 -28.28 -40.50
CA LYS E 98 -5.55 -29.31 -39.69
C LYS E 98 -4.55 -28.66 -38.74
N ALA E 99 -4.57 -29.11 -37.49
CA ALA E 99 -3.67 -28.61 -36.46
C ALA E 99 -3.55 -29.63 -35.33
N PRO E 100 -2.32 -29.88 -34.86
CA PRO E 100 -2.14 -30.72 -33.69
C PRO E 100 -2.17 -29.96 -32.37
N MET E 101 -2.46 -30.69 -31.30
CA MET E 101 -2.48 -30.10 -29.97
C MET E 101 -2.14 -31.19 -28.96
N ILE E 102 -2.01 -30.79 -27.70
CA ILE E 102 -1.70 -31.72 -26.63
C ILE E 102 -2.82 -31.65 -25.61
N LEU E 103 -3.82 -32.50 -25.80
CA LEU E 103 -5.06 -32.43 -25.01
C LEU E 103 -5.09 -33.59 -24.03
N ASN E 104 -5.31 -33.26 -22.75
CA ASN E 104 -5.14 -34.20 -21.63
C ASN E 104 -3.79 -34.89 -21.65
N GLY E 105 -2.74 -34.13 -21.95
CA GLY E 105 -1.39 -34.66 -21.91
C GLY E 105 -0.95 -35.40 -23.16
N VAL E 106 -1.88 -35.79 -24.02
CA VAL E 106 -1.53 -36.63 -25.18
C VAL E 106 -1.67 -35.86 -26.48
N CYS E 107 -0.86 -36.24 -27.46
CA CYS E 107 -0.79 -35.53 -28.73
C CYS E 107 -1.91 -36.01 -29.64
N VAL E 108 -2.94 -35.19 -29.80
CA VAL E 108 -4.05 -35.48 -30.69
C VAL E 108 -4.13 -34.35 -31.69
N ILE E 109 -4.33 -34.70 -32.97
CA ILE E 109 -4.38 -33.72 -34.03
C ILE E 109 -5.84 -33.49 -34.44
N TRP E 110 -6.19 -32.22 -34.66
CA TRP E 110 -7.54 -31.86 -35.05
C TRP E 110 -7.54 -31.47 -36.52
N LYS E 111 -8.49 -32.03 -37.28
CA LYS E 111 -8.59 -31.75 -38.69
C LYS E 111 -10.05 -31.75 -39.10
N GLY E 112 -10.36 -31.04 -40.18
CA GLY E 112 -11.73 -30.93 -40.63
C GLY E 112 -11.83 -30.02 -41.84
N TRP E 113 -12.96 -30.13 -42.52
CA TRP E 113 -13.27 -29.30 -43.67
C TRP E 113 -14.43 -28.36 -43.38
N ILE E 114 -14.48 -27.27 -44.12
CA ILE E 114 -15.53 -26.27 -43.95
C ILE E 114 -15.87 -25.67 -45.31
N ASP E 115 -17.17 -25.62 -45.63
CA ASP E 115 -17.63 -25.10 -46.91
C ASP E 115 -17.47 -23.59 -46.92
N LEU E 116 -16.71 -23.08 -47.89
CA LEU E 116 -16.38 -21.67 -47.94
C LEU E 116 -17.59 -20.79 -48.32
N GLN E 117 -18.64 -21.41 -48.87
CA GLN E 117 -19.82 -20.66 -49.29
C GLN E 117 -20.96 -20.71 -48.27
N ARG E 118 -21.17 -21.87 -47.65
CA ARG E 118 -22.21 -22.01 -46.63
C ARG E 118 -21.73 -21.58 -45.24
N LEU E 119 -20.42 -21.70 -45.01
CA LEU E 119 -19.83 -21.71 -43.66
C LEU E 119 -20.54 -22.71 -42.75
N ASP E 120 -20.67 -23.94 -43.24
CA ASP E 120 -21.16 -25.06 -42.46
C ASP E 120 -20.41 -26.30 -42.94
N GLY E 121 -19.72 -26.96 -42.00
CA GLY E 121 -18.80 -28.01 -42.38
C GLY E 121 -18.80 -29.17 -41.41
N MET E 122 -17.69 -29.90 -41.40
CA MET E 122 -17.55 -31.10 -40.58
C MET E 122 -16.10 -31.26 -40.18
N GLY E 123 -15.87 -31.57 -38.91
CA GLY E 123 -14.52 -31.72 -38.41
C GLY E 123 -14.49 -32.70 -37.26
N CYS E 124 -13.42 -33.48 -37.18
CA CYS E 124 -13.21 -34.39 -36.08
C CYS E 124 -11.73 -34.62 -35.86
N LEU E 125 -11.35 -34.71 -34.59
CA LEU E 125 -9.96 -34.90 -34.21
C LEU E 125 -9.69 -36.39 -34.06
N GLU E 126 -8.58 -36.83 -34.68
CA GLU E 126 -8.11 -38.21 -34.54
C GLU E 126 -6.77 -38.20 -33.83
N PHE E 127 -6.47 -39.31 -33.16
CA PHE E 127 -5.24 -39.40 -32.38
C PHE E 127 -4.03 -39.48 -33.31
N ASP E 128 -2.95 -38.81 -32.90
CA ASP E 128 -1.80 -38.58 -33.76
C ASP E 128 -0.69 -39.53 -33.33
N GLU E 129 -0.19 -40.32 -34.28
CA GLU E 129 0.74 -41.41 -33.97
C GLU E 129 2.17 -41.11 -34.42
N GLU E 130 2.35 -40.15 -35.32
CA GLU E 130 3.65 -39.94 -35.97
C GLU E 130 4.65 -39.26 -35.03
N ARG E 131 4.31 -38.06 -34.55
CA ARG E 131 5.13 -37.42 -33.51
C ARG E 131 4.72 -37.83 -32.09
N ALA E 132 4.00 -38.94 -31.98
CA ALA E 132 3.78 -39.57 -30.68
C ALA E 132 5.03 -40.25 -30.13
N GLN E 133 6.08 -40.35 -30.94
CA GLN E 133 7.42 -40.63 -30.42
C GLN E 133 8.10 -39.35 -29.91
N GLN E 134 7.60 -38.21 -30.34
CA GLN E 134 8.20 -36.92 -29.98
C GLN E 134 7.49 -36.33 -28.75
N GLU E 135 7.04 -37.18 -27.84
CA GLU E 135 6.25 -36.71 -26.72
C GLU E 135 7.15 -36.11 -25.63
N ASP E 136 7.73 -37.00 -24.82
CA ASP E 136 8.74 -36.73 -23.79
C ASP E 136 9.06 -38.09 -23.18
N ALA E 137 9.92 -38.12 -22.16
CA ALA E 137 10.35 -39.37 -21.55
C ALA E 137 9.63 -39.63 -20.21
N LEU E 138 9.71 -38.68 -19.29
CA LEU E 138 9.09 -38.84 -17.97
C LEU E 138 8.11 -37.70 -17.64
N ALA E 139 8.36 -36.50 -18.15
CA ALA E 139 7.46 -35.39 -17.92
C ALA E 139 6.24 -35.43 -18.83
N GLN E 140 6.24 -36.32 -19.82
CA GLN E 140 4.99 -36.76 -20.44
C GLN E 140 4.12 -37.49 -19.41
N GLN E 141 4.75 -38.37 -18.65
CA GLN E 141 4.06 -39.12 -17.60
C GLN E 141 3.73 -38.24 -16.38
N ALA E 142 4.20 -36.99 -16.37
CA ALA E 142 3.90 -36.08 -15.26
C ALA E 142 2.40 -35.74 -15.18
N PHE E 143 1.70 -35.83 -16.29
CA PHE E 143 0.25 -35.73 -16.24
C PHE E 143 -0.41 -37.05 -15.84
N GLU E 144 0.36 -38.13 -15.81
CA GLU E 144 -0.14 -39.39 -15.26
C GLU E 144 0.52 -39.64 -13.90
N GLU E 145 1.33 -38.69 -13.44
CA GLU E 145 1.43 -38.39 -12.01
C GLU E 145 0.22 -37.60 -11.49
N ALA E 146 -0.74 -37.32 -12.38
CA ALA E 146 -2.02 -36.74 -11.97
C ALA E 146 -3.24 -37.49 -12.52
N ARG E 147 -3.15 -37.99 -13.76
CA ARG E 147 -4.28 -38.71 -14.38
C ARG E 147 -4.38 -40.14 -13.85
N ARG E 148 -3.33 -40.93 -14.05
CA ARG E 148 -3.27 -42.26 -13.45
C ARG E 148 -3.13 -42.18 -11.92
N ARG E 149 -2.34 -41.22 -11.46
CA ARG E 149 -2.11 -41.03 -10.03
C ARG E 149 -3.13 -40.03 -9.50
N THR E 150 -4.29 -40.53 -9.11
CA THR E 150 -5.30 -39.74 -8.43
C THR E 150 -5.19 -39.96 -6.93
N ARG E 151 -5.67 -38.98 -6.16
CA ARG E 151 -5.41 -38.94 -4.72
C ARG E 151 -6.39 -37.99 -4.04
N MET F 1 4.63 -19.15 -47.38
CA MET F 1 3.21 -18.74 -47.36
C MET F 1 2.99 -17.72 -46.26
N GLU F 2 2.86 -18.21 -45.03
CA GLU F 2 2.65 -17.37 -43.85
C GLU F 2 3.02 -18.19 -42.63
N ASN F 3 2.67 -17.71 -41.44
CA ASN F 3 3.17 -18.30 -40.21
C ASN F 3 2.37 -19.58 -39.91
N ARG F 4 2.64 -20.23 -38.79
CA ARG F 4 1.81 -21.32 -38.37
C ARG F 4 0.66 -20.80 -37.50
N TRP F 5 -0.13 -21.71 -36.96
CA TRP F 5 -1.34 -21.34 -36.23
C TRP F 5 -1.38 -22.05 -34.89
N GLN F 6 -0.83 -21.39 -33.88
CA GLN F 6 -0.81 -21.89 -32.49
C GLN F 6 -2.23 -22.04 -31.96
N VAL F 7 -2.62 -23.27 -31.65
CA VAL F 7 -3.97 -23.51 -31.15
C VAL F 7 -4.00 -23.54 -29.63
N MET F 8 -5.10 -23.08 -29.08
CA MET F 8 -5.48 -23.35 -27.69
C MET F 8 -6.97 -23.63 -27.69
N ILE F 9 -7.37 -24.71 -27.03
CA ILE F 9 -8.76 -25.11 -27.05
C ILE F 9 -9.56 -24.20 -26.09
N VAL F 10 -10.17 -23.16 -26.66
CA VAL F 10 -10.80 -22.12 -25.87
C VAL F 10 -12.27 -22.42 -25.69
N TRP F 11 -12.67 -22.60 -24.44
CA TRP F 11 -14.07 -22.75 -24.09
C TRP F 11 -14.70 -21.38 -24.04
N GLN F 12 -15.58 -21.07 -24.97
CA GLN F 12 -16.23 -19.76 -24.95
C GLN F 12 -17.29 -19.77 -23.86
N VAL F 13 -17.39 -18.65 -23.15
CA VAL F 13 -18.36 -18.53 -22.07
C VAL F 13 -19.02 -17.16 -22.16
N ASP F 14 -19.81 -16.84 -21.14
CA ASP F 14 -20.60 -15.63 -21.13
C ASP F 14 -19.76 -14.42 -20.74
N ARG F 15 -20.42 -13.31 -20.44
CA ARG F 15 -19.76 -12.16 -19.82
C ARG F 15 -19.83 -12.26 -18.29
N MET F 16 -20.87 -12.90 -17.78
CA MET F 16 -21.20 -12.83 -16.36
C MET F 16 -20.44 -13.81 -15.49
N ARG F 17 -20.29 -15.06 -15.93
CA ARG F 17 -19.55 -16.03 -15.12
C ARG F 17 -18.04 -15.77 -15.12
N ILE F 18 -17.55 -15.03 -16.11
CA ILE F 18 -16.20 -14.48 -16.03
C ILE F 18 -16.09 -13.50 -14.86
N ASN F 19 -17.08 -12.62 -14.74
CA ASN F 19 -17.08 -11.67 -13.65
C ASN F 19 -17.74 -12.21 -12.38
N THR F 20 -17.89 -13.53 -12.27
CA THR F 20 -17.97 -14.16 -10.97
C THR F 20 -16.79 -15.07 -10.71
N TRP F 21 -16.02 -15.38 -11.75
CA TRP F 21 -14.74 -16.05 -11.56
C TRP F 21 -13.69 -15.06 -11.05
N LYS F 22 -13.71 -13.85 -11.60
CA LYS F 22 -12.79 -12.81 -11.14
C LYS F 22 -13.12 -12.28 -9.75
N ARG F 23 -14.26 -12.68 -9.20
CA ARG F 23 -14.64 -12.26 -7.86
C ARG F 23 -14.54 -13.38 -6.83
N LEU F 24 -14.47 -14.63 -7.28
CA LEU F 24 -14.22 -15.72 -6.34
C LEU F 24 -12.73 -15.97 -6.15
N VAL F 25 -11.95 -15.90 -7.22
CA VAL F 25 -10.51 -16.04 -7.09
C VAL F 25 -9.90 -14.84 -6.35
N LYS F 26 -10.38 -13.64 -6.63
CA LYS F 26 -9.96 -12.50 -5.84
C LYS F 26 -10.50 -12.54 -4.41
N HIS F 27 -11.53 -13.34 -4.16
CA HIS F 27 -11.95 -13.59 -2.79
C HIS F 27 -11.00 -14.57 -2.11
N HIS F 28 -10.71 -15.68 -2.78
CA HIS F 28 -9.87 -16.73 -2.22
C HIS F 28 -8.38 -16.46 -2.38
N MET F 29 -8.00 -15.22 -2.71
CA MET F 29 -6.59 -14.82 -2.67
C MET F 29 -6.31 -13.86 -1.52
N TYR F 30 -6.99 -12.72 -1.50
CA TYR F 30 -6.58 -11.65 -0.62
C TYR F 30 -7.27 -11.69 0.74
N ILE F 31 -8.58 -11.55 0.76
CA ILE F 31 -9.25 -11.34 2.03
C ILE F 31 -9.54 -12.66 2.75
N SER F 32 -9.87 -13.69 1.98
CA SER F 32 -9.77 -15.05 2.47
C SER F 32 -8.62 -15.75 1.76
N ARG F 33 -7.89 -16.58 2.48
CA ARG F 33 -6.67 -17.16 1.95
C ARG F 33 -6.70 -18.67 2.07
N LYS F 34 -7.81 -19.27 1.61
CA LYS F 34 -7.92 -20.72 1.55
C LYS F 34 -6.91 -21.31 0.55
N ALA F 35 -6.84 -20.71 -0.63
CA ALA F 35 -5.82 -21.06 -1.62
C ALA F 35 -5.12 -19.79 -2.07
N LYS F 36 -4.10 -19.38 -1.31
CA LYS F 36 -3.49 -18.08 -1.48
C LYS F 36 -2.33 -18.07 -2.47
N ASP F 37 -1.90 -19.23 -2.93
CA ASP F 37 -0.73 -19.32 -3.81
C ASP F 37 -1.11 -19.28 -5.30
N TRP F 38 -1.95 -18.33 -5.69
CA TRP F 38 -2.41 -18.24 -7.07
C TRP F 38 -2.04 -16.87 -7.63
N PHE F 39 -0.94 -16.82 -8.38
CA PHE F 39 -0.41 -15.54 -8.84
C PHE F 39 -1.20 -15.04 -10.05
N TYR F 40 -2.12 -14.11 -9.79
CA TYR F 40 -2.98 -13.54 -10.81
C TYR F 40 -2.25 -12.38 -11.46
N ARG F 41 -1.51 -12.65 -12.53
CA ARG F 41 -0.75 -11.58 -13.16
C ARG F 41 -1.68 -10.78 -14.07
N HIS F 42 -1.33 -9.51 -14.25
CA HIS F 42 -2.27 -8.55 -14.81
C HIS F 42 -2.12 -8.47 -16.33
N HIS F 43 -2.70 -7.42 -16.92
CA HIS F 43 -2.97 -7.36 -18.36
C HIS F 43 -1.71 -7.31 -19.22
N TYR F 44 -0.89 -6.29 -19.04
CA TYR F 44 0.19 -6.01 -19.98
C TYR F 44 1.50 -6.75 -19.67
N GLU F 45 1.40 -7.85 -18.93
CA GLU F 45 2.52 -8.79 -18.83
C GLU F 45 2.40 -9.94 -19.82
N SER F 46 1.69 -9.71 -20.93
CA SER F 46 1.46 -10.75 -21.94
C SER F 46 1.84 -10.24 -23.33
N THR F 47 2.05 -11.17 -24.25
CA THR F 47 2.36 -10.83 -25.63
C THR F 47 1.17 -11.03 -26.59
N ASN F 48 0.21 -11.87 -26.20
CA ASN F 48 -0.98 -12.10 -27.00
C ASN F 48 -2.02 -11.04 -26.65
N PRO F 49 -2.44 -10.23 -27.64
CA PRO F 49 -3.32 -9.10 -27.33
C PRO F 49 -4.75 -9.51 -26.93
N LYS F 50 -5.12 -10.76 -27.17
CA LYS F 50 -6.45 -11.23 -26.80
C LYS F 50 -6.47 -11.94 -25.44
N ILE F 51 -5.54 -11.56 -24.56
CA ILE F 51 -5.48 -12.13 -23.22
C ILE F 51 -5.93 -11.08 -22.23
N SER F 52 -6.89 -11.43 -21.38
CA SER F 52 -7.28 -10.55 -20.28
C SER F 52 -6.31 -10.68 -19.11
N SER F 53 -6.26 -11.87 -18.53
CA SER F 53 -5.46 -12.10 -17.33
C SER F 53 -5.27 -13.59 -17.11
N GLU F 54 -4.02 -14.02 -17.03
CA GLU F 54 -3.72 -15.40 -16.67
C GLU F 54 -3.94 -15.60 -15.18
N VAL F 55 -4.29 -16.82 -14.80
CA VAL F 55 -4.27 -17.19 -13.39
C VAL F 55 -3.24 -18.29 -13.21
N HIS F 56 -2.00 -17.89 -12.94
CA HIS F 56 -0.92 -18.84 -12.69
C HIS F 56 -1.13 -19.48 -11.32
N ILE F 57 -1.50 -20.76 -11.32
CA ILE F 57 -1.57 -21.51 -10.07
C ILE F 57 -0.42 -22.52 -10.03
N PRO F 58 0.62 -22.26 -9.22
CA PRO F 58 1.67 -23.25 -9.07
C PRO F 58 1.17 -24.48 -8.33
N LEU F 59 1.08 -25.59 -9.05
CA LEU F 59 0.49 -26.80 -8.51
C LEU F 59 1.59 -27.80 -8.24
N GLY F 60 2.24 -27.65 -7.10
CA GLY F 60 3.36 -28.52 -6.73
C GLY F 60 4.59 -28.25 -7.58
N ASP F 61 4.88 -29.17 -8.50
CA ASP F 61 6.10 -29.11 -9.28
C ASP F 61 6.05 -27.98 -10.32
N ALA F 62 4.93 -27.87 -11.03
CA ALA F 62 4.81 -26.92 -12.13
C ALA F 62 3.45 -26.24 -12.09
N LYS F 63 3.30 -25.19 -12.91
CA LYS F 63 2.15 -24.30 -12.83
C LYS F 63 1.05 -24.70 -13.81
N LEU F 64 -0.18 -24.77 -13.30
CA LEU F 64 -1.36 -24.72 -14.14
C LEU F 64 -1.74 -23.27 -14.36
N VAL F 65 -2.16 -22.92 -15.57
CA VAL F 65 -2.64 -21.57 -15.83
C VAL F 65 -4.08 -21.64 -16.31
N ILE F 66 -4.82 -20.58 -16.03
CA ILE F 66 -6.17 -20.42 -16.53
C ILE F 66 -6.27 -18.98 -17.04
N THR F 67 -6.37 -18.82 -18.34
CA THR F 67 -6.34 -17.51 -18.94
C THR F 67 -7.71 -17.11 -19.47
N THR F 68 -7.91 -15.81 -19.63
CA THR F 68 -9.21 -15.28 -19.98
C THR F 68 -9.06 -14.49 -21.27
N TYR F 69 -9.93 -14.76 -22.24
CA TYR F 69 -9.88 -14.11 -23.54
C TYR F 69 -11.01 -13.10 -23.65
N TRP F 70 -10.82 -12.10 -24.51
CA TRP F 70 -11.88 -11.13 -24.75
C TRP F 70 -11.85 -10.65 -26.18
N GLY F 71 -13.02 -10.56 -26.78
CA GLY F 71 -13.17 -10.08 -28.15
C GLY F 71 -12.58 -11.02 -29.18
N LEU F 72 -12.89 -12.30 -29.08
CA LEU F 72 -12.40 -13.25 -30.06
C LEU F 72 -13.27 -13.19 -31.31
N HIS F 73 -14.45 -13.79 -31.18
CA HIS F 73 -15.46 -13.85 -32.24
C HIS F 73 -16.78 -14.21 -31.59
N THR F 74 -17.87 -13.79 -32.21
CA THR F 74 -19.18 -13.97 -31.64
C THR F 74 -19.61 -15.43 -31.79
N GLY F 75 -20.34 -15.94 -30.81
CA GLY F 75 -20.68 -17.35 -30.75
C GLY F 75 -21.97 -17.70 -31.46
N GLU F 76 -22.44 -18.93 -31.23
CA GLU F 76 -23.58 -19.46 -31.96
C GLU F 76 -24.90 -19.23 -31.20
N ARG F 77 -24.86 -19.18 -29.87
CA ARG F 77 -26.08 -19.22 -29.07
C ARG F 77 -26.28 -17.91 -28.31
N ASP F 78 -26.18 -16.82 -29.07
CA ASP F 78 -26.76 -15.50 -28.75
C ASP F 78 -26.37 -14.87 -27.42
N TRP F 79 -25.30 -15.38 -26.83
CA TRP F 79 -24.65 -14.68 -25.73
C TRP F 79 -23.13 -14.80 -25.77
N HIS F 80 -22.59 -15.76 -26.53
CA HIS F 80 -21.15 -16.01 -26.52
C HIS F 80 -20.43 -14.91 -27.29
N LEU F 81 -20.26 -13.77 -26.63
CA LEU F 81 -19.86 -12.55 -27.29
C LEU F 81 -18.35 -12.33 -27.23
N GLY F 82 -17.61 -13.36 -27.63
CA GLY F 82 -16.15 -13.24 -27.77
C GLY F 82 -15.27 -13.33 -26.55
N GLN F 83 -15.78 -13.91 -25.47
CA GLN F 83 -15.01 -14.04 -24.25
C GLN F 83 -14.92 -15.46 -23.72
N GLY F 84 -13.72 -16.01 -23.69
CA GLY F 84 -13.55 -17.42 -23.41
C GLY F 84 -12.35 -17.71 -22.52
N VAL F 85 -12.09 -19.00 -22.34
CA VAL F 85 -11.14 -19.48 -21.34
C VAL F 85 -10.47 -20.75 -21.88
N SER F 86 -9.17 -20.87 -21.65
CA SER F 86 -8.43 -22.06 -22.07
C SER F 86 -7.48 -22.45 -20.95
N ILE F 87 -7.83 -23.50 -20.23
CA ILE F 87 -7.01 -23.99 -19.14
C ILE F 87 -5.84 -24.80 -19.71
N GLU F 88 -4.67 -24.64 -19.10
CA GLU F 88 -3.42 -25.10 -19.69
C GLU F 88 -2.42 -25.37 -18.58
N TRP F 89 -1.92 -26.61 -18.51
CA TRP F 89 -0.90 -26.99 -17.55
C TRP F 89 0.42 -27.16 -18.29
N ARG F 90 1.41 -26.37 -17.89
CA ARG F 90 2.74 -26.42 -18.50
C ARG F 90 3.73 -27.02 -17.51
N LYS F 91 4.69 -27.78 -18.04
CA LYS F 91 5.71 -28.41 -17.22
C LYS F 91 7.07 -28.09 -17.79
N LYS F 92 7.68 -27.00 -17.29
CA LYS F 92 9.04 -26.57 -17.64
C LYS F 92 9.28 -26.52 -19.16
N ARG F 93 8.49 -25.66 -19.81
CA ARG F 93 8.35 -25.60 -21.28
C ARG F 93 7.90 -26.92 -21.90
N TYR F 94 6.86 -27.52 -21.34
CA TYR F 94 6.09 -28.56 -22.02
C TYR F 94 4.61 -28.36 -21.68
N SER F 95 3.84 -27.95 -22.67
CA SER F 95 2.49 -27.41 -22.47
C SER F 95 1.43 -28.46 -22.81
N THR F 96 0.45 -28.64 -21.93
CA THR F 96 -0.76 -29.35 -22.30
C THR F 96 -2.01 -28.61 -21.86
N GLN F 97 -3.13 -28.97 -22.47
CA GLN F 97 -4.40 -28.29 -22.25
C GLN F 97 -5.43 -29.34 -21.88
N VAL F 98 -6.18 -29.08 -20.81
CA VAL F 98 -6.79 -30.15 -20.06
C VAL F 98 -8.31 -30.06 -20.03
N ASP F 99 -8.93 -31.17 -19.65
CA ASP F 99 -10.38 -31.24 -19.45
C ASP F 99 -10.78 -30.35 -18.27
N PRO F 100 -11.81 -29.51 -18.46
CA PRO F 100 -12.41 -28.84 -17.31
C PRO F 100 -13.01 -29.77 -16.26
N ASP F 101 -13.53 -30.92 -16.69
CA ASP F 101 -14.11 -31.87 -15.74
C ASP F 101 -13.03 -32.58 -14.91
N LEU F 102 -11.79 -32.54 -15.39
CA LEU F 102 -10.66 -33.10 -14.64
C LEU F 102 -9.83 -32.01 -13.95
N ALA F 103 -9.92 -30.77 -14.42
CA ALA F 103 -9.11 -29.69 -13.86
C ALA F 103 -9.54 -29.34 -12.43
N ASP F 104 -10.85 -29.28 -12.20
CA ASP F 104 -11.34 -29.09 -10.84
C ASP F 104 -11.00 -30.29 -9.93
N GLN F 105 -10.88 -31.47 -10.53
CA GLN F 105 -10.36 -32.62 -9.80
C GLN F 105 -8.84 -32.54 -9.63
N LEU F 106 -8.21 -31.66 -10.39
CA LEU F 106 -6.75 -31.48 -10.32
C LEU F 106 -6.34 -30.35 -9.36
N ILE F 107 -7.19 -29.35 -9.17
CA ILE F 107 -7.04 -28.47 -8.02
C ILE F 107 -7.33 -29.26 -6.73
N HIS F 108 -8.27 -30.20 -6.82
CA HIS F 108 -8.68 -31.05 -5.69
C HIS F 108 -7.53 -31.85 -5.07
N LEU F 109 -6.50 -32.15 -5.85
CA LEU F 109 -5.31 -32.82 -5.33
C LEU F 109 -4.48 -31.94 -4.41
N HIS F 110 -4.72 -30.64 -4.41
CA HIS F 110 -4.00 -29.73 -3.54
C HIS F 110 -4.96 -28.83 -2.77
N TYR F 111 -6.10 -28.53 -3.37
CA TYR F 111 -7.07 -27.61 -2.77
C TYR F 111 -8.49 -28.09 -3.06
N PHE F 112 -9.23 -28.48 -2.03
CA PHE F 112 -8.75 -28.44 -0.65
C PHE F 112 -9.12 -29.77 -0.01
N ASP F 113 -8.42 -30.12 1.06
CA ASP F 113 -8.63 -31.40 1.75
C ASP F 113 -9.77 -31.36 2.78
N GLU F 114 -10.62 -30.33 2.68
CA GLU F 114 -11.82 -30.14 3.52
C GLU F 114 -11.55 -30.21 5.02
N GLN F 120 -24.24 -23.86 0.34
CA GLN F 120 -24.42 -23.08 1.55
C GLN F 120 -23.07 -22.69 2.14
N ILE F 121 -22.00 -22.99 1.42
CA ILE F 121 -20.65 -22.73 1.90
C ILE F 121 -20.37 -21.24 1.71
N LYS F 122 -19.67 -20.64 2.67
CA LYS F 122 -19.34 -19.22 2.59
C LYS F 122 -17.83 -19.08 2.38
N PRO F 123 -17.35 -18.89 1.14
CA PRO F 123 -18.06 -19.05 -0.14
C PRO F 123 -17.73 -20.42 -0.75
N PRO F 124 -18.38 -20.80 -1.86
CA PRO F 124 -17.92 -21.99 -2.58
C PRO F 124 -16.50 -21.84 -3.14
N LEU F 125 -15.80 -22.96 -3.29
CA LEU F 125 -14.43 -22.94 -3.80
C LEU F 125 -14.45 -22.67 -5.30
N PRO F 126 -13.40 -22.02 -5.84
CA PRO F 126 -13.38 -21.73 -7.28
C PRO F 126 -13.20 -22.98 -8.11
N SER F 127 -14.27 -23.43 -8.74
CA SER F 127 -14.23 -24.62 -9.58
C SER F 127 -14.49 -24.24 -11.03
N VAL F 128 -13.60 -24.65 -11.92
CA VAL F 128 -13.69 -24.27 -13.32
C VAL F 128 -14.83 -24.98 -14.04
N ARG F 129 -15.33 -26.08 -13.49
CA ARG F 129 -16.47 -26.75 -14.09
C ARG F 129 -17.73 -25.89 -13.91
N LYS F 130 -17.82 -25.18 -12.79
CA LYS F 130 -18.91 -24.23 -12.59
C LYS F 130 -18.83 -23.09 -13.59
N LEU F 131 -17.61 -22.73 -13.99
CA LEU F 131 -17.40 -21.68 -14.98
C LEU F 131 -17.93 -22.13 -16.36
N THR F 132 -17.39 -23.23 -16.87
CA THR F 132 -17.46 -23.51 -18.29
C THR F 132 -18.75 -24.19 -18.73
N GLU F 133 -19.78 -24.24 -17.88
CA GLU F 133 -21.03 -24.83 -18.31
C GLU F 133 -21.93 -23.79 -18.98
N ASP F 134 -22.30 -24.08 -20.22
CA ASP F 134 -23.08 -23.16 -21.03
C ASP F 134 -24.53 -23.10 -20.56
N ARG F 135 -25.02 -21.88 -20.33
CA ARG F 135 -26.38 -21.67 -19.86
C ARG F 135 -27.40 -21.56 -20.99
N TRP F 136 -27.01 -21.94 -22.20
CA TRP F 136 -27.89 -21.75 -23.33
C TRP F 136 -28.17 -23.01 -24.12
N ASN F 137 -27.18 -23.88 -24.25
CA ASN F 137 -27.40 -25.14 -24.95
C ASN F 137 -28.27 -26.09 -24.13
N LYS F 138 -28.03 -26.15 -22.82
CA LYS F 138 -28.86 -26.95 -21.95
C LYS F 138 -30.02 -26.12 -21.40
N ASN G 24 17.03 -7.26 3.13
CA ASN G 24 16.89 -8.66 2.64
C ASN G 24 17.28 -9.80 3.60
N PRO G 25 18.39 -9.67 4.37
CA PRO G 25 18.60 -10.71 5.38
C PRO G 25 17.70 -10.56 6.61
N MET G 26 16.69 -11.41 6.70
CA MET G 26 15.87 -11.47 7.90
C MET G 26 16.70 -12.02 9.06
N GLU G 27 16.55 -11.40 10.23
CA GLU G 27 17.48 -11.67 11.33
C GLU G 27 17.20 -13.02 12.01
N ALA G 28 15.93 -13.30 12.29
CA ALA G 28 15.59 -14.51 13.02
C ALA G 28 14.20 -14.98 12.61
N MET G 29 13.62 -15.90 13.38
CA MET G 29 12.37 -16.52 13.01
C MET G 29 11.67 -17.08 14.25
N ASP G 30 10.35 -17.03 14.24
CA ASP G 30 9.55 -17.55 15.35
C ASP G 30 9.46 -19.08 15.25
N PRO G 31 9.40 -19.76 16.40
CA PRO G 31 9.61 -21.22 16.37
C PRO G 31 8.45 -22.02 15.78
N HIS G 32 7.30 -21.40 15.54
CA HIS G 32 6.21 -22.14 14.92
C HIS G 32 6.38 -22.30 13.41
N ILE G 33 7.33 -21.58 12.81
CA ILE G 33 7.72 -21.89 11.44
C ILE G 33 9.05 -22.64 11.39
N PHE G 34 9.81 -22.63 12.49
CA PHE G 34 10.98 -23.48 12.62
C PHE G 34 10.57 -24.96 12.60
N TYR G 35 9.49 -25.28 13.32
CA TYR G 35 8.98 -26.64 13.33
C TYR G 35 8.19 -26.95 12.06
N PHE G 36 7.66 -25.92 11.42
CA PHE G 36 6.88 -26.11 10.19
C PHE G 36 7.79 -26.39 8.99
N HIS G 37 9.07 -26.03 9.09
CA HIS G 37 9.99 -26.19 7.97
C HIS G 37 11.21 -27.05 8.26
N PHE G 38 11.77 -26.95 9.47
CA PHE G 38 13.03 -27.63 9.74
C PHE G 38 12.85 -28.91 10.53
N LYS G 39 11.73 -29.60 10.34
CA LYS G 39 11.58 -30.95 10.87
C LYS G 39 11.71 -31.99 9.77
N ASN G 40 12.55 -32.98 10.02
CA ASN G 40 12.95 -33.96 9.01
C ASN G 40 12.02 -35.17 9.02
N LEU G 41 10.81 -34.97 8.51
CA LEU G 41 9.79 -36.02 8.53
C LEU G 41 9.26 -36.22 7.12
N ARG G 42 8.17 -36.99 7.01
CA ARG G 42 7.51 -37.26 5.73
C ARG G 42 6.18 -36.51 5.60
N LYS G 43 5.95 -35.54 6.48
CA LYS G 43 4.78 -34.66 6.38
C LYS G 43 5.10 -33.43 5.51
N ALA G 44 6.36 -33.28 5.13
CA ALA G 44 6.88 -31.99 4.68
C ALA G 44 6.89 -31.84 3.15
N TYR G 45 5.91 -32.41 2.46
CA TYR G 45 5.90 -32.36 0.99
C TYR G 45 4.91 -31.34 0.43
N GLY G 46 4.23 -30.58 1.28
CA GLY G 46 3.02 -29.89 0.85
C GLY G 46 3.16 -28.39 0.60
N ARG G 47 4.35 -27.93 0.22
CA ARG G 47 4.54 -26.54 -0.18
C ARG G 47 5.74 -26.40 -1.11
N ASN G 48 5.92 -25.19 -1.64
CA ASN G 48 7.01 -24.91 -2.56
C ASN G 48 8.04 -23.92 -2.01
N GLU G 49 7.99 -23.64 -0.71
CA GLU G 49 8.85 -22.62 -0.12
C GLU G 49 10.08 -23.23 0.54
N SER G 50 11.15 -22.45 0.60
CA SER G 50 12.40 -22.93 1.18
C SER G 50 12.99 -21.87 2.09
N TRP G 51 13.84 -22.32 3.02
CA TRP G 51 14.43 -21.43 4.00
C TRP G 51 15.92 -21.73 4.10
N LEU G 52 16.69 -20.77 4.58
CA LEU G 52 18.09 -21.02 4.89
C LEU G 52 18.53 -20.13 6.03
N CYS G 53 19.57 -20.56 6.73
CA CYS G 53 20.21 -19.75 7.75
C CYS G 53 21.69 -19.72 7.43
N PHE G 54 22.25 -18.54 7.21
CA PHE G 54 23.67 -18.47 6.96
C PHE G 54 24.42 -18.06 8.23
N THR G 55 25.73 -18.27 8.20
CA THR G 55 26.61 -17.81 9.26
C THR G 55 27.93 -17.47 8.58
N MET G 56 28.06 -16.21 8.19
CA MET G 56 29.07 -15.81 7.24
C MET G 56 30.16 -15.05 7.99
N GLU G 57 31.38 -15.58 7.97
CA GLU G 57 32.49 -15.04 8.74
C GLU G 57 33.50 -14.43 7.78
N VAL G 58 33.58 -13.10 7.79
CA VAL G 58 34.55 -12.41 6.96
C VAL G 58 35.93 -12.56 7.60
N VAL G 59 36.96 -12.63 6.74
CA VAL G 59 38.34 -12.49 7.18
C VAL G 59 38.96 -11.44 6.27
N LYS G 60 38.91 -10.18 6.71
CA LYS G 60 39.64 -9.13 6.03
C LYS G 60 41.08 -9.15 6.49
N HIS G 61 42.01 -9.14 5.55
CA HIS G 61 43.42 -9.27 5.88
C HIS G 61 43.93 -7.99 6.54
N HIS G 62 44.75 -8.18 7.57
CA HIS G 62 45.26 -7.10 8.43
C HIS G 62 44.14 -6.29 9.07
N SER G 63 43.10 -7.01 9.50
CA SER G 63 41.90 -6.39 10.08
C SER G 63 41.19 -7.46 10.91
N PRO G 64 40.43 -7.04 11.94
CA PRO G 64 39.80 -8.05 12.80
C PRO G 64 38.64 -8.78 12.13
N VAL G 65 38.35 -9.97 12.64
CA VAL G 65 37.30 -10.81 12.10
C VAL G 65 35.93 -10.31 12.58
N SER G 66 35.08 -9.94 11.62
CA SER G 66 33.71 -9.59 11.94
C SER G 66 32.79 -10.78 11.71
N TRP G 67 31.48 -10.56 11.79
CA TRP G 67 30.53 -11.64 11.63
C TRP G 67 29.28 -11.14 10.93
N LYS G 68 28.61 -12.05 10.23
CA LYS G 68 27.27 -11.82 9.73
C LYS G 68 26.43 -13.05 10.03
N ARG G 69 25.12 -12.85 10.07
CA ARG G 69 24.20 -13.88 10.52
C ARG G 69 22.79 -13.46 10.13
N GLY G 70 21.99 -14.42 9.66
CA GLY G 70 20.62 -14.12 9.31
C GLY G 70 19.95 -15.25 8.57
N VAL G 71 18.68 -15.02 8.23
CA VAL G 71 17.82 -16.04 7.64
C VAL G 71 17.26 -15.45 6.35
N PHE G 72 17.17 -16.28 5.31
CA PHE G 72 16.52 -15.87 4.06
C PHE G 72 15.31 -16.73 3.76
N ARG G 73 14.38 -16.16 3.00
CA ARG G 73 13.24 -16.88 2.48
C ARG G 73 12.98 -16.38 1.06
N ASN G 74 11.89 -16.81 0.45
CA ASN G 74 11.60 -16.39 -0.91
C ASN G 74 10.99 -14.99 -0.96
N ARG G 82 11.78 -15.80 -7.44
CA ARG G 82 13.15 -15.88 -6.95
C ARG G 82 13.28 -16.89 -5.82
N HIS G 83 14.20 -17.83 -5.98
CA HIS G 83 14.38 -18.85 -4.99
C HIS G 83 15.30 -18.34 -3.88
N ALA G 84 15.35 -19.04 -2.75
CA ALA G 84 15.97 -18.48 -1.55
C ALA G 84 17.51 -18.48 -1.63
N GLU G 85 18.09 -19.58 -2.08
CA GLU G 85 19.55 -19.69 -2.09
C GLU G 85 20.21 -18.93 -3.24
N ARG G 86 19.41 -18.38 -4.14
CA ARG G 86 19.92 -17.36 -5.05
C ARG G 86 19.73 -15.96 -4.46
N CYS G 87 18.71 -15.80 -3.63
CA CYS G 87 18.49 -14.53 -2.94
C CYS G 87 19.58 -14.25 -1.92
N PHE G 88 20.28 -15.29 -1.47
CA PHE G 88 21.53 -15.09 -0.75
C PHE G 88 22.56 -14.39 -1.63
N LEU G 89 22.73 -14.90 -2.85
CA LEU G 89 23.81 -14.44 -3.70
C LEU G 89 23.59 -13.04 -4.26
N SER G 90 22.33 -12.66 -4.46
CA SER G 90 22.06 -11.29 -4.87
C SER G 90 22.28 -10.31 -3.73
N TRP G 91 22.12 -10.76 -2.50
CA TRP G 91 22.56 -9.97 -1.36
C TRP G 91 24.07 -10.05 -1.18
N PHE G 92 24.64 -11.20 -1.51
CA PHE G 92 26.05 -11.45 -1.25
C PHE G 92 26.92 -10.62 -2.18
N CYS G 93 26.63 -10.68 -3.47
CA CYS G 93 27.49 -10.04 -4.47
C CYS G 93 27.17 -8.54 -4.63
N ASP G 94 26.20 -8.03 -3.88
CA ASP G 94 25.82 -6.63 -4.04
C ASP G 94 25.98 -5.74 -2.82
N ASP G 95 26.12 -6.33 -1.63
CA ASP G 95 26.25 -5.50 -0.44
C ASP G 95 27.54 -5.73 0.33
N ILE G 96 27.90 -6.98 0.58
CA ILE G 96 28.91 -7.27 1.59
C ILE G 96 30.30 -7.45 0.97
N LEU G 97 30.34 -7.79 -0.31
CA LEU G 97 31.52 -8.38 -0.90
C LEU G 97 32.60 -7.32 -1.14
N SER G 98 33.85 -7.74 -1.02
CA SER G 98 34.99 -6.83 -1.03
C SER G 98 36.23 -7.67 -1.32
N PRO G 99 37.21 -7.11 -2.05
CA PRO G 99 38.39 -7.90 -2.39
C PRO G 99 39.34 -8.09 -1.22
N ASN G 100 40.33 -8.95 -1.44
CA ASN G 100 41.36 -9.28 -0.45
C ASN G 100 40.77 -9.82 0.86
N THR G 101 39.73 -10.63 0.73
CA THR G 101 39.04 -11.19 1.88
C THR G 101 38.97 -12.70 1.79
N ASN G 102 38.56 -13.33 2.88
CA ASN G 102 38.23 -14.74 2.89
C ASN G 102 36.97 -14.94 3.70
N TYR G 103 36.04 -15.73 3.17
CA TYR G 103 34.70 -15.85 3.73
C TYR G 103 34.46 -17.31 4.08
N GLU G 104 33.86 -17.55 5.24
CA GLU G 104 33.41 -18.88 5.62
C GLU G 104 31.89 -18.87 5.72
N VAL G 105 31.26 -19.10 4.59
CA VAL G 105 29.81 -19.15 4.53
C VAL G 105 29.35 -20.52 5.02
N THR G 106 28.29 -20.53 5.82
CA THR G 106 27.77 -21.78 6.34
C THR G 106 26.25 -21.75 6.30
N TRP G 107 25.68 -22.34 5.26
CA TRP G 107 24.23 -22.37 5.14
C TRP G 107 23.63 -23.41 6.09
N TYR G 108 22.32 -23.31 6.27
CA TYR G 108 21.54 -24.30 7.00
C TYR G 108 20.16 -24.34 6.34
N THR G 109 20.01 -25.25 5.38
CA THR G 109 18.86 -25.21 4.50
C THR G 109 17.87 -26.31 4.86
N SER G 110 16.58 -26.02 4.71
CA SER G 110 15.55 -27.04 4.85
C SER G 110 15.74 -28.12 3.80
N TRP G 111 15.53 -27.77 2.54
CA TRP G 111 15.70 -28.71 1.45
C TRP G 111 17.18 -28.83 1.09
N SER G 112 17.46 -29.49 -0.03
CA SER G 112 18.72 -29.27 -0.72
C SER G 112 18.53 -28.05 -1.62
N PRO G 113 19.63 -27.50 -2.17
CA PRO G 113 19.43 -26.55 -3.28
C PRO G 113 18.80 -27.23 -4.49
N CYS G 114 18.00 -26.49 -5.25
CA CYS G 114 17.19 -27.09 -6.31
C CYS G 114 18.08 -27.34 -7.50
N PRO G 115 17.73 -28.31 -8.33
CA PRO G 115 18.61 -28.69 -9.42
C PRO G 115 18.95 -27.55 -10.38
N GLU G 116 18.07 -26.56 -10.50
CA GLU G 116 18.43 -25.34 -11.22
C GLU G 116 19.22 -24.39 -10.32
N CYS G 117 18.96 -24.45 -9.02
CA CYS G 117 19.65 -23.59 -8.06
C CYS G 117 21.11 -24.00 -7.92
N ALA G 118 21.38 -25.30 -7.99
CA ALA G 118 22.76 -25.81 -8.04
C ALA G 118 23.44 -25.39 -9.34
N GLY G 119 22.66 -25.25 -10.40
CA GLY G 119 23.16 -24.75 -11.68
C GLY G 119 23.37 -23.25 -11.74
N GLU G 120 23.26 -22.57 -10.60
CA GLU G 120 23.52 -21.14 -10.54
C GLU G 120 24.20 -20.70 -9.25
N VAL G 121 24.54 -21.64 -8.37
CA VAL G 121 25.32 -21.31 -7.18
C VAL G 121 26.70 -21.94 -7.30
N ALA G 122 26.81 -23.05 -8.01
CA ALA G 122 28.08 -23.75 -8.13
C ALA G 122 29.03 -22.98 -9.04
N GLU G 123 28.48 -22.22 -9.97
CA GLU G 123 29.27 -21.34 -10.82
C GLU G 123 29.79 -20.11 -10.07
N PHE G 124 29.16 -19.78 -8.95
CA PHE G 124 29.61 -18.64 -8.17
C PHE G 124 30.93 -18.92 -7.47
N LEU G 125 30.96 -19.95 -6.64
CA LEU G 125 32.18 -20.29 -5.92
C LEU G 125 33.21 -20.97 -6.81
N ALA G 126 32.84 -21.30 -8.04
CA ALA G 126 33.84 -21.57 -9.07
C ALA G 126 34.65 -20.30 -9.35
N ARG G 127 33.97 -19.18 -9.47
CA ARG G 127 34.63 -17.92 -9.79
C ARG G 127 35.32 -17.31 -8.56
N HIS G 128 34.67 -17.42 -7.41
CA HIS G 128 35.25 -16.89 -6.18
C HIS G 128 35.77 -18.04 -5.34
N SER G 129 37.08 -18.10 -5.17
CA SER G 129 37.70 -19.19 -4.45
C SER G 129 37.96 -18.87 -2.98
N ASN G 130 37.54 -17.69 -2.53
CA ASN G 130 37.75 -17.32 -1.14
C ASN G 130 36.57 -17.65 -0.23
N VAL G 131 35.56 -18.33 -0.78
CA VAL G 131 34.38 -18.68 -0.02
C VAL G 131 34.38 -20.18 0.28
N ASN G 132 34.36 -20.53 1.56
CA ASN G 132 34.30 -21.92 1.97
C ASN G 132 32.86 -22.27 2.35
N LEU G 133 32.00 -22.27 1.34
CA LEU G 133 30.58 -22.47 1.56
C LEU G 133 30.30 -23.91 1.97
N THR G 134 29.29 -24.09 2.82
CA THR G 134 29.06 -25.37 3.45
C THR G 134 27.56 -25.55 3.70
N ILE G 135 26.89 -26.29 2.83
CA ILE G 135 25.48 -26.56 3.02
C ILE G 135 25.35 -27.79 3.92
N LYS G 136 25.26 -27.57 5.22
CA LYS G 136 24.89 -28.66 6.11
C LYS G 136 23.37 -28.63 6.32
N THR G 137 22.67 -29.13 5.31
CA THR G 137 21.23 -28.99 5.23
C THR G 137 20.52 -29.97 6.17
N ALA G 138 19.19 -29.93 6.15
CA ALA G 138 18.39 -30.72 7.08
C ALA G 138 17.64 -31.86 6.35
N ARG G 139 16.84 -31.51 5.35
CA ARG G 139 16.10 -32.50 4.57
C ARG G 139 16.66 -32.59 3.16
N LEU G 140 16.53 -33.78 2.56
CA LEU G 140 16.87 -33.96 1.16
C LEU G 140 15.68 -33.54 0.28
N TYR G 141 15.80 -33.81 -1.01
CA TYR G 141 14.87 -33.26 -1.99
C TYR G 141 13.92 -34.36 -2.46
N TYR G 142 12.63 -34.04 -2.54
CA TYR G 142 11.59 -35.04 -2.79
C TYR G 142 11.66 -35.57 -4.22
N PHE G 143 11.92 -34.69 -5.19
CA PHE G 143 11.98 -35.12 -6.58
C PHE G 143 13.26 -35.90 -6.82
N LYS G 144 13.19 -37.22 -6.62
CA LYS G 144 14.33 -38.10 -6.74
C LYS G 144 14.50 -38.49 -8.20
N ASP G 145 15.41 -37.79 -8.88
CA ASP G 145 15.67 -38.04 -10.29
C ASP G 145 17.13 -37.79 -10.61
N THR G 146 17.50 -37.95 -11.88
CA THR G 146 18.88 -37.80 -12.30
C THR G 146 19.34 -36.34 -12.29
N ASP G 147 18.39 -35.42 -12.44
CA ASP G 147 18.71 -34.00 -12.56
C ASP G 147 19.29 -33.40 -11.27
N ALA G 148 18.99 -34.01 -10.13
CA ALA G 148 19.54 -33.57 -8.85
C ALA G 148 20.71 -34.42 -8.37
N ALA G 149 20.92 -35.58 -9.01
CA ALA G 149 21.96 -36.50 -8.57
C ALA G 149 23.35 -35.92 -8.81
N GLU G 150 23.66 -35.61 -10.07
CA GLU G 150 24.93 -34.98 -10.37
C GLU G 150 24.89 -33.47 -10.12
N GLY G 151 23.69 -32.91 -9.96
CA GLY G 151 23.54 -31.50 -9.64
C GLY G 151 24.05 -31.18 -8.25
N LEU G 152 23.85 -32.09 -7.30
CA LEU G 152 24.49 -31.98 -6.02
C LEU G 152 25.95 -32.44 -6.04
N ARG G 153 26.31 -33.31 -6.99
CA ARG G 153 27.71 -33.66 -7.17
C ARG G 153 28.57 -32.59 -7.83
N SER G 154 28.01 -31.88 -8.79
CA SER G 154 28.77 -30.88 -9.56
C SER G 154 28.91 -29.62 -8.73
N LEU G 155 27.98 -29.44 -7.78
CA LEU G 155 28.11 -28.41 -6.76
C LEU G 155 29.30 -28.68 -5.82
N SER G 156 29.68 -29.96 -5.67
CA SER G 156 30.53 -30.36 -4.55
C SER G 156 32.03 -30.37 -4.82
N GLN G 157 32.49 -30.32 -6.08
CA GLN G 157 33.94 -30.38 -6.30
C GLN G 157 34.64 -29.03 -6.19
N GLU G 158 33.96 -28.02 -5.67
CA GLU G 158 34.54 -26.67 -5.62
C GLU G 158 34.84 -26.21 -4.19
N GLY G 159 34.32 -26.91 -3.20
CA GLY G 159 34.55 -26.55 -1.80
C GLY G 159 33.28 -26.63 -0.99
N ALA G 160 32.16 -26.90 -1.67
CA ALA G 160 30.87 -26.93 -1.01
C ALA G 160 30.70 -28.25 -0.26
N SER G 161 31.14 -28.25 0.99
CA SER G 161 31.10 -29.46 1.81
C SER G 161 29.68 -29.76 2.26
N VAL G 162 28.93 -30.48 1.43
CA VAL G 162 27.56 -30.82 1.74
C VAL G 162 27.52 -31.87 2.86
N GLU G 163 26.75 -31.59 3.90
CA GLU G 163 26.58 -32.52 5.01
C GLU G 163 25.09 -32.58 5.37
N ILE G 164 24.78 -33.24 6.47
CA ILE G 164 23.46 -33.14 7.09
C ILE G 164 23.64 -32.60 8.50
N MET G 165 22.89 -31.56 8.83
CA MET G 165 22.94 -30.98 10.17
C MET G 165 22.30 -31.92 11.18
N GLY G 166 22.83 -31.92 12.39
CA GLY G 166 22.40 -32.86 13.41
C GLY G 166 22.12 -32.15 14.72
N TYR G 167 22.11 -32.91 15.81
CA TYR G 167 21.74 -32.40 17.12
C TYR G 167 22.72 -31.34 17.64
N LYS G 168 23.96 -31.38 17.16
CA LYS G 168 24.90 -30.29 17.45
C LYS G 168 24.50 -29.02 16.69
N ASP G 169 23.85 -29.19 15.55
CA ASP G 169 23.55 -28.06 14.66
C ASP G 169 22.10 -27.60 14.71
N PHE G 170 21.16 -28.48 15.03
CA PHE G 170 19.79 -28.04 15.22
C PHE G 170 19.66 -27.12 16.43
N LYS G 171 20.36 -27.46 17.51
CA LYS G 171 20.37 -26.55 18.66
C LYS G 171 21.24 -25.32 18.40
N TYR G 172 22.19 -25.41 17.48
CA TYR G 172 22.94 -24.23 17.06
C TYR G 172 22.07 -23.31 16.20
N CYS G 173 21.16 -23.89 15.43
CA CYS G 173 20.17 -23.09 14.72
C CYS G 173 19.12 -22.54 15.69
N TRP G 174 18.91 -23.25 16.80
CA TRP G 174 17.91 -22.86 17.77
C TRP G 174 18.37 -21.64 18.58
N GLU G 175 19.62 -21.65 19.02
CA GLU G 175 20.12 -20.59 19.87
C GLU G 175 20.78 -19.45 19.09
N ASN G 176 20.66 -19.47 17.77
CA ASN G 176 21.19 -18.37 16.96
C ASN G 176 20.24 -17.82 15.91
N PHE G 177 19.10 -18.46 15.70
CA PHE G 177 18.18 -18.01 14.66
C PHE G 177 16.73 -17.99 15.07
N VAL G 178 16.41 -18.44 16.28
CA VAL G 178 15.03 -18.66 16.68
C VAL G 178 14.72 -17.79 17.90
N TYR G 179 13.56 -17.13 17.87
CA TYR G 179 13.05 -16.46 19.05
C TYR G 179 12.61 -17.51 20.06
N ASN G 180 13.58 -18.00 20.80
CA ASN G 180 13.42 -19.24 21.56
C ASN G 180 13.03 -19.01 23.01
N ASP G 181 12.48 -17.82 23.30
CA ASP G 181 12.02 -17.43 24.65
C ASP G 181 13.12 -17.37 25.71
N ASP G 182 14.38 -17.52 25.29
CA ASP G 182 15.50 -17.93 26.17
C ASP G 182 15.13 -19.12 27.08
N GLU G 183 14.47 -20.08 26.42
CA GLU G 183 13.99 -21.38 26.90
C GLU G 183 14.79 -22.44 26.11
N PRO G 184 15.23 -23.50 26.79
CA PRO G 184 16.13 -24.46 26.16
C PRO G 184 15.51 -25.24 25.01
N PHE G 185 16.35 -25.92 24.26
CA PHE G 185 15.96 -26.52 22.98
C PHE G 185 15.02 -27.71 23.19
N LYS G 186 13.95 -27.74 22.40
CA LYS G 186 13.02 -28.86 22.39
C LYS G 186 13.33 -29.73 21.17
N PRO G 187 13.84 -30.95 21.40
CA PRO G 187 13.97 -31.89 20.29
C PRO G 187 12.69 -32.67 20.05
N TRP G 188 12.57 -33.22 18.86
CA TRP G 188 11.61 -34.28 18.59
C TRP G 188 12.37 -35.60 18.50
N ASP G 189 11.90 -36.60 19.25
CA ASP G 189 12.63 -37.84 19.38
C ASP G 189 12.50 -38.65 18.09
N GLY G 190 13.62 -38.81 17.39
CA GLY G 190 13.64 -39.49 16.11
C GLY G 190 14.51 -38.79 15.09
N LEU G 191 15.08 -37.66 15.47
CA LEU G 191 15.96 -36.92 14.57
C LEU G 191 17.30 -37.61 14.39
N ASP G 192 17.70 -38.41 15.38
CA ASP G 192 18.97 -39.14 15.31
C ASP G 192 18.91 -40.27 14.28
N TYR G 193 17.72 -40.81 14.06
CA TYR G 193 17.53 -41.86 13.08
C TYR G 193 16.75 -41.41 11.86
N ASN G 194 16.30 -40.15 11.85
CA ASN G 194 16.05 -39.44 10.60
C ASN G 194 17.33 -38.86 10.03
N PHE G 195 18.40 -38.85 10.82
CA PHE G 195 19.70 -38.39 10.35
C PHE G 195 20.32 -39.39 9.38
N LEU G 196 20.42 -40.65 9.82
CA LEU G 196 21.26 -41.63 9.13
C LEU G 196 20.66 -42.08 7.80
N ASP G 197 19.35 -42.32 7.78
CA ASP G 197 18.70 -42.73 6.54
C ASP G 197 18.52 -41.58 5.55
N LEU G 198 18.67 -40.34 6.01
CA LEU G 198 18.81 -39.20 5.09
C LEU G 198 20.26 -38.91 4.75
N ASP G 199 21.18 -39.25 5.65
CA ASP G 199 22.61 -39.19 5.34
C ASP G 199 22.95 -40.23 4.27
N SER G 200 22.34 -41.40 4.35
CA SER G 200 22.63 -42.48 3.41
C SER G 200 22.17 -42.17 1.98
N LYS G 201 21.30 -41.19 1.82
CA LYS G 201 20.94 -40.71 0.49
C LYS G 201 21.91 -39.66 -0.04
N LEU G 202 22.95 -39.33 0.73
CA LEU G 202 24.03 -38.48 0.21
C LEU G 202 25.21 -39.31 -0.29
N GLN G 203 25.62 -40.32 0.47
CA GLN G 203 26.65 -41.23 -0.04
C GLN G 203 26.14 -42.11 -1.18
N GLU G 204 24.82 -42.19 -1.35
CA GLU G 204 24.25 -42.84 -2.52
C GLU G 204 24.50 -42.01 -3.79
N ILE G 205 24.38 -40.69 -3.68
CA ILE G 205 24.59 -39.85 -4.85
C ILE G 205 26.04 -39.40 -4.99
N LEU G 206 26.77 -39.30 -3.89
CA LEU G 206 28.18 -38.91 -3.97
C LEU G 206 29.10 -40.06 -4.40
N GLU G 207 28.56 -41.26 -4.53
CA GLU G 207 29.35 -42.40 -5.00
C GLU G 207 28.65 -43.11 -6.15
N ARG H 3 24.16 10.97 -48.34
CA ARG H 3 24.92 9.87 -47.68
C ARG H 3 24.32 9.56 -46.31
N VAL H 4 24.04 8.28 -46.07
CA VAL H 4 23.54 7.83 -44.77
C VAL H 4 24.39 6.69 -44.18
N VAL H 5 24.79 5.74 -45.02
CA VAL H 5 25.83 4.80 -44.64
C VAL H 5 27.30 5.32 -44.79
N PRO H 6 27.64 6.15 -45.82
CA PRO H 6 29.06 6.55 -45.86
C PRO H 6 29.48 7.61 -44.85
N ASP H 7 28.53 8.33 -44.24
CA ASP H 7 28.92 9.39 -43.32
C ASP H 7 28.98 8.94 -41.87
N GLN H 8 28.33 7.84 -41.51
CA GLN H 8 28.64 7.18 -40.25
C GLN H 8 29.75 6.14 -40.40
N ARG H 9 30.02 5.73 -41.64
CA ARG H 9 31.36 5.24 -41.99
C ARG H 9 32.39 6.33 -41.69
N SER H 10 32.05 7.58 -42.02
CA SER H 10 32.94 8.70 -41.72
C SER H 10 32.89 9.11 -40.25
N LYS H 11 31.93 8.59 -39.49
CA LYS H 11 31.97 8.82 -38.05
C LYS H 11 33.02 7.95 -37.38
N PHE H 12 33.33 6.80 -37.96
CA PHE H 12 34.47 6.03 -37.50
C PHE H 12 35.78 6.77 -37.79
N GLU H 13 35.78 7.60 -38.82
CA GLU H 13 36.90 8.48 -39.09
C GLU H 13 37.01 9.61 -38.06
N ASN H 14 35.88 9.96 -37.44
CA ASN H 14 35.79 11.24 -36.75
C ASN H 14 35.33 11.18 -35.30
N GLU H 15 34.33 10.35 -35.01
CA GLU H 15 33.73 10.36 -33.68
C GLU H 15 34.66 9.69 -32.68
N GLU H 16 35.11 10.44 -31.70
CA GLU H 16 36.27 10.05 -30.91
C GLU H 16 35.93 9.00 -29.86
N PHE H 17 34.66 8.70 -29.65
CA PHE H 17 34.30 7.52 -28.87
C PHE H 17 34.45 6.24 -29.68
N PHE H 18 34.37 6.33 -31.01
CA PHE H 18 34.83 5.23 -31.85
C PHE H 18 36.36 5.17 -31.91
N ARG H 19 37.02 6.30 -31.71
CA ARG H 19 38.47 6.28 -31.54
C ARG H 19 38.86 5.57 -30.25
N LYS H 20 38.21 5.95 -29.15
CA LYS H 20 38.56 5.43 -27.83
C LYS H 20 38.26 3.93 -27.72
N LEU H 21 37.22 3.47 -28.43
CA LEU H 21 36.96 2.05 -28.55
C LEU H 21 38.03 1.36 -29.41
N SER H 22 38.46 2.02 -30.48
CA SER H 22 39.37 1.41 -31.43
C SER H 22 40.79 2.00 -31.36
N ARG H 23 41.31 2.21 -30.13
CA ARG H 23 42.71 2.65 -29.98
C ARG H 23 43.69 1.47 -30.06
N GLU H 24 43.46 0.54 -31.05
CA GLU H 24 44.24 -0.68 -31.31
C GLU H 24 44.70 -1.44 -30.06
N CYS H 25 43.86 -1.45 -29.04
CA CYS H 25 44.33 -1.74 -27.70
C CYS H 25 44.24 -3.23 -27.38
N GLU H 26 44.94 -3.63 -26.33
CA GLU H 26 45.02 -5.03 -25.95
C GLU H 26 43.73 -5.48 -25.28
N ILE H 27 43.49 -6.78 -25.34
CA ILE H 27 42.39 -7.39 -24.62
C ILE H 27 42.93 -8.54 -23.79
N LYS H 28 42.21 -8.88 -22.72
CA LYS H 28 42.69 -9.88 -21.78
C LYS H 28 41.48 -10.56 -21.16
N TYR H 29 41.54 -11.89 -21.05
CA TYR H 29 40.52 -12.63 -20.35
C TYR H 29 40.78 -12.56 -18.85
N THR H 30 40.10 -11.64 -18.17
CA THR H 30 40.13 -11.60 -16.73
C THR H 30 38.99 -12.48 -16.21
N GLY H 31 39.33 -13.73 -15.92
CA GLY H 31 38.35 -14.67 -15.39
C GLY H 31 38.66 -15.03 -13.96
N PHE H 32 39.09 -16.27 -13.76
CA PHE H 32 39.27 -16.82 -12.42
C PHE H 32 40.60 -16.35 -11.83
N ARG H 33 40.70 -15.06 -11.53
CA ARG H 33 42.00 -14.45 -11.25
C ARG H 33 42.56 -14.82 -9.87
N ASP H 34 41.70 -15.18 -8.92
CA ASP H 34 42.19 -15.57 -7.61
C ASP H 34 42.80 -16.97 -7.62
N ARG H 35 42.37 -17.78 -8.59
CA ARG H 35 42.93 -19.09 -8.80
C ARG H 35 44.29 -18.95 -9.49
N PRO H 36 45.17 -19.97 -9.35
CA PRO H 36 46.48 -19.86 -9.97
C PRO H 36 46.45 -19.90 -11.51
N HIS H 37 47.57 -19.53 -12.11
CA HIS H 37 47.62 -19.11 -13.50
C HIS H 37 47.42 -20.28 -14.48
N GLU H 38 47.78 -21.49 -14.08
CA GLU H 38 47.77 -22.61 -15.01
C GLU H 38 46.40 -23.24 -15.18
N GLU H 39 45.59 -23.26 -14.12
CA GLU H 39 44.34 -23.98 -14.16
C GLU H 39 43.28 -23.25 -15.00
N ARG H 40 43.38 -21.92 -15.07
CA ARG H 40 42.31 -21.11 -15.65
C ARG H 40 42.23 -21.21 -17.17
N GLN H 41 43.34 -21.56 -17.82
CA GLN H 41 43.30 -21.79 -19.27
C GLN H 41 42.52 -23.04 -19.63
N ALA H 42 42.48 -24.01 -18.71
CA ALA H 42 41.57 -25.14 -18.86
C ALA H 42 40.12 -24.66 -18.72
N ARG H 43 39.83 -23.89 -17.68
CA ARG H 43 38.49 -23.37 -17.45
C ARG H 43 38.05 -22.42 -18.56
N PHE H 44 39.00 -21.68 -19.13
CA PHE H 44 38.72 -20.87 -20.31
C PHE H 44 38.38 -21.76 -21.49
N GLN H 45 39.19 -22.79 -21.73
CA GLN H 45 38.98 -23.70 -22.85
C GLN H 45 37.71 -24.55 -22.66
N ASN H 46 37.36 -24.87 -21.41
CA ASN H 46 36.12 -25.59 -21.17
C ASN H 46 34.90 -24.70 -21.42
N ALA H 47 35.05 -23.40 -21.18
CA ALA H 47 33.91 -22.48 -21.28
C ALA H 47 33.66 -22.00 -22.70
N CYS H 48 34.65 -22.09 -23.59
CA CYS H 48 34.56 -21.42 -24.89
C CYS H 48 33.55 -22.03 -25.84
N ARG H 49 33.44 -23.36 -25.89
CA ARG H 49 32.64 -23.94 -26.94
C ARG H 49 31.33 -24.56 -26.44
N ASP H 50 31.18 -24.69 -25.13
CA ASP H 50 29.88 -25.09 -24.59
C ASP H 50 29.00 -23.87 -24.33
N GLY H 51 27.72 -24.11 -24.11
CA GLY H 51 26.82 -23.04 -23.77
C GLY H 51 26.80 -22.78 -22.28
N ARG H 52 25.69 -22.19 -21.81
CA ARG H 52 25.36 -22.05 -20.38
C ARG H 52 26.37 -21.23 -19.59
N SER H 53 27.17 -20.41 -20.27
CA SER H 53 28.21 -19.63 -19.61
C SER H 53 28.53 -18.40 -20.43
N GLU H 54 29.21 -17.46 -19.80
CA GLU H 54 29.67 -16.25 -20.46
C GLU H 54 31.19 -16.20 -20.47
N ILE H 55 31.72 -15.30 -21.29
CA ILE H 55 33.15 -15.01 -21.29
C ILE H 55 33.34 -13.49 -21.34
N ALA H 56 34.40 -13.03 -20.69
CA ALA H 56 34.67 -11.60 -20.56
C ALA H 56 35.90 -11.24 -21.38
N PHE H 57 35.97 -10.00 -21.84
CA PHE H 57 37.16 -9.47 -22.48
C PHE H 57 37.34 -8.00 -22.10
N VAL H 58 38.24 -7.75 -21.16
CA VAL H 58 38.52 -6.40 -20.72
C VAL H 58 39.31 -5.65 -21.81
N ALA H 59 39.28 -4.32 -21.75
CA ALA H 59 40.01 -3.51 -22.71
C ALA H 59 41.43 -3.16 -22.24
N THR H 60 41.81 -3.65 -21.05
CA THR H 60 43.16 -3.55 -20.47
C THR H 60 43.63 -2.15 -20.11
N GLY H 61 42.82 -1.13 -20.41
CA GLY H 61 43.14 0.23 -20.02
C GLY H 61 41.95 0.92 -19.37
N THR H 62 40.77 0.40 -19.61
CA THR H 62 39.54 1.04 -19.17
C THR H 62 38.65 0.09 -18.39
N ASN H 63 37.51 0.59 -17.94
CA ASN H 63 36.47 -0.24 -17.33
C ASN H 63 35.44 -0.72 -18.34
N LEU H 64 35.90 -0.97 -19.57
CA LEU H 64 35.06 -1.50 -20.63
C LEU H 64 35.32 -2.99 -20.76
N SER H 65 34.26 -3.74 -21.06
CA SER H 65 34.37 -5.17 -21.26
C SER H 65 33.40 -5.65 -22.31
N LEU H 66 33.71 -6.80 -22.90
CA LEU H 66 32.83 -7.44 -23.88
C LEU H 66 32.34 -8.76 -23.30
N GLN H 67 31.03 -8.92 -23.26
CA GLN H 67 30.41 -10.09 -22.65
C GLN H 67 29.63 -10.88 -23.70
N PHE H 68 29.95 -12.17 -23.81
CA PHE H 68 29.31 -13.05 -24.76
C PHE H 68 28.29 -13.91 -24.02
N PHE H 69 27.09 -13.40 -23.89
CA PHE H 69 26.03 -14.21 -23.35
C PHE H 69 25.56 -15.21 -24.41
N PRO H 70 25.08 -16.37 -23.98
CA PRO H 70 24.42 -17.26 -24.93
C PRO H 70 23.15 -16.64 -25.49
N ALA H 71 22.84 -16.96 -26.74
CA ALA H 71 21.73 -16.33 -27.43
C ALA H 71 20.37 -16.76 -26.89
N SER H 72 20.32 -17.80 -26.07
CA SER H 72 19.09 -18.15 -25.35
C SER H 72 18.78 -17.17 -24.21
N TRP H 73 19.75 -16.34 -23.83
CA TRP H 73 19.52 -15.34 -22.78
C TRP H 73 19.12 -14.01 -23.40
N ARG H 83 28.91 -14.55 -38.33
CA ARG H 83 28.59 -13.48 -37.38
C ARG H 83 29.26 -13.73 -36.04
N GLU H 84 28.47 -13.86 -34.99
CA GLU H 84 28.99 -14.11 -33.65
C GLU H 84 29.47 -15.54 -33.54
N TYR H 85 30.75 -15.72 -33.19
CA TYR H 85 31.25 -17.05 -32.93
C TYR H 85 32.36 -17.04 -31.88
N VAL H 86 32.40 -18.10 -31.09
CA VAL H 86 33.56 -18.46 -30.29
C VAL H 86 33.97 -19.85 -30.74
N ASP H 87 35.20 -19.99 -31.21
CA ASP H 87 35.62 -21.26 -31.77
C ASP H 87 37.09 -21.57 -31.50
N LEU H 88 37.40 -22.86 -31.50
CA LEU H 88 38.76 -23.35 -31.36
C LEU H 88 39.34 -23.86 -32.69
N GLU H 89 38.52 -23.92 -33.74
CA GLU H 89 38.88 -24.66 -34.95
C GLU H 89 39.75 -23.85 -35.92
N ARG H 90 40.00 -22.58 -35.62
CA ARG H 90 40.82 -21.77 -36.50
C ARG H 90 42.29 -22.18 -36.42
N GLU H 91 42.89 -22.06 -35.24
CA GLU H 91 44.22 -22.61 -35.01
C GLU H 91 44.21 -23.48 -33.77
N ALA H 92 45.16 -24.42 -33.71
CA ALA H 92 45.29 -25.28 -32.54
C ALA H 92 45.97 -24.51 -31.41
N GLY H 93 45.29 -24.43 -30.27
CA GLY H 93 45.83 -23.72 -29.11
C GLY H 93 45.67 -22.20 -29.21
N LYS H 94 44.66 -21.76 -29.96
CA LYS H 94 44.37 -20.33 -30.08
C LYS H 94 42.93 -20.18 -30.57
N VAL H 95 42.23 -19.21 -29.99
CA VAL H 95 40.83 -18.99 -30.30
C VAL H 95 40.66 -17.61 -30.95
N TYR H 96 39.93 -17.56 -32.05
CA TYR H 96 39.56 -16.30 -32.68
C TYR H 96 38.16 -15.89 -32.26
N LEU H 97 37.97 -14.58 -32.14
CA LEU H 97 36.70 -14.03 -31.68
C LEU H 97 36.21 -13.01 -32.69
N LYS H 98 34.92 -13.05 -32.99
CA LYS H 98 34.29 -12.03 -33.82
C LYS H 98 32.80 -11.97 -33.52
N ALA H 99 32.29 -10.76 -33.40
CA ALA H 99 30.87 -10.53 -33.12
C ALA H 99 30.48 -9.11 -33.56
N PRO H 100 29.33 -8.97 -34.24
CA PRO H 100 28.82 -7.66 -34.56
C PRO H 100 27.92 -7.07 -33.48
N MET H 101 27.79 -5.75 -33.49
CA MET H 101 26.93 -5.06 -32.55
C MET H 101 26.45 -3.76 -33.20
N ILE H 102 25.56 -3.07 -32.51
CA ILE H 102 25.01 -1.82 -33.00
C ILE H 102 25.34 -0.73 -31.98
N LEU H 103 26.49 -0.10 -32.17
CA LEU H 103 27.03 0.83 -31.17
C LEU H 103 26.88 2.25 -31.69
N ASN H 104 26.28 3.11 -30.86
CA ASN H 104 25.82 4.46 -31.26
C ASN H 104 24.97 4.43 -32.52
N GLY H 105 24.07 3.45 -32.60
CA GLY H 105 23.14 3.38 -33.71
C GLY H 105 23.68 2.71 -34.97
N VAL H 106 24.99 2.55 -35.08
CA VAL H 106 25.58 2.04 -36.32
C VAL H 106 26.15 0.65 -36.13
N CYS H 107 26.15 -0.12 -37.21
CA CYS H 107 26.55 -1.53 -37.16
C CYS H 107 28.07 -1.62 -37.26
N VAL H 108 28.72 -1.89 -36.14
CA VAL H 108 30.16 -2.08 -36.09
C VAL H 108 30.42 -3.48 -35.54
N ILE H 109 31.36 -4.18 -36.17
CA ILE H 109 31.67 -5.55 -35.78
C ILE H 109 32.98 -5.55 -34.97
N TRP H 110 32.99 -6.34 -33.90
CA TRP H 110 34.17 -6.44 -33.04
C TRP H 110 34.84 -7.78 -33.27
N LYS H 111 36.15 -7.76 -33.48
CA LYS H 111 36.90 -8.97 -33.71
C LYS H 111 38.28 -8.85 -33.08
N GLY H 112 38.88 -9.98 -32.77
CA GLY H 112 40.17 -9.99 -32.12
C GLY H 112 40.63 -11.39 -31.80
N TRP H 113 41.92 -11.51 -31.53
CA TRP H 113 42.52 -12.78 -31.14
C TRP H 113 43.00 -12.74 -29.71
N ILE H 114 43.12 -13.92 -29.11
CA ILE H 114 43.56 -14.04 -27.73
C ILE H 114 44.37 -15.32 -27.57
N ASP H 115 45.55 -15.20 -26.96
CA ASP H 115 46.44 -16.34 -26.78
C ASP H 115 45.87 -17.26 -25.72
N LEU H 116 45.64 -18.52 -26.08
CA LEU H 116 44.98 -19.46 -25.19
C LEU H 116 45.88 -19.89 -24.01
N GLN H 117 47.18 -19.65 -24.12
CA GLN H 117 48.12 -20.04 -23.08
C GLN H 117 48.49 -18.89 -22.14
N ARG H 118 48.67 -17.69 -22.69
CA ARG H 118 49.00 -16.52 -21.88
C ARG H 118 47.75 -15.85 -21.30
N LEU H 119 46.62 -15.99 -22.00
CA LEU H 119 45.45 -15.13 -21.84
C LEU H 119 45.82 -13.64 -21.90
N ASP H 120 46.55 -13.29 -22.95
CA ASP H 120 46.86 -11.90 -23.26
C ASP H 120 46.89 -11.78 -24.78
N GLY H 121 46.06 -10.90 -25.31
CA GLY H 121 45.83 -10.87 -26.75
C GLY H 121 45.66 -9.46 -27.29
N MET H 122 44.99 -9.37 -28.43
CA MET H 122 44.81 -8.10 -29.13
C MET H 122 43.49 -8.14 -29.88
N GLY H 123 42.73 -7.06 -29.78
CA GLY H 123 41.44 -7.00 -30.43
C GLY H 123 41.10 -5.57 -30.79
N CYS H 124 40.44 -5.38 -31.92
CA CYS H 124 39.96 -4.08 -32.33
C CYS H 124 38.74 -4.23 -33.21
N LEU H 125 37.79 -3.32 -33.03
CA LEU H 125 36.54 -3.33 -33.77
C LEU H 125 36.69 -2.46 -35.01
N GLU H 126 36.28 -3.00 -36.16
CA GLU H 126 36.25 -2.26 -37.42
C GLU H 126 34.80 -2.12 -37.87
N PHE H 127 34.53 -1.07 -38.64
CA PHE H 127 33.18 -0.79 -39.08
C PHE H 127 32.74 -1.82 -40.12
N ASP H 128 31.47 -2.20 -40.03
CA ASP H 128 30.95 -3.33 -40.77
C ASP H 128 30.11 -2.79 -41.95
N GLU H 129 30.47 -3.22 -43.16
CA GLU H 129 29.90 -2.65 -44.37
C GLU H 129 28.91 -3.59 -45.07
N GLU H 130 28.96 -4.89 -44.75
CA GLU H 130 28.22 -5.89 -45.51
C GLU H 130 26.71 -5.85 -45.18
N ARG H 131 26.36 -6.07 -43.91
CA ARG H 131 24.98 -5.88 -43.48
C ARG H 131 24.67 -4.44 -43.07
N ALA H 132 25.51 -3.50 -43.50
CA ALA H 132 25.19 -2.08 -43.39
C ALA H 132 24.11 -1.66 -44.38
N GLN H 133 23.74 -2.53 -45.31
CA GLN H 133 22.48 -2.37 -46.05
C GLN H 133 21.29 -2.91 -45.25
N GLN H 134 21.57 -3.74 -44.26
CA GLN H 134 20.52 -4.38 -43.46
C GLN H 134 20.25 -3.56 -42.19
N GLU H 135 20.37 -2.25 -42.27
CA GLU H 135 20.26 -1.42 -41.08
C GLU H 135 18.79 -1.20 -40.72
N ASP H 136 18.17 -0.25 -41.41
CA ASP H 136 16.74 0.08 -41.37
C ASP H 136 16.57 1.24 -42.36
N ALA H 137 15.36 1.77 -42.47
CA ALA H 137 15.06 2.83 -43.43
C ALA H 137 15.00 4.21 -42.77
N LEU H 138 14.15 4.35 -41.75
CA LEU H 138 14.00 5.64 -41.07
C LEU H 138 14.25 5.54 -39.55
N ALA H 139 13.97 4.39 -38.96
CA ALA H 139 14.23 4.20 -37.54
C ALA H 139 15.69 3.89 -37.25
N GLN H 140 16.49 3.64 -38.29
CA GLN H 140 17.93 3.79 -38.18
C GLN H 140 18.29 5.25 -37.91
N GLN H 141 17.65 6.15 -38.64
CA GLN H 141 17.87 7.59 -38.47
C GLN H 141 17.22 8.12 -37.18
N ALA H 142 16.46 7.28 -36.47
CA ALA H 142 15.84 7.69 -35.21
C ALA H 142 16.88 8.02 -34.13
N PHE H 143 18.05 7.42 -34.22
CA PHE H 143 19.15 7.84 -33.36
C PHE H 143 19.85 9.09 -33.87
N GLU H 144 19.54 9.51 -35.10
CA GLU H 144 20.03 10.79 -35.59
C GLU H 144 18.85 11.77 -35.65
N GLU H 145 17.68 11.34 -35.19
CA GLU H 145 16.75 12.24 -34.49
C GLU H 145 17.20 12.55 -33.06
N ALA H 146 18.35 12.00 -32.65
CA ALA H 146 18.97 12.36 -31.38
C ALA H 146 20.46 12.73 -31.50
N ARG H 147 21.19 12.05 -32.38
CA ARG H 147 22.62 12.32 -32.56
C ARG H 147 22.86 13.56 -33.40
N ARG H 148 22.37 13.55 -34.64
CA ARG H 148 22.40 14.75 -35.48
C ARG H 148 21.45 15.83 -34.94
N ARG H 149 20.29 15.40 -34.45
CA ARG H 149 19.29 16.32 -33.91
C ARG H 149 19.52 16.46 -32.41
N THR H 150 20.38 17.39 -32.04
CA THR H 150 20.57 17.76 -30.65
C THR H 150 19.76 19.01 -30.33
N ARG H 151 19.44 19.18 -29.05
CA ARG H 151 18.46 20.18 -28.64
C ARG H 151 18.58 20.45 -27.14
N MET I 1 27.28 -26.76 -34.24
CA MET I 1 28.28 -26.54 -33.17
C MET I 1 27.56 -26.22 -31.87
N GLU I 2 27.17 -24.96 -31.73
CA GLU I 2 26.44 -24.47 -30.55
C GLU I 2 25.74 -23.18 -30.93
N ASN I 3 25.25 -22.44 -29.95
CA ASN I 3 24.38 -21.31 -30.23
C ASN I 3 25.23 -20.11 -30.67
N ARG I 4 24.61 -18.97 -30.91
CA ARG I 4 25.37 -17.77 -31.15
C ARG I 4 25.66 -17.06 -29.82
N TRP I 5 26.28 -15.89 -29.90
CA TRP I 5 26.74 -15.18 -28.71
C TRP I 5 26.27 -13.74 -28.75
N GLN I 6 25.08 -13.50 -28.18
CA GLN I 6 24.49 -12.17 -28.07
C GLN I 6 25.37 -11.25 -27.23
N VAL I 7 25.89 -10.19 -27.86
CA VAL I 7 26.77 -9.28 -27.14
C VAL I 7 25.99 -8.08 -26.60
N MET I 8 26.43 -7.59 -25.46
CA MET I 8 26.07 -6.26 -24.96
C MET I 8 27.33 -5.65 -24.39
N ILE I 9 27.62 -4.42 -24.76
CA ILE I 9 28.85 -3.78 -24.34
C ILE I 9 28.70 -3.34 -22.86
N VAL I 10 29.18 -4.18 -21.95
CA VAL I 10 28.94 -3.98 -20.53
C VAL I 10 30.10 -3.23 -19.92
N TRP I 11 29.80 -2.04 -19.39
CA TRP I 11 30.78 -1.27 -18.63
C TRP I 11 30.83 -1.83 -17.23
N GLN I 12 31.94 -2.45 -16.86
CA GLN I 12 32.05 -2.99 -15.51
C GLN I 12 32.31 -1.84 -14.55
N VAL I 13 31.68 -1.89 -13.38
CA VAL I 13 31.83 -0.85 -12.39
C VAL I 13 31.99 -1.50 -11.02
N ASP I 14 31.97 -0.66 -9.98
CA ASP I 14 32.25 -1.12 -8.63
C ASP I 14 31.00 -1.75 -8.02
N ARG I 15 31.03 -1.95 -6.71
CA ARG I 15 29.84 -2.34 -5.95
C ARG I 15 29.10 -1.09 -5.44
N MET I 16 29.85 -0.01 -5.19
CA MET I 16 29.34 1.12 -4.44
C MET I 16 28.57 2.13 -5.29
N ARG I 17 29.05 2.46 -6.48
CA ARG I 17 28.33 3.40 -7.33
C ARG I 17 27.06 2.81 -7.93
N ILE I 18 26.97 1.48 -7.98
CA ILE I 18 25.70 0.82 -8.26
C ILE I 18 24.69 1.13 -7.14
N ASN I 19 25.15 1.01 -5.90
CA ASN I 19 24.28 1.31 -4.78
C ASN I 19 24.29 2.78 -4.38
N THR I 20 24.74 3.66 -5.27
CA THR I 20 24.30 5.04 -5.24
C THR I 20 23.51 5.41 -6.47
N TRP I 21 23.55 4.56 -7.49
CA TRP I 21 22.64 4.70 -8.62
C TRP I 21 21.24 4.21 -8.24
N LYS I 22 21.18 3.11 -7.49
CA LYS I 22 19.90 2.60 -7.03
C LYS I 22 19.26 3.47 -5.94
N ARG I 23 19.98 4.45 -5.44
CA ARG I 23 19.44 5.35 -4.43
C ARG I 23 19.15 6.74 -4.97
N LEU I 24 19.71 7.09 -6.12
CA LEU I 24 19.34 8.35 -6.76
C LEU I 24 18.13 8.20 -7.68
N VAL I 25 18.07 7.10 -8.42
CA VAL I 25 16.90 6.86 -9.25
C VAL I 25 15.66 6.56 -8.39
N LYS I 26 15.83 5.80 -7.31
CA LYS I 26 14.74 5.63 -6.37
C LYS I 26 14.42 6.91 -5.60
N HIS I 27 15.34 7.86 -5.57
CA HIS I 27 15.01 9.18 -5.05
C HIS I 27 14.20 9.98 -6.06
N HIS I 28 14.65 10.01 -7.31
CA HIS I 28 14.00 10.78 -8.36
C HIS I 28 12.83 10.05 -9.00
N MET I 29 12.33 8.99 -8.37
CA MET I 29 11.08 8.37 -8.80
C MET I 29 9.96 8.62 -7.80
N TYR I 30 10.14 8.19 -6.57
CA TYR I 30 9.03 8.13 -5.64
C TYR I 30 8.86 9.40 -4.82
N ILE I 31 9.85 9.73 -4.00
CA ILE I 31 9.65 10.78 -3.02
C ILE I 31 9.88 12.17 -3.62
N SER I 32 10.85 12.27 -4.51
CA SER I 32 10.93 13.39 -5.43
C SER I 32 10.60 12.89 -6.83
N ARG I 33 9.89 13.71 -7.60
CA ARG I 33 9.38 13.26 -8.88
C ARG I 33 9.80 14.23 -9.98
N LYS I 34 11.09 14.54 -10.01
CA LYS I 34 11.64 15.35 -11.09
C LYS I 34 11.56 14.63 -12.43
N ALA I 35 11.95 13.36 -12.44
CA ALA I 35 11.77 12.50 -13.61
C ALA I 35 11.08 11.22 -13.17
N LYS I 36 9.75 11.27 -13.13
CA LYS I 36 8.97 10.21 -12.51
C LYS I 36 8.56 9.10 -13.49
N ASP I 37 8.82 9.28 -14.77
CA ASP I 37 8.39 8.30 -15.78
C ASP I 37 9.47 7.25 -16.08
N TRP I 38 10.06 6.67 -15.05
CA TRP I 38 11.13 5.69 -15.24
C TRP I 38 10.73 4.38 -14.60
N PHE I 39 10.24 3.44 -15.40
CA PHE I 39 9.68 2.20 -14.87
C PHE I 39 10.80 1.24 -14.51
N TYR I 40 11.11 1.18 -13.21
CA TYR I 40 12.17 0.33 -12.69
C TYR I 40 11.58 -1.05 -12.42
N ARG I 41 11.65 -1.93 -13.41
CA ARG I 41 11.07 -3.25 -13.22
C ARG I 41 12.04 -4.13 -12.45
N HIS I 42 11.49 -5.10 -11.72
CA HIS I 42 12.24 -5.79 -10.69
C HIS I 42 12.91 -7.04 -11.26
N HIS I 43 13.36 -7.92 -10.36
CA HIS I 43 14.33 -8.97 -10.68
C HIS I 43 13.78 -10.04 -11.63
N TYR I 44 12.72 -10.73 -11.22
CA TYR I 44 12.28 -11.93 -11.93
C TYR I 44 11.31 -11.66 -13.07
N GLU I 45 11.30 -10.44 -13.60
CA GLU I 45 10.66 -10.17 -14.88
C GLU I 45 11.63 -10.23 -16.05
N SER I 46 12.71 -11.00 -15.90
CA SER I 46 13.74 -11.12 -16.93
C SER I 46 14.03 -12.58 -17.24
N THR I 47 14.63 -12.82 -18.40
CA THR I 47 15.02 -14.16 -18.80
C THR I 47 16.52 -14.42 -18.67
N ASN I 48 17.32 -13.36 -18.67
CA ASN I 48 18.77 -13.49 -18.50
C ASN I 48 19.09 -13.51 -17.01
N PRO I 49 19.71 -14.60 -16.52
CA PRO I 49 19.91 -14.74 -15.08
C PRO I 49 20.94 -13.78 -14.48
N LYS I 50 21.74 -13.14 -15.33
CA LYS I 50 22.74 -12.19 -14.85
C LYS I 50 22.23 -10.75 -14.89
N ILE I 51 20.92 -10.56 -14.78
CA ILE I 51 20.33 -9.23 -14.76
C ILE I 51 19.84 -8.94 -13.36
N SER I 52 20.26 -7.80 -12.81
CA SER I 52 19.72 -7.34 -11.53
C SER I 52 18.37 -6.65 -11.73
N SER I 53 18.38 -5.54 -12.45
CA SER I 53 17.17 -4.74 -12.62
C SER I 53 17.35 -3.78 -13.78
N GLU I 54 16.45 -3.85 -14.75
CA GLU I 54 16.43 -2.88 -15.83
C GLU I 54 15.87 -1.56 -15.33
N VAL I 55 16.31 -0.46 -15.94
CA VAL I 55 15.66 0.81 -15.73
C VAL I 55 15.07 1.27 -17.05
N HIS I 56 13.83 0.88 -17.31
CA HIS I 56 13.12 1.29 -18.52
C HIS I 56 12.75 2.76 -18.41
N ILE I 57 13.42 3.60 -19.19
CA ILE I 57 13.04 5.01 -19.27
C ILE I 57 12.42 5.27 -20.64
N PRO I 58 11.08 5.44 -20.70
CA PRO I 58 10.47 5.80 -21.97
C PRO I 58 10.83 7.21 -22.37
N LEU I 59 11.62 7.32 -23.44
CA LEU I 59 12.16 8.60 -23.85
C LEU I 59 11.45 9.06 -25.11
N GLY I 60 10.28 9.64 -24.93
CA GLY I 60 9.46 10.08 -26.06
C GLY I 60 8.86 8.91 -26.81
N ASP I 61 9.39 8.64 -28.00
CA ASP I 61 8.82 7.64 -28.88
C ASP I 61 9.08 6.22 -28.37
N ALA I 62 10.31 5.95 -27.95
CA ALA I 62 10.71 4.60 -27.55
C ALA I 62 11.56 4.66 -26.29
N LYS I 63 11.80 3.48 -25.71
CA LYS I 63 12.40 3.37 -24.38
C LYS I 63 13.91 3.18 -24.46
N LEU I 64 14.63 3.97 -23.67
CA LEU I 64 16.01 3.66 -23.31
C LEU I 64 15.98 2.78 -22.07
N VAL I 65 16.86 1.79 -22.02
CA VAL I 65 16.98 0.96 -20.83
C VAL I 65 18.39 1.06 -20.29
N ILE I 66 18.51 0.89 -18.98
CA ILE I 66 19.80 0.82 -18.32
C ILE I 66 19.71 -0.36 -17.35
N THR I 67 20.46 -1.41 -17.64
CA THR I 67 20.34 -2.63 -16.87
C THR I 67 21.59 -2.85 -16.03
N THR I 68 21.45 -3.66 -14.99
CA THR I 68 22.51 -3.84 -14.01
C THR I 68 22.84 -5.33 -13.95
N TYR I 69 24.12 -5.65 -14.05
CA TYR I 69 24.58 -7.03 -14.05
C TYR I 69 25.23 -7.35 -12.71
N TRP I 70 25.24 -8.63 -12.37
CA TRP I 70 25.91 -9.05 -11.14
C TRP I 70 26.51 -10.43 -11.31
N GLY I 71 27.73 -10.59 -10.84
CA GLY I 71 28.43 -11.87 -10.88
C GLY I 71 28.79 -12.30 -12.28
N LEU I 72 29.37 -11.40 -13.06
CA LEU I 72 29.78 -11.76 -14.41
C LEU I 72 31.13 -12.49 -14.35
N HIS I 73 32.17 -11.69 -14.13
CA HIS I 73 33.56 -12.17 -14.02
C HIS I 73 34.36 -11.06 -13.36
N THR I 74 35.42 -11.46 -12.68
CA THR I 74 36.21 -10.53 -11.92
C THR I 74 37.07 -9.68 -12.86
N GLY I 75 37.28 -8.42 -12.51
CA GLY I 75 37.94 -7.47 -13.39
C GLY I 75 39.44 -7.43 -13.22
N GLU I 76 40.06 -6.41 -13.83
CA GLU I 76 41.51 -6.32 -13.90
C GLU I 76 42.08 -5.48 -12.74
N ARG I 77 41.33 -4.50 -12.24
CA ARG I 77 41.89 -3.51 -11.33
C ARG I 77 41.25 -3.61 -9.95
N ASP I 78 41.24 -4.83 -9.45
CA ASP I 78 41.14 -5.17 -8.01
C ASP I 78 39.93 -4.63 -7.26
N TRP I 79 38.92 -4.20 -8.01
CA TRP I 79 37.61 -3.96 -7.42
C TRP I 79 36.46 -4.38 -8.32
N HIS I 80 36.72 -4.57 -9.63
CA HIS I 80 35.66 -4.86 -10.58
C HIS I 80 35.16 -6.28 -10.40
N LEU I 81 34.34 -6.48 -9.38
CA LEU I 81 34.01 -7.81 -8.89
C LEU I 81 32.72 -8.33 -9.51
N GLY I 82 32.65 -8.27 -10.84
CA GLY I 82 31.54 -8.88 -11.57
C GLY I 82 30.21 -8.16 -11.67
N GLN I 83 30.22 -6.86 -11.45
CA GLN I 83 28.99 -6.08 -11.52
C GLN I 83 29.07 -4.89 -12.46
N GLY I 84 28.27 -4.91 -13.52
CA GLY I 84 28.41 -3.95 -14.59
C GLY I 84 27.07 -3.46 -15.12
N VAL I 85 27.15 -2.66 -16.18
CA VAL I 85 26.01 -1.91 -16.69
C VAL I 85 26.15 -1.80 -18.22
N SER I 86 25.04 -1.94 -18.92
CA SER I 86 25.03 -1.81 -20.37
C SER I 86 23.79 -1.02 -20.78
N ILE I 87 24.00 0.24 -21.14
CA ILE I 87 22.92 1.11 -21.55
C ILE I 87 22.54 0.78 -23.00
N GLU I 88 21.24 0.81 -23.28
CA GLU I 88 20.71 0.24 -24.51
C GLU I 88 19.40 0.95 -24.85
N TRP I 89 19.34 1.56 -26.04
CA TRP I 89 18.14 2.21 -26.52
C TRP I 89 17.53 1.33 -27.63
N ARG I 90 16.30 0.90 -27.40
CA ARG I 90 15.59 0.06 -28.36
C ARG I 90 14.45 0.86 -29.00
N LYS I 91 14.21 0.61 -30.28
CA LYS I 91 13.15 1.29 -31.01
C LYS I 91 12.28 0.26 -31.69
N LYS I 92 11.21 -0.16 -31.01
CA LYS I 92 10.19 -1.08 -31.53
C LYS I 92 10.79 -2.34 -32.16
N ARG I 93 11.51 -3.09 -31.32
CA ARG I 93 12.38 -4.21 -31.74
C ARG I 93 13.46 -3.81 -32.73
N TYR I 94 14.16 -2.72 -32.44
CA TYR I 94 15.46 -2.42 -33.06
C TYR I 94 16.38 -1.83 -32.00
N SER I 95 17.39 -2.59 -31.63
CA SER I 95 18.19 -2.34 -30.43
C SER I 95 19.53 -1.69 -30.80
N THR I 96 19.89 -0.62 -30.09
CA THR I 96 21.25 -0.13 -30.13
C THR I 96 21.80 0.17 -28.73
N GLN I 97 23.11 0.23 -28.63
CA GLN I 97 23.80 0.40 -27.35
C GLN I 97 24.73 1.58 -27.47
N VAL I 98 24.68 2.48 -26.49
CA VAL I 98 25.08 3.84 -26.72
C VAL I 98 26.24 4.27 -25.83
N ASP I 99 26.87 5.37 -26.20
CA ASP I 99 27.93 6.01 -25.42
C ASP I 99 27.34 6.52 -24.10
N PRO I 100 28.01 6.21 -22.98
CA PRO I 100 27.67 6.88 -21.73
C PRO I 100 27.87 8.40 -21.74
N ASP I 101 28.85 8.88 -22.50
CA ASP I 101 29.09 10.33 -22.58
C ASP I 101 28.01 11.04 -23.39
N LEU I 102 27.26 10.27 -24.20
CA LEU I 102 26.14 10.83 -24.96
C LEU I 102 24.79 10.49 -24.31
N ALA I 103 24.74 9.45 -23.48
CA ALA I 103 23.48 9.02 -22.89
C ALA I 103 22.95 10.04 -21.87
N ASP I 104 23.85 10.58 -21.05
CA ASP I 104 23.45 11.66 -20.15
C ASP I 104 23.07 12.94 -20.92
N GLN I 105 23.64 13.12 -22.11
CA GLN I 105 23.18 14.17 -23.00
C GLN I 105 21.87 13.81 -23.69
N LEU I 106 21.49 12.53 -23.63
CA LEU I 106 20.26 12.05 -24.23
C LEU I 106 19.09 12.01 -23.24
N ILE I 107 19.36 11.85 -21.95
CA ILE I 107 18.36 12.18 -20.94
C ILE I 107 18.14 13.70 -20.92
N HIS I 108 19.22 14.45 -21.18
CA HIS I 108 19.20 15.92 -21.20
C HIS I 108 18.20 16.51 -22.21
N LEU I 109 17.88 15.77 -23.27
CA LEU I 109 16.87 16.20 -24.23
C LEU I 109 15.45 16.15 -23.66
N HIS I 110 15.27 15.49 -22.53
CA HIS I 110 13.95 15.42 -21.91
C HIS I 110 14.03 15.78 -20.43
N TYR I 111 15.17 15.49 -19.81
CA TYR I 111 15.34 15.72 -18.37
C TYR I 111 16.76 16.19 -18.09
N PHE I 112 16.91 17.42 -17.62
CA PHE I 112 15.80 18.32 -17.35
C PHE I 112 16.14 19.68 -17.94
N ASP I 113 15.12 20.49 -18.19
CA ASP I 113 15.30 21.80 -18.81
C ASP I 113 15.64 22.91 -17.80
N GLU I 114 16.06 22.50 -16.59
CA GLU I 114 16.51 23.39 -15.51
C GLU I 114 15.51 24.50 -15.17
N GLN I 120 26.16 21.11 -5.24
CA GLN I 120 25.42 21.64 -4.11
C GLN I 120 23.92 21.46 -4.32
N ILE I 121 23.55 20.76 -5.38
CA ILE I 121 22.15 20.58 -5.73
C ILE I 121 21.57 19.50 -4.80
N LYS I 122 20.34 19.68 -4.37
CA LYS I 122 19.69 18.72 -3.49
C LYS I 122 18.56 18.02 -4.26
N PRO I 123 18.79 16.82 -4.82
CA PRO I 123 20.07 16.14 -5.02
C PRO I 123 20.55 16.37 -6.47
N PRO I 124 21.77 15.92 -6.82
CA PRO I 124 22.14 15.91 -8.23
C PRO I 124 21.27 14.97 -9.07
N LEU I 125 21.14 15.29 -10.36
CA LEU I 125 20.32 14.47 -11.25
C LEU I 125 21.05 13.17 -11.58
N PRO I 126 20.31 12.08 -11.83
CA PRO I 126 20.97 10.81 -12.14
C PRO I 126 21.65 10.83 -13.50
N SER I 127 22.97 10.92 -13.50
CA SER I 127 23.74 10.95 -14.74
C SER I 127 24.60 9.70 -14.83
N VAL I 128 24.49 8.98 -15.94
CA VAL I 128 25.19 7.72 -16.11
C VAL I 128 26.69 7.92 -16.30
N ARG I 129 27.12 9.11 -16.68
CA ARG I 129 28.55 9.38 -16.80
C ARG I 129 29.19 9.40 -15.41
N LYS I 130 28.46 9.88 -14.41
CA LYS I 130 28.93 9.82 -13.03
C LYS I 130 29.05 8.38 -12.56
N LEU I 131 28.19 7.50 -13.08
CA LEU I 131 28.24 6.08 -12.75
C LEU I 131 29.53 5.45 -13.31
N THR I 132 29.70 5.52 -14.63
CA THR I 132 30.61 4.61 -15.32
C THR I 132 32.06 5.05 -15.31
N GLU I 133 32.43 6.02 -14.49
CA GLU I 133 33.83 6.42 -14.43
C GLU I 133 34.59 5.58 -13.39
N ASP I 134 35.63 4.90 -13.87
CA ASP I 134 36.41 3.99 -13.04
C ASP I 134 37.28 4.76 -12.05
N ARG I 135 37.18 4.38 -10.77
CA ARG I 135 37.95 5.04 -9.73
C ARG I 135 39.32 4.41 -9.50
N TRP I 136 39.77 3.58 -10.44
CA TRP I 136 41.02 2.87 -10.23
C TRP I 136 42.04 3.07 -11.34
N ASN I 137 41.58 3.17 -12.58
CA ASN I 137 42.51 3.42 -13.68
C ASN I 137 43.04 4.85 -13.64
N LYS I 138 42.17 5.80 -13.34
CA LYS I 138 42.60 7.19 -13.20
C LYS I 138 42.98 7.48 -11.75
N ASN J 24 -17.80 5.48 -2.43
CA ASN J 24 -18.46 4.99 -1.19
C ASN J 24 -19.72 4.11 -1.36
N PRO J 25 -20.64 4.44 -2.30
CA PRO J 25 -21.71 3.46 -2.52
C PRO J 25 -21.27 2.24 -3.32
N MET J 26 -21.11 1.12 -2.64
CA MET J 26 -20.85 -0.14 -3.32
C MET J 26 -22.10 -0.56 -4.09
N GLU J 27 -21.89 -1.04 -5.32
CA GLU J 27 -23.02 -1.23 -6.22
C GLU J 27 -23.85 -2.48 -5.89
N ALA J 28 -23.18 -3.60 -5.62
CA ALA J 28 -23.89 -4.84 -5.39
C ALA J 28 -23.08 -5.72 -4.44
N MET J 29 -23.45 -7.00 -4.35
CA MET J 29 -22.84 -7.89 -3.38
C MET J 29 -23.00 -9.34 -3.83
N ASP J 30 -22.01 -10.15 -3.52
CA ASP J 30 -22.05 -11.58 -3.85
C ASP J 30 -22.94 -12.33 -2.86
N PRO J 31 -23.62 -13.38 -3.32
CA PRO J 31 -24.68 -13.95 -2.49
C PRO J 31 -24.21 -14.74 -1.28
N HIS J 32 -22.92 -15.03 -1.17
CA HIS J 32 -22.46 -15.72 0.02
C HIS J 32 -22.30 -14.80 1.23
N ILE J 33 -22.37 -13.50 1.02
CA ILE J 33 -22.51 -12.58 2.16
C ILE J 33 -23.94 -12.07 2.31
N PHE J 34 -24.76 -12.23 1.27
CA PHE J 34 -26.19 -11.97 1.38
C PHE J 34 -26.83 -12.95 2.36
N TYR J 35 -26.44 -14.22 2.27
CA TYR J 35 -26.94 -15.23 3.19
C TYR J 35 -26.24 -15.14 4.56
N PHE J 36 -25.04 -14.60 4.57
CA PHE J 36 -24.29 -14.46 5.82
C PHE J 36 -24.82 -13.32 6.68
N HIS J 37 -25.54 -12.38 6.06
CA HIS J 37 -26.03 -11.20 6.79
C HIS J 37 -27.54 -11.02 6.76
N PHE J 38 -28.18 -11.32 5.64
CA PHE J 38 -29.61 -11.01 5.51
C PHE J 38 -30.50 -12.23 5.70
N LYS J 39 -30.08 -13.16 6.54
CA LYS J 39 -30.96 -14.24 6.97
C LYS J 39 -31.44 -14.02 8.39
N ASN J 40 -32.75 -14.12 8.57
CA ASN J 40 -33.42 -13.75 9.82
C ASN J 40 -33.52 -14.95 10.76
N LEU J 41 -32.39 -15.33 11.34
CA LEU J 41 -32.32 -16.51 12.20
C LEU J 41 -31.71 -16.12 13.54
N ARG J 42 -31.39 -17.12 14.36
CA ARG J 42 -30.76 -16.93 15.65
C ARG J 42 -29.28 -17.33 15.64
N LYS J 43 -28.71 -17.52 14.46
CA LYS J 43 -27.28 -17.78 14.31
C LYS J 43 -26.50 -16.45 14.18
N ALA J 44 -27.22 -15.35 14.06
CA ALA J 44 -26.65 -14.11 13.51
C ALA J 44 -26.18 -13.13 14.60
N TYR J 45 -25.66 -13.63 15.72
CA TYR J 45 -25.24 -12.76 16.82
C TYR J 45 -23.73 -12.55 16.89
N GLY J 46 -22.98 -13.11 15.97
CA GLY J 46 -21.54 -13.29 16.19
C GLY J 46 -20.62 -12.32 15.46
N ARG J 47 -21.10 -11.10 15.18
CA ARG J 47 -20.24 -10.06 14.63
C ARG J 47 -20.78 -8.68 14.96
N ASN J 48 -20.01 -7.66 14.60
CA ASN J 48 -20.39 -6.28 14.87
C ASN J 48 -20.64 -5.45 13.60
N GLU J 49 -20.76 -6.11 12.45
CA GLU J 49 -20.87 -5.41 11.18
C GLU J 49 -22.33 -5.31 10.73
N SER J 50 -22.62 -4.28 9.95
CA SER J 50 -23.98 -4.05 9.47
C SER J 50 -23.96 -3.69 7.99
N TRP J 51 -25.09 -3.91 7.34
CA TRP J 51 -25.20 -3.67 5.91
C TRP J 51 -26.50 -2.93 5.63
N LEU J 52 -26.57 -2.25 4.50
CA LEU J 52 -27.82 -1.65 4.05
C LEU J 52 -27.86 -1.61 2.54
N CYS J 53 -29.06 -1.57 2.00
CA CYS J 53 -29.26 -1.35 0.58
C CYS J 53 -30.24 -0.20 0.44
N PHE J 54 -29.83 0.86 -0.24
CA PHE J 54 -30.76 1.95 -0.45
C PHE J 54 -31.36 1.89 -1.84
N THR J 55 -32.43 2.64 -2.03
CA THR J 55 -33.05 2.81 -3.34
C THR J 55 -33.61 4.22 -3.35
N MET J 56 -32.80 5.16 -3.82
CA MET J 56 -33.04 6.57 -3.58
C MET J 56 -33.54 7.19 -4.89
N GLU J 57 -34.75 7.72 -4.86
CA GLU J 57 -35.40 8.25 -6.06
C GLU J 57 -35.50 9.76 -5.94
N VAL J 58 -34.71 10.46 -6.75
CA VAL J 58 -34.77 11.91 -6.76
C VAL J 58 -36.02 12.35 -7.52
N VAL J 59 -36.60 13.47 -7.08
CA VAL J 59 -37.61 14.16 -7.85
C VAL J 59 -37.17 15.62 -7.92
N LYS J 60 -36.44 15.95 -8.99
CA LYS J 60 -36.12 17.34 -9.27
C LYS J 60 -37.30 17.98 -9.98
N HIS J 61 -37.73 19.13 -9.49
CA HIS J 61 -38.91 19.78 -10.02
C HIS J 61 -38.63 20.34 -11.42
N HIS J 62 -39.61 20.17 -12.31
CA HIS J 62 -39.50 20.52 -13.73
C HIS J 62 -38.33 19.82 -14.40
N SER J 63 -38.15 18.55 -14.05
CA SER J 63 -37.03 17.75 -14.56
C SER J 63 -37.41 16.27 -14.39
N PRO J 64 -36.85 15.39 -15.22
CA PRO J 64 -37.26 13.98 -15.14
C PRO J 64 -36.71 13.27 -13.90
N VAL J 65 -37.39 12.20 -13.52
CA VAL J 65 -37.03 11.43 -12.34
C VAL J 65 -35.84 10.52 -12.66
N SER J 66 -34.75 10.72 -11.93
CA SER J 66 -33.61 9.83 -12.04
C SER J 66 -33.65 8.80 -10.92
N TRP J 67 -32.57 8.02 -10.78
CA TRP J 67 -32.54 6.96 -9.79
C TRP J 67 -31.14 6.82 -9.22
N LYS J 68 -31.05 6.36 -7.99
CA LYS J 68 -29.80 5.91 -7.40
C LYS J 68 -30.05 4.58 -6.69
N ARG J 69 -28.99 3.82 -6.50
CA ARG J 69 -29.10 2.46 -6.01
C ARG J 69 -27.71 1.99 -5.60
N GLY J 70 -27.63 1.29 -4.47
CA GLY J 70 -26.35 0.76 -4.04
C GLY J 70 -26.40 0.21 -2.64
N VAL J 71 -25.25 -0.29 -2.19
CA VAL J 71 -25.13 -0.99 -0.91
C VAL J 71 -24.02 -0.29 -0.13
N PHE J 72 -24.22 -0.16 1.18
CA PHE J 72 -23.16 0.37 2.06
C PHE J 72 -22.76 -0.65 3.10
N ARG J 73 -21.53 -0.52 3.58
CA ARG J 73 -21.04 -1.30 4.70
C ARG J 73 -20.17 -0.38 5.56
N ASN J 74 -19.50 -0.93 6.56
CA ASN J 74 -18.67 -0.11 7.43
C ASN J 74 -17.32 0.21 6.79
N ARG J 82 -16.79 4.14 12.05
CA ARG J 82 -17.96 4.69 11.36
C ARG J 82 -18.98 3.61 11.07
N HIS J 83 -20.20 3.83 11.51
CA HIS J 83 -21.24 2.85 11.30
C HIS J 83 -21.86 3.05 9.92
N ALA J 84 -22.63 2.07 9.45
CA ALA J 84 -23.03 2.03 8.04
C ALA J 84 -24.12 3.07 7.72
N GLU J 85 -25.14 3.17 8.56
CA GLU J 85 -26.26 4.05 8.26
C GLU J 85 -25.96 5.52 8.53
N ARG J 86 -24.80 5.82 9.11
CA ARG J 86 -24.29 7.18 9.07
C ARG J 86 -23.41 7.39 7.84
N CYS J 87 -22.77 6.33 7.37
CA CYS J 87 -21.97 6.41 6.14
C CYS J 87 -22.84 6.65 4.92
N PHE J 88 -24.12 6.32 5.01
CA PHE J 88 -25.09 6.79 4.02
C PHE J 88 -25.16 8.32 4.03
N LEU J 89 -25.31 8.89 5.22
CA LEU J 89 -25.59 10.31 5.33
C LEU J 89 -24.39 11.19 4.99
N SER J 90 -23.18 10.69 5.24
CA SER J 90 -22.00 11.43 4.81
C SER J 90 -21.82 11.38 3.31
N TRP J 91 -22.31 10.33 2.67
CA TRP J 91 -22.41 10.34 1.22
C TRP J 91 -23.60 11.16 0.74
N PHE J 92 -24.66 11.15 1.53
CA PHE J 92 -25.91 11.78 1.12
C PHE J 92 -25.77 13.29 1.13
N CYS J 93 -25.27 13.84 2.22
CA CYS J 93 -25.23 15.29 2.40
C CYS J 93 -24.01 15.92 1.72
N ASP J 94 -23.16 15.11 1.09
CA ASP J 94 -21.95 15.65 0.48
C ASP J 94 -21.81 15.47 -1.02
N ASP J 95 -22.58 14.57 -1.62
CA ASP J 95 -22.45 14.35 -3.06
C ASP J 95 -23.73 14.62 -3.84
N ILE J 96 -24.85 14.08 -3.38
CA ILE J 96 -26.03 13.99 -4.24
C ILE J 96 -27.00 15.16 -4.01
N LEU J 97 -26.91 15.77 -2.85
CA LEU J 97 -28.00 16.59 -2.34
C LEU J 97 -28.04 17.94 -3.05
N SER J 98 -29.25 18.47 -3.22
CA SER J 98 -29.49 19.65 -4.03
C SER J 98 -30.86 20.20 -3.62
N PRO J 99 -31.02 21.53 -3.65
CA PRO J 99 -32.29 22.10 -3.21
C PRO J 99 -33.41 21.93 -4.24
N ASN J 100 -34.62 22.26 -3.81
CA ASN J 100 -35.83 22.18 -4.64
C ASN J 100 -36.08 20.76 -5.18
N THR J 101 -35.81 19.77 -4.33
CA THR J 101 -35.95 18.38 -4.72
C THR J 101 -36.85 17.65 -3.73
N ASN J 102 -37.23 16.43 -4.10
CA ASN J 102 -37.89 15.52 -3.19
C ASN J 102 -37.31 14.13 -3.38
N TYR J 103 -37.01 13.46 -2.28
CA TYR J 103 -36.26 12.21 -2.30
C TYR J 103 -37.11 11.13 -1.64
N GLU J 104 -37.12 9.94 -2.25
CA GLU J 104 -37.74 8.78 -1.64
C GLU J 104 -36.66 7.76 -1.34
N VAL J 105 -36.06 7.90 -0.17
CA VAL J 105 -35.02 6.98 0.27
C VAL J 105 -35.69 5.73 0.82
N THR J 106 -35.14 4.57 0.48
CA THR J 106 -35.69 3.31 0.94
C THR J 106 -34.56 2.38 1.34
N TRP J 107 -34.26 2.33 2.64
CA TRP J 107 -33.20 1.47 3.11
C TRP J 107 -33.67 0.01 3.14
N TYR J 108 -32.70 -0.88 3.28
CA TYR J 108 -32.95 -2.31 3.50
C TYR J 108 -31.81 -2.82 4.38
N THR J 109 -32.04 -2.80 5.68
CA THR J 109 -30.96 -2.99 6.63
C THR J 109 -31.04 -4.38 7.25
N SER J 110 -29.88 -4.98 7.53
CA SER J 110 -29.82 -6.22 8.28
C SER J 110 -30.39 -6.02 9.67
N TRP J 111 -29.69 -5.23 10.48
CA TRP J 111 -30.14 -4.95 11.83
C TRP J 111 -31.20 -3.85 11.80
N SER J 112 -31.54 -3.34 12.98
CA SER J 112 -32.14 -2.02 13.06
C SER J 112 -30.99 -1.00 13.08
N PRO J 113 -31.30 0.30 12.90
CA PRO J 113 -30.26 1.29 13.25
C PRO J 113 -29.94 1.26 14.74
N CYS J 114 -28.69 1.57 15.08
CA CYS J 114 -28.22 1.38 16.46
C CYS J 114 -28.73 2.53 17.30
N PRO J 115 -28.89 2.31 18.59
CA PRO J 115 -29.49 3.33 19.43
C PRO J 115 -28.76 4.67 19.41
N GLU J 116 -27.47 4.67 19.14
CA GLU J 116 -26.76 5.92 18.88
C GLU J 116 -26.96 6.37 17.44
N CYS J 117 -27.13 5.41 16.53
CA CYS J 117 -27.32 5.70 15.11
C CYS J 117 -28.68 6.36 14.88
N ALA J 118 -29.69 5.93 15.64
CA ALA J 118 -30.99 6.59 15.63
C ALA J 118 -30.90 8.01 16.20
N GLY J 119 -29.98 8.20 17.14
CA GLY J 119 -29.70 9.51 17.69
C GLY J 119 -28.87 10.43 16.80
N GLU J 120 -28.65 10.01 15.55
CA GLU J 120 -27.93 10.85 14.60
C GLU J 120 -28.47 10.75 13.18
N VAL J 121 -29.54 9.98 12.97
CA VAL J 121 -30.20 9.94 11.67
C VAL J 121 -31.57 10.58 11.78
N ALA J 122 -32.17 10.52 12.96
CA ALA J 122 -33.52 11.07 13.14
C ALA J 122 -33.49 12.60 13.14
N GLU J 123 -32.36 13.16 13.54
CA GLU J 123 -32.16 14.60 13.48
C GLU J 123 -31.94 15.10 12.05
N PHE J 124 -31.56 14.20 11.15
CA PHE J 124 -31.35 14.59 9.76
C PHE J 124 -32.67 14.88 9.06
N LEU J 125 -33.55 13.90 9.02
CA LEU J 125 -34.84 14.09 8.37
C LEU J 125 -35.79 14.94 9.19
N ALA J 126 -35.43 15.27 10.42
CA ALA J 126 -36.07 16.39 11.12
C ALA J 126 -35.77 17.69 10.38
N ARG J 127 -34.52 17.88 9.98
CA ARG J 127 -34.12 19.11 9.32
C ARG J 127 -34.54 19.13 7.85
N HIS J 128 -34.43 17.99 7.18
CA HIS J 128 -34.82 17.89 5.78
C HIS J 128 -36.15 17.16 5.69
N SER J 129 -37.18 17.87 5.25
CA SER J 129 -38.51 17.31 5.19
C SER J 129 -38.86 16.76 3.81
N ASN J 130 -37.92 16.81 2.88
CA ASN J 130 -38.18 16.31 1.53
C ASN J 130 -37.77 14.86 1.34
N VAL J 131 -37.33 14.20 2.41
CA VAL J 131 -36.89 12.82 2.32
C VAL J 131 -37.93 11.90 2.98
N ASN J 132 -38.46 10.97 2.21
CA ASN J 132 -39.41 10.00 2.74
C ASN J 132 -38.69 8.68 3.01
N LEU J 133 -37.81 8.73 4.00
CA LEU J 133 -36.96 7.59 4.31
C LEU J 133 -37.79 6.46 4.91
N THR J 134 -37.38 5.22 4.63
CA THR J 134 -38.20 4.07 4.96
C THR J 134 -37.28 2.88 5.25
N ILE J 135 -37.05 2.60 6.52
CA ILE J 135 -36.25 1.45 6.89
C ILE J 135 -37.17 0.23 6.96
N LYS J 136 -37.29 -0.49 5.85
CA LYS J 136 -37.94 -1.79 5.91
C LYS J 136 -36.88 -2.87 6.11
N THR J 137 -36.44 -2.96 7.36
CA THR J 137 -35.28 -3.77 7.70
C THR J 137 -35.64 -5.26 7.74
N ALA J 138 -34.64 -6.08 8.06
CA ALA J 138 -34.80 -7.53 8.02
C ALA J 138 -34.80 -8.15 9.43
N ARG J 139 -33.74 -7.89 10.20
CA ARG J 139 -33.65 -8.40 11.57
C ARG J 139 -33.75 -7.25 12.57
N LEU J 140 -34.26 -7.57 13.76
CA LEU J 140 -34.27 -6.62 14.84
C LEU J 140 -32.92 -6.65 15.58
N TYR J 141 -32.85 -5.95 16.70
CA TYR J 141 -31.59 -5.70 17.36
C TYR J 141 -31.48 -6.57 18.61
N TYR J 142 -30.32 -7.19 18.81
CA TYR J 142 -30.14 -8.20 19.85
C TYR J 142 -30.17 -7.57 21.25
N PHE J 143 -29.55 -6.40 21.40
CA PHE J 143 -29.52 -5.76 22.71
C PHE J 143 -30.89 -5.18 23.03
N LYS J 144 -31.73 -6.00 23.67
CA LYS J 144 -33.10 -5.63 23.99
C LYS J 144 -33.09 -4.85 25.30
N ASP J 145 -33.13 -3.52 25.18
CA ASP J 145 -33.13 -2.65 26.34
C ASP J 145 -33.94 -1.40 26.07
N THR J 146 -33.99 -0.50 27.04
CA THR J 146 -34.80 0.71 26.95
C THR J 146 -34.19 1.72 25.95
N ASP J 147 -32.87 1.65 25.77
CA ASP J 147 -32.17 2.62 24.94
C ASP J 147 -32.53 2.54 23.45
N ALA J 148 -32.99 1.37 23.01
CA ALA J 148 -33.43 1.19 21.63
C ALA J 148 -34.95 1.23 21.47
N ALA J 149 -35.67 1.17 22.59
CA ALA J 149 -37.13 1.13 22.53
C ALA J 149 -37.71 2.45 22.02
N GLU J 150 -37.42 3.54 22.72
CA GLU J 150 -37.86 4.84 22.26
C GLU J 150 -36.92 5.41 21.20
N GLY J 151 -35.74 4.82 21.05
CA GLY J 151 -34.80 5.23 20.01
C GLY J 151 -35.32 4.90 18.62
N LEU J 152 -36.00 3.76 18.49
CA LEU J 152 -36.72 3.47 17.27
C LEU J 152 -38.07 4.19 17.19
N ARG J 153 -38.64 4.55 18.34
CA ARG J 153 -39.84 5.38 18.33
C ARG J 153 -39.62 6.85 17.99
N SER J 154 -38.50 7.41 18.45
CA SER J 154 -38.22 8.84 18.27
C SER J 154 -37.73 9.06 16.84
N LEU J 155 -37.18 8.00 16.25
CA LEU J 155 -36.87 7.99 14.82
C LEU J 155 -38.15 8.05 13.96
N SER J 156 -39.28 7.58 14.50
CA SER J 156 -40.43 7.27 13.66
C SER J 156 -41.46 8.39 13.49
N GLN J 157 -41.44 9.44 14.31
CA GLN J 157 -42.48 10.48 14.16
C GLN J 157 -42.14 11.52 13.10
N GLU J 158 -41.14 11.28 12.27
CA GLU J 158 -40.71 12.28 11.30
C GLU J 158 -41.00 11.87 9.85
N GLY J 159 -41.32 10.60 9.64
CA GLY J 159 -41.61 10.10 8.29
C GLY J 159 -40.94 8.77 8.04
N ALA J 160 -40.13 8.32 9.00
CA ALA J 160 -39.38 7.09 8.84
C ALA J 160 -40.29 5.89 9.09
N SER J 161 -40.93 5.44 8.01
CA SER J 161 -41.88 4.34 8.11
C SER J 161 -41.15 3.01 8.30
N VAL J 162 -40.87 2.67 9.55
CA VAL J 162 -40.16 1.43 9.85
C VAL J 162 -41.10 0.24 9.63
N GLU J 163 -40.62 -0.74 8.86
CA GLU J 163 -41.36 -1.95 8.60
C GLU J 163 -40.43 -3.15 8.73
N ILE J 164 -40.90 -4.32 8.35
CA ILE J 164 -40.03 -5.48 8.15
C ILE J 164 -40.17 -5.93 6.71
N MET J 165 -39.04 -6.10 6.03
CA MET J 165 -39.05 -6.56 4.65
C MET J 165 -39.44 -8.03 4.59
N GLY J 166 -40.14 -8.40 3.53
CA GLY J 166 -40.68 -9.75 3.40
C GLY J 166 -40.35 -10.36 2.05
N TYR J 167 -41.11 -11.37 1.67
CA TYR J 167 -40.84 -12.13 0.45
C TYR J 167 -41.00 -11.29 -0.81
N LYS J 168 -41.81 -10.23 -0.75
CA LYS J 168 -41.87 -9.26 -1.84
C LYS J 168 -40.57 -8.44 -1.90
N ASP J 169 -39.92 -8.27 -0.76
CA ASP J 169 -38.75 -7.39 -0.68
C ASP J 169 -37.42 -8.11 -0.61
N PHE J 170 -37.39 -9.34 -0.11
CA PHE J 170 -36.15 -10.11 -0.16
C PHE J 170 -35.78 -10.46 -1.60
N LYS J 171 -36.78 -10.81 -2.41
CA LYS J 171 -36.49 -11.03 -3.83
C LYS J 171 -36.27 -9.72 -4.57
N TYR J 172 -36.79 -8.60 -4.04
CA TYR J 172 -36.47 -7.30 -4.61
C TYR J 172 -35.03 -6.89 -4.28
N CYS J 173 -34.55 -7.31 -3.12
CA CYS J 173 -33.13 -7.14 -2.80
C CYS J 173 -32.27 -8.11 -3.60
N TRP J 174 -32.85 -9.25 -3.97
CA TRP J 174 -32.12 -10.27 -4.70
C TRP J 174 -31.88 -9.84 -6.15
N GLU J 175 -32.90 -9.31 -6.80
CA GLU J 175 -32.80 -8.97 -8.21
C GLU J 175 -32.35 -7.52 -8.44
N ASN J 176 -31.94 -6.83 -7.39
CA ASN J 176 -31.42 -5.47 -7.55
C ASN J 176 -30.11 -5.19 -6.83
N PHE J 177 -29.64 -6.11 -6.01
CA PHE J 177 -28.43 -5.87 -5.23
C PHE J 177 -27.46 -7.03 -5.20
N VAL J 178 -27.83 -8.17 -5.78
CA VAL J 178 -27.07 -9.40 -5.60
C VAL J 178 -26.59 -9.89 -6.97
N TYR J 179 -25.32 -10.29 -7.05
CA TYR J 179 -24.82 -10.98 -8.22
C TYR J 179 -25.43 -12.37 -8.27
N ASN J 180 -26.64 -12.43 -8.80
CA ASN J 180 -27.50 -13.59 -8.60
C ASN J 180 -27.44 -14.58 -9.75
N ASP J 181 -26.35 -14.52 -10.54
CA ASP J 181 -26.11 -15.42 -11.69
C ASP J 181 -27.13 -15.31 -12.81
N ASP J 182 -28.04 -14.33 -12.72
CA ASP J 182 -29.34 -14.33 -13.44
C ASP J 182 -30.06 -15.68 -13.34
N GLU J 183 -30.03 -16.19 -12.10
CA GLU J 183 -30.64 -17.42 -11.59
C GLU J 183 -31.69 -16.97 -10.56
N PRO J 184 -32.87 -17.61 -10.56
CA PRO J 184 -33.98 -17.13 -9.75
C PRO J 184 -33.73 -17.24 -8.25
N PHE J 185 -34.59 -16.59 -7.48
CA PHE J 185 -34.37 -16.39 -6.05
C PHE J 185 -34.50 -17.70 -5.27
N LYS J 186 -33.55 -17.93 -4.38
CA LYS J 186 -33.58 -19.07 -3.47
C LYS J 186 -34.06 -18.58 -2.10
N PRO J 187 -35.27 -18.99 -1.69
CA PRO J 187 -35.69 -18.72 -0.32
C PRO J 187 -35.20 -19.79 0.65
N TRP J 188 -35.16 -19.43 1.92
CA TRP J 188 -35.07 -20.41 2.99
C TRP J 188 -36.44 -20.52 3.64
N ASP J 189 -36.92 -21.76 3.79
CA ASP J 189 -38.29 -21.98 4.23
C ASP J 189 -38.39 -21.70 5.72
N GLY J 190 -39.13 -20.65 6.07
CA GLY J 190 -39.25 -20.22 7.45
C GLY J 190 -39.18 -18.71 7.60
N LEU J 191 -38.96 -18.02 6.50
CA LEU J 191 -38.90 -16.56 6.54
C LEU J 191 -40.27 -15.93 6.74
N ASP J 192 -41.32 -16.66 6.35
CA ASP J 192 -42.69 -16.16 6.51
C ASP J 192 -43.11 -16.15 7.98
N TYR J 193 -42.54 -17.06 8.76
CA TYR J 193 -42.83 -17.11 10.19
C TYR J 193 -41.66 -16.67 11.06
N ASN J 194 -40.53 -16.33 10.44
CA ASN J 194 -39.58 -15.40 11.04
C ASN J 194 -39.99 -13.96 10.82
N PHE J 195 -40.96 -13.73 9.93
CA PHE J 195 -41.49 -12.40 9.68
C PHE J 195 -42.34 -11.93 10.87
N LEU J 196 -43.33 -12.74 11.25
CA LEU J 196 -44.38 -12.28 12.14
C LEU J 196 -43.90 -12.11 13.58
N ASP J 197 -43.10 -13.04 14.07
CA ASP J 197 -42.58 -12.94 15.43
C ASP J 197 -41.46 -11.90 15.56
N LEU J 198 -40.90 -11.46 14.43
CA LEU J 198 -40.03 -10.28 14.42
C LEU J 198 -40.82 -9.00 14.15
N ASP J 199 -41.93 -9.11 13.43
CA ASP J 199 -42.84 -7.98 13.27
C ASP J 199 -43.49 -7.64 14.62
N SER J 200 -43.81 -8.66 15.41
CA SER J 200 -44.47 -8.46 16.70
C SER J 200 -43.59 -7.75 17.72
N LYS J 201 -42.28 -7.73 17.49
CA LYS J 201 -41.38 -6.94 18.32
C LYS J 201 -41.28 -5.49 17.86
N LEU J 202 -42.02 -5.11 16.81
CA LEU J 202 -42.13 -3.70 16.43
C LEU J 202 -43.38 -3.06 17.01
N GLN J 203 -44.52 -3.74 16.92
CA GLN J 203 -45.73 -3.23 17.58
C GLN J 203 -45.63 -3.31 19.11
N GLU J 204 -44.68 -4.10 19.62
CA GLU J 204 -44.38 -4.09 21.04
C GLU J 204 -43.72 -2.78 21.46
N ILE J 205 -42.81 -2.27 20.63
CA ILE J 205 -42.12 -1.03 20.98
C ILE J 205 -42.87 0.20 20.47
N LEU J 206 -43.60 0.07 19.37
CA LEU J 206 -44.35 1.21 18.85
C LEU J 206 -45.65 1.49 19.62
N GLU J 207 -45.99 0.62 20.56
CA GLU J 207 -47.18 0.85 21.40
C GLU J 207 -46.83 0.73 22.88
N ARG K 3 1.72 49.36 24.54
CA ARG K 3 0.30 48.91 24.49
C ARG K 3 0.18 47.57 23.77
N VAL K 4 -0.49 46.62 24.40
CA VAL K 4 -0.74 45.31 23.80
C VAL K 4 -2.24 44.94 23.80
N VAL K 5 -2.93 45.23 24.91
CA VAL K 5 -4.38 45.21 24.91
C VAL K 5 -5.08 46.49 24.34
N PRO K 6 -4.53 47.73 24.56
CA PRO K 6 -5.29 48.85 24.00
C PRO K 6 -5.16 49.05 22.50
N ASP K 7 -4.18 48.44 21.84
CA ASP K 7 -4.02 48.67 20.41
C ASP K 7 -4.72 47.63 19.54
N GLN K 8 -5.03 46.46 20.08
CA GLN K 8 -6.00 45.59 19.43
C GLN K 8 -7.44 45.87 19.88
N ARG K 9 -7.58 46.58 21.00
CA ARG K 9 -8.77 47.41 21.22
C ARG K 9 -8.90 48.43 20.09
N SER K 10 -7.78 49.01 19.68
CA SER K 10 -7.77 49.96 18.57
C SER K 10 -7.85 49.26 17.22
N LYS K 11 -7.67 47.94 17.18
CA LYS K 11 -7.92 47.23 15.93
C LYS K 11 -9.41 47.08 15.66
N PHE K 12 -10.23 47.06 16.71
CA PHE K 12 -11.66 47.14 16.52
C PHE K 12 -12.07 48.51 15.97
N GLU K 13 -11.27 49.52 16.27
CA GLU K 13 -11.45 50.84 15.68
C GLU K 13 -11.07 50.85 14.20
N ASN K 14 -10.19 49.95 13.79
CA ASN K 14 -9.47 50.11 12.54
C ASN K 14 -9.54 48.93 11.58
N GLU K 15 -9.43 47.71 12.10
CA GLU K 15 -9.32 46.54 11.22
C GLU K 15 -10.67 46.22 10.62
N GLU K 16 -10.77 46.30 9.30
CA GLU K 16 -12.06 46.39 8.64
C GLU K 16 -12.76 45.03 8.53
N PHE K 17 -12.07 43.95 8.88
CA PHE K 17 -12.76 42.67 9.06
C PHE K 17 -13.49 42.63 10.40
N PHE K 18 -13.04 43.40 11.38
CA PHE K 18 -13.86 43.65 12.56
C PHE K 18 -14.99 44.63 12.26
N ARG K 19 -14.80 45.49 11.27
CA ARG K 19 -15.91 46.31 10.79
C ARG K 19 -16.97 45.45 10.12
N LYS K 20 -16.54 44.58 9.21
CA LYS K 20 -17.46 43.76 8.42
C LYS K 20 -18.23 42.77 9.29
N LEU K 21 -17.59 42.30 10.36
CA LEU K 21 -18.28 41.50 11.37
C LEU K 21 -19.28 42.34 12.16
N SER K 22 -18.90 43.58 12.49
CA SER K 22 -19.71 44.43 13.34
C SER K 22 -20.37 45.58 12.58
N ARG K 23 -20.93 45.29 11.38
CA ARG K 23 -21.70 46.32 10.67
C ARG K 23 -23.15 46.41 11.17
N GLU K 24 -23.32 46.39 12.53
CA GLU K 24 -24.62 46.44 13.25
C GLU K 24 -25.75 45.62 12.62
N CYS K 25 -25.40 44.48 12.06
CA CYS K 25 -26.27 43.85 11.08
C CYS K 25 -27.24 42.87 11.74
N GLU K 26 -28.27 42.50 10.98
CA GLU K 26 -29.31 41.64 11.50
C GLU K 26 -28.84 40.20 11.58
N ILE K 27 -29.48 39.44 12.45
CA ILE K 27 -29.25 38.01 12.53
C ILE K 27 -30.59 37.30 12.44
N LYS K 28 -30.56 36.04 12.00
CA LYS K 28 -31.78 35.30 11.74
C LYS K 28 -31.50 33.82 11.98
N TYR K 29 -32.42 33.14 12.66
CA TYR K 29 -32.33 31.71 12.82
C TYR K 29 -32.85 31.03 11.56
N THR K 30 -31.94 30.65 10.67
CA THR K 30 -32.31 29.83 9.54
C THR K 30 -32.18 28.36 9.94
N GLY K 31 -33.30 27.80 10.37
CA GLY K 31 -33.32 26.40 10.76
C GLY K 31 -34.13 25.57 9.80
N PHE K 32 -35.29 25.12 10.27
CA PHE K 32 -36.11 24.18 9.52
C PHE K 32 -36.93 24.91 8.45
N ARG K 33 -36.25 25.43 7.44
CA ARG K 33 -36.87 26.41 6.54
C ARG K 33 -37.86 25.77 5.55
N ASP K 34 -37.71 24.48 5.26
CA ASP K 34 -38.65 23.83 4.35
C ASP K 34 -39.98 23.54 5.03
N ARG K 35 -39.94 23.43 6.36
CA ARG K 35 -41.14 23.27 7.15
C ARG K 35 -41.86 24.62 7.25
N PRO K 36 -43.19 24.60 7.52
CA PRO K 36 -43.91 25.86 7.61
C PRO K 36 -43.53 26.72 8.81
N HIS K 37 -43.95 27.98 8.78
CA HIS K 37 -43.36 29.03 9.59
C HIS K 37 -43.71 28.90 11.08
N GLU K 38 -44.86 28.30 11.39
CA GLU K 38 -45.34 28.30 12.77
C GLU K 38 -44.70 27.20 13.61
N GLU K 39 -44.39 26.06 13.02
CA GLU K 39 -43.93 24.91 13.79
C GLU K 39 -42.49 25.10 14.27
N ARG K 40 -41.69 25.86 13.52
CA ARG K 40 -40.25 25.91 13.75
C ARG K 40 -39.88 26.71 15.00
N GLN K 41 -40.74 27.63 15.44
CA GLN K 41 -40.50 28.34 16.68
C GLN K 41 -40.64 27.43 17.89
N ALA K 42 -41.46 26.39 17.77
CA ALA K 42 -41.48 25.34 18.77
C ALA K 42 -40.16 24.58 18.77
N ARG K 43 -39.73 24.15 17.57
CA ARG K 43 -38.47 23.41 17.44
C ARG K 43 -37.26 24.25 17.84
N PHE K 44 -37.34 25.55 17.60
CA PHE K 44 -36.32 26.47 18.10
C PHE K 44 -36.33 26.51 19.62
N GLN K 45 -37.53 26.66 20.20
CA GLN K 45 -37.67 26.74 21.65
C GLN K 45 -37.35 25.40 22.32
N ASN K 46 -37.61 24.28 21.65
CA ASN K 46 -37.23 22.99 22.19
C ASN K 46 -35.72 22.80 22.17
N ALA K 47 -35.05 23.40 21.18
CA ALA K 47 -33.62 23.18 21.01
C ALA K 47 -32.76 24.09 21.87
N CYS K 48 -33.31 25.20 22.36
CA CYS K 48 -32.49 26.24 22.98
C CYS K 48 -31.90 25.85 24.33
N ARG K 49 -32.67 25.15 25.18
CA ARG K 49 -32.19 24.97 26.53
C ARG K 49 -31.77 23.54 26.85
N ASP K 50 -32.07 22.60 25.96
CA ASP K 50 -31.52 21.26 26.11
C ASP K 50 -30.18 21.14 25.41
N GLY K 51 -29.46 20.07 25.70
CA GLY K 51 -28.20 19.82 25.04
C GLY K 51 -28.39 19.06 23.74
N ARG K 52 -27.33 18.37 23.32
CA ARG K 52 -27.36 17.38 22.23
C ARG K 52 -27.78 17.97 20.88
N SER K 53 -27.65 19.28 20.72
CA SER K 53 -28.07 19.94 19.49
C SER K 53 -27.31 21.24 19.32
N GLU K 54 -27.37 21.77 18.10
CA GLU K 54 -26.75 23.04 17.78
C GLU K 54 -27.82 24.05 17.38
N ILE K 55 -27.43 25.32 17.34
CA ILE K 55 -28.28 26.38 16.80
C ILE K 55 -27.42 27.28 15.90
N ALA K 56 -28.06 27.80 14.86
CA ALA K 56 -27.38 28.60 13.85
C ALA K 56 -27.84 30.05 13.97
N PHE K 57 -26.97 30.97 13.56
CA PHE K 57 -27.34 32.38 13.44
C PHE K 57 -26.62 32.99 12.24
N VAL K 58 -27.35 33.13 11.14
CA VAL K 58 -26.81 33.72 9.94
C VAL K 58 -26.62 35.24 10.14
N ALA K 59 -25.76 35.84 9.31
CA ALA K 59 -25.53 37.27 9.38
C ALA K 59 -26.45 38.08 8.46
N THR K 60 -27.34 37.38 7.74
CA THR K 60 -28.41 37.95 6.89
C THR K 60 -27.94 38.73 5.67
N GLY K 61 -26.63 38.89 5.51
CA GLY K 61 -26.09 39.53 4.33
C GLY K 61 -24.94 38.73 3.72
N THR K 62 -24.35 37.86 4.52
CA THR K 62 -23.17 37.13 4.11
C THR K 62 -23.33 35.63 4.29
N ASN K 63 -22.29 34.88 3.94
CA ASN K 63 -22.22 33.45 4.22
C ASN K 63 -21.53 33.15 5.55
N LEU K 64 -21.72 34.04 6.52
CA LEU K 64 -21.17 33.86 7.85
C LEU K 64 -22.29 33.37 8.77
N SER K 65 -21.92 32.50 9.71
CA SER K 65 -22.88 31.99 10.67
C SER K 65 -22.20 31.74 12.01
N LEU K 66 -23.02 31.72 13.06
CA LEU K 66 -22.54 31.42 14.41
C LEU K 66 -23.18 30.12 14.87
N GLN K 67 -22.34 29.18 15.27
CA GLN K 67 -22.79 27.84 15.65
C GLN K 67 -22.47 27.57 17.11
N PHE K 68 -23.50 27.21 17.87
CA PHE K 68 -23.35 26.93 19.29
C PHE K 68 -23.36 25.42 19.48
N PHE K 69 -22.19 24.82 19.38
CA PHE K 69 -22.08 23.42 19.71
C PHE K 69 -22.11 23.26 21.23
N PRO K 70 -22.61 22.12 21.71
CA PRO K 70 -22.46 21.82 23.13
C PRO K 70 -21.00 21.65 23.52
N ALA K 71 -20.67 22.02 24.74
CA ALA K 71 -19.28 22.03 25.18
C ALA K 71 -18.71 20.63 25.36
N SER K 72 -19.55 19.60 25.36
CA SER K 72 -19.06 18.22 25.32
C SER K 72 -18.50 17.83 23.95
N TRP K 73 -18.76 18.63 22.92
CA TRP K 73 -18.23 18.36 21.59
C TRP K 73 -16.92 19.12 21.38
N ARG K 83 -20.61 33.92 30.68
CA ARG K 83 -19.92 33.68 29.41
C ARG K 83 -20.91 33.20 28.35
N GLU K 84 -20.68 32.01 27.83
CA GLU K 84 -21.56 31.44 26.81
C GLU K 84 -22.86 30.97 27.45
N TYR K 85 -23.98 31.50 26.97
CA TYR K 85 -25.27 31.01 27.42
C TYR K 85 -26.32 31.11 26.33
N VAL K 86 -27.22 30.14 26.34
CA VAL K 86 -28.51 30.25 25.65
C VAL K 86 -29.58 30.08 26.70
N ASP K 87 -30.45 31.08 26.83
CA ASP K 87 -31.42 31.06 27.91
C ASP K 87 -32.75 31.68 27.51
N LEU K 88 -33.80 31.24 28.19
CA LEU K 88 -35.14 31.79 28.03
C LEU K 88 -35.55 32.69 29.20
N GLU K 89 -34.73 32.75 30.25
CA GLU K 89 -35.16 33.34 31.53
C GLU K 89 -35.03 34.86 31.58
N ARG K 90 -34.47 35.47 30.53
CA ARG K 90 -34.32 36.92 30.52
C ARG K 90 -35.67 37.61 30.33
N GLU K 91 -36.33 37.36 29.21
CA GLU K 91 -37.70 37.80 29.02
C GLU K 91 -38.57 36.63 28.58
N ALA K 92 -39.87 36.74 28.84
CA ALA K 92 -40.81 35.72 28.43
C ALA K 92 -41.10 35.87 26.93
N GLY K 93 -40.85 34.80 26.18
CA GLY K 93 -41.07 34.81 24.74
C GLY K 93 -39.96 35.51 23.96
N LYS K 94 -38.76 35.53 24.52
CA LYS K 94 -37.60 36.11 23.85
C LYS K 94 -36.34 35.56 24.50
N VAL K 95 -35.35 35.24 23.67
CA VAL K 95 -34.11 34.64 24.12
C VAL K 95 -32.94 35.59 23.85
N TYR K 96 -32.11 35.79 24.85
CA TYR K 96 -30.87 36.55 24.69
C TYR K 96 -29.70 35.62 24.48
N LEU K 97 -28.75 36.06 23.66
CA LEU K 97 -27.59 35.25 23.31
C LEU K 97 -26.33 36.04 23.60
N LYS K 98 -25.34 35.37 24.18
CA LYS K 98 -24.03 35.96 24.38
C LYS K 98 -22.99 34.85 24.49
N ALA K 99 -21.87 35.05 23.81
CA ALA K 99 -20.76 34.09 23.82
C ALA K 99 -19.46 34.80 23.42
N PRO K 100 -18.37 34.53 24.15
CA PRO K 100 -17.08 35.04 23.75
C PRO K 100 -16.32 34.12 22.81
N MET K 101 -15.38 34.70 22.07
CA MET K 101 -14.54 33.93 21.16
C MET K 101 -13.20 34.64 21.02
N ILE K 102 -12.29 34.00 20.30
CA ILE K 102 -10.97 34.56 20.08
C ILE K 102 -10.77 34.70 18.58
N LEU K 103 -11.14 35.86 18.05
CA LEU K 103 -11.20 36.08 16.61
C LEU K 103 -10.05 36.99 16.20
N ASN K 104 -9.27 36.54 15.21
CA ASN K 104 -7.97 37.15 14.84
C ASN K 104 -7.06 37.33 16.04
N GLY K 105 -7.01 36.32 16.90
CA GLY K 105 -6.10 36.34 18.04
C GLY K 105 -6.60 37.10 19.26
N VAL K 106 -7.63 37.93 19.10
CA VAL K 106 -8.06 38.79 20.21
C VAL K 106 -9.42 38.35 20.74
N CYS K 107 -9.64 38.60 22.02
CA CYS K 107 -10.85 38.14 22.71
C CYS K 107 -11.98 39.13 22.46
N VAL K 108 -12.91 38.75 21.59
CA VAL K 108 -14.08 39.55 21.30
C VAL K 108 -15.31 38.71 21.64
N ILE K 109 -16.28 39.33 22.30
CA ILE K 109 -17.49 38.62 22.73
C ILE K 109 -18.64 38.99 21.78
N TRP K 110 -19.42 37.97 21.41
CA TRP K 110 -20.55 38.18 20.52
C TRP K 110 -21.84 38.07 21.32
N LYS K 111 -22.73 39.05 21.13
CA LYS K 111 -23.99 39.07 21.84
C LYS K 111 -25.07 39.64 20.93
N GLY K 112 -26.31 39.29 21.21
CA GLY K 112 -27.42 39.72 20.38
C GLY K 112 -28.72 39.14 20.85
N TRP K 113 -29.80 39.75 20.39
CA TRP K 113 -31.15 39.28 20.68
C TRP K 113 -31.84 38.76 19.44
N ILE K 114 -32.83 37.90 19.64
CA ILE K 114 -33.57 37.31 18.54
C ILE K 114 -35.03 37.11 18.97
N ASP K 115 -35.96 37.56 18.14
CA ASP K 115 -37.38 37.47 18.44
C ASP K 115 -37.82 36.02 18.31
N LEU K 116 -38.37 35.47 19.39
CA LEU K 116 -38.71 34.06 19.43
C LEU K 116 -39.94 33.73 18.55
N GLN K 117 -40.71 34.75 18.16
CA GLN K 117 -41.89 34.53 17.35
C GLN K 117 -41.67 34.78 15.87
N ARG K 118 -40.90 35.82 15.54
CA ARG K 118 -40.59 36.13 14.14
C ARG K 118 -39.40 35.32 13.62
N LEU K 119 -38.49 34.94 14.52
CA LEU K 119 -37.13 34.52 14.19
C LEU K 119 -36.44 35.52 13.27
N ASP K 120 -36.47 36.79 13.68
CA ASP K 120 -35.73 37.85 13.02
C ASP K 120 -35.29 38.82 14.11
N GLY K 121 -33.98 39.04 14.22
CA GLY K 121 -33.44 39.76 15.35
C GLY K 121 -32.28 40.65 14.98
N MET K 122 -31.45 40.94 15.97
CA MET K 122 -30.33 41.87 15.81
C MET K 122 -29.21 41.44 16.74
N GLY K 123 -27.99 41.43 16.22
CA GLY K 123 -26.85 41.02 17.00
C GLY K 123 -25.59 41.71 16.52
N CYS K 124 -24.71 42.05 17.46
CA CYS K 124 -23.42 42.63 17.12
C CYS K 124 -22.41 42.29 18.19
N LEU K 125 -21.19 42.02 17.75
CA LEU K 125 -20.10 41.66 18.65
C LEU K 125 -19.34 42.91 19.05
N GLU K 126 -19.10 43.06 20.35
CA GLU K 126 -18.28 44.14 20.89
C GLU K 126 -17.03 43.55 21.52
N PHE K 127 -15.97 44.35 21.55
CA PHE K 127 -14.69 43.88 22.07
C PHE K 127 -14.77 43.70 23.59
N ASP K 128 -14.12 42.65 24.07
CA ASP K 128 -14.28 42.19 25.44
C ASP K 128 -13.04 42.62 26.23
N GLU K 129 -13.26 43.35 27.32
CA GLU K 129 -12.17 43.98 28.06
C GLU K 129 -11.87 43.29 29.40
N GLU K 130 -12.82 42.50 29.91
CA GLU K 130 -12.73 41.98 31.27
C GLU K 130 -11.70 40.84 31.37
N ARG K 131 -11.91 39.76 30.62
CA ARG K 131 -10.89 38.71 30.53
C ARG K 131 -9.86 38.98 29.43
N ALA K 132 -9.75 40.24 29.00
CA ALA K 132 -8.64 40.67 28.17
C ALA K 132 -7.33 40.76 28.95
N GLN K 133 -7.38 40.65 30.26
CA GLN K 133 -6.18 40.35 31.06
C GLN K 133 -5.87 38.85 31.06
N GLN K 134 -6.85 38.04 30.73
CA GLN K 134 -6.70 36.59 30.75
C GLN K 134 -6.30 36.06 29.36
N GLU K 135 -5.53 36.84 28.62
CA GLU K 135 -5.22 36.48 27.25
C GLU K 135 -4.11 35.43 27.21
N ASP K 136 -2.87 35.91 27.34
CA ASP K 136 -1.63 35.13 27.47
C ASP K 136 -0.52 36.18 27.59
N ALA K 137 0.73 35.73 27.67
CA ALA K 137 1.86 36.62 27.86
C ALA K 137 2.63 36.88 26.56
N LEU K 138 3.07 35.80 25.90
CA LEU K 138 3.84 35.93 24.66
C LEU K 138 3.21 35.15 23.50
N ALA K 139 2.52 34.06 23.78
CA ALA K 139 1.86 33.29 22.74
C ALA K 139 0.52 33.91 22.33
N GLN K 140 0.05 34.91 23.08
CA GLN K 140 -0.93 35.85 22.54
C GLN K 140 -0.32 36.63 21.38
N GLN K 141 0.91 37.10 21.58
CA GLN K 141 1.62 37.84 20.54
C GLN K 141 2.11 36.93 19.40
N ALA K 142 1.93 35.61 19.54
CA ALA K 142 2.34 34.68 18.49
C ALA K 142 1.52 34.87 17.20
N PHE K 143 0.31 35.38 17.33
CA PHE K 143 -0.44 35.77 16.15
C PHE K 143 -0.01 37.15 15.63
N GLU K 144 0.79 37.87 16.40
CA GLU K 144 1.38 39.11 15.90
C GLU K 144 2.87 38.87 15.66
N GLU K 145 3.33 37.64 15.86
CA GLU K 145 4.40 37.08 15.03
C GLU K 145 3.91 36.68 13.63
N ALA K 146 2.63 36.90 13.35
CA ALA K 146 2.09 36.73 12.01
C ALA K 146 1.28 37.93 11.51
N ARG K 147 0.52 38.58 12.40
CA ARG K 147 -0.30 39.74 12.01
C ARG K 147 0.55 41.00 11.87
N ARG K 148 1.21 41.41 12.95
CA ARG K 148 2.17 42.51 12.88
C ARG K 148 3.41 42.12 12.07
N ARG K 149 3.85 40.88 12.24
CA ARG K 149 5.03 40.37 11.54
C ARG K 149 4.57 39.70 10.25
N THR K 150 4.45 40.50 9.19
CA THR K 150 4.20 39.98 7.86
C THR K 150 5.51 39.89 7.09
N ARG K 151 5.53 39.01 6.09
CA ARG K 151 6.77 38.64 5.43
C ARG K 151 6.48 37.97 4.09
N MET L 1 -28.27 24.46 35.15
CA MET L 1 -29.13 24.57 33.94
C MET L 1 -28.72 23.50 32.94
N GLU L 2 -27.66 23.78 32.19
CA GLU L 2 -27.13 22.87 31.19
C GLU L 2 -25.70 23.28 30.89
N ASN L 3 -25.11 22.75 29.83
CA ASN L 3 -23.69 22.92 29.59
C ASN L 3 -23.43 24.31 29.01
N ARG L 4 -22.19 24.62 28.68
CA ARG L 4 -21.91 25.84 27.97
C ARG L 4 -22.00 25.60 26.46
N TRP L 5 -21.67 26.62 25.67
CA TRP L 5 -21.86 26.55 24.23
C TRP L 5 -20.58 26.99 23.52
N GLN L 6 -19.73 26.02 23.24
CA GLN L 6 -18.46 26.22 22.52
C GLN L 6 -18.72 26.75 21.11
N VAL L 7 -18.26 27.97 20.84
CA VAL L 7 -18.49 28.56 19.53
C VAL L 7 -17.30 28.33 18.61
N MET L 8 -17.59 28.18 17.33
CA MET L 8 -16.61 28.31 16.26
C MET L 8 -17.28 29.08 15.14
N ILE L 9 -16.61 30.10 14.64
CA ILE L 9 -17.20 30.95 13.62
C ILE L 9 -17.18 30.21 12.26
N VAL L 10 -18.29 29.56 11.93
CA VAL L 10 -18.35 28.67 10.79
C VAL L 10 -18.87 29.42 9.58
N TRP L 11 -18.03 29.50 8.55
CA TRP L 11 -18.43 30.06 7.27
C TRP L 11 -19.18 28.99 6.51
N GLN L 12 -20.47 29.18 6.31
CA GLN L 12 -21.24 28.18 5.56
C GLN L 12 -20.93 28.36 4.09
N VAL L 13 -20.81 27.24 3.38
CA VAL L 13 -20.50 27.27 1.96
C VAL L 13 -21.38 26.24 1.26
N ASP L 14 -21.09 26.03 -0.03
CA ASP L 14 -21.92 25.18 -0.87
C ASP L 14 -21.58 23.71 -0.65
N ARG L 15 -22.07 22.86 -1.55
CA ARG L 15 -21.63 21.46 -1.60
C ARG L 15 -20.43 21.30 -2.54
N MET L 16 -20.35 22.17 -3.55
CA MET L 16 -19.44 21.96 -4.67
C MET L 16 -18.02 22.46 -4.42
N ARG L 17 -17.86 23.63 -3.81
CA ARG L 17 -16.51 24.14 -3.53
C ARG L 17 -15.82 23.39 -2.40
N ILE L 18 -16.60 22.70 -1.56
CA ILE L 18 -16.02 21.73 -0.64
C ILE L 18 -15.38 20.57 -1.43
N ASN L 19 -16.10 20.08 -2.43
CA ASN L 19 -15.57 19.01 -3.24
C ASN L 19 -14.73 19.51 -4.42
N THR L 20 -14.27 20.75 -4.37
CA THR L 20 -13.07 21.13 -5.09
C THR L 20 -11.95 21.53 -4.16
N TRP L 21 -12.27 21.74 -2.89
CA TRP L 21 -11.23 21.89 -1.88
C TRP L 21 -10.62 20.53 -1.53
N LYS L 22 -11.48 19.51 -1.43
CA LYS L 22 -10.99 18.17 -1.17
C LYS L 22 -10.25 17.55 -2.35
N ARG L 23 -10.27 18.19 -3.49
CA ARG L 23 -9.56 17.70 -4.66
C ARG L 23 -8.32 18.52 -5.00
N LEU L 24 -8.21 19.73 -4.46
CA LEU L 24 -6.97 20.48 -4.62
C LEU L 24 -5.96 20.17 -3.52
N VAL L 25 -6.43 20.03 -2.29
CA VAL L 25 -5.53 19.65 -1.21
C VAL L 25 -5.04 18.20 -1.39
N LYS L 26 -5.92 17.30 -1.81
CA LYS L 26 -5.47 15.97 -2.15
C LYS L 26 -4.62 15.94 -3.41
N HIS L 27 -4.68 16.98 -4.23
CA HIS L 27 -3.73 17.12 -5.33
C HIS L 27 -2.37 17.58 -4.82
N HIS L 28 -2.37 18.62 -3.99
CA HIS L 28 -1.14 19.20 -3.48
C HIS L 28 -0.59 18.47 -2.26
N MET L 29 -1.08 17.26 -1.98
CA MET L 29 -0.45 16.40 -0.98
C MET L 29 0.27 15.22 -1.61
N TYR L 30 -0.45 14.40 -2.35
CA TYR L 30 0.08 13.11 -2.74
C TYR L 30 0.81 13.15 -4.08
N ILE L 31 0.10 13.46 -5.15
CA ILE L 31 0.68 13.27 -6.47
C ILE L 31 1.54 14.46 -6.89
N SER L 32 1.12 15.65 -6.51
CA SER L 32 2.02 16.79 -6.48
C SER L 32 2.29 17.16 -5.03
N ARG L 33 3.52 17.57 -4.74
CA ARG L 33 3.93 17.77 -3.37
C ARG L 33 4.53 19.17 -3.20
N LYS L 34 3.80 20.17 -3.69
CA LYS L 34 4.19 21.55 -3.48
C LYS L 34 4.13 21.93 -2.00
N ALA L 35 3.03 21.56 -1.34
CA ALA L 35 2.91 21.72 0.11
C ALA L 35 2.47 20.39 0.70
N LYS L 36 3.46 19.54 0.97
CA LYS L 36 3.20 18.15 1.32
C LYS L 36 3.02 17.91 2.83
N ASP L 37 3.28 18.92 3.64
CA ASP L 37 3.22 18.76 5.10
C ASP L 37 1.84 19.11 5.68
N TRP L 38 0.78 18.59 5.08
CA TRP L 38 -0.58 18.91 5.54
C TRP L 38 -1.29 17.63 5.91
N PHE L 39 -1.33 17.33 7.20
CA PHE L 39 -1.85 16.05 7.67
C PHE L 39 -3.38 16.08 7.68
N TYR L 40 -3.96 15.48 6.64
CA TYR L 40 -5.41 15.43 6.47
C TYR L 40 -5.94 14.22 7.22
N ARG L 41 -6.30 14.41 8.49
CA ARG L 41 -6.77 13.28 9.28
C ARG L 41 -8.24 13.01 8.94
N HIS L 42 -8.63 11.75 9.10
CA HIS L 42 -9.88 11.28 8.52
C HIS L 42 -11.03 11.43 9.53
N HIS L 43 -12.15 10.75 9.24
CA HIS L 43 -13.44 11.05 9.87
C HIS L 43 -13.48 10.73 11.36
N TYR L 44 -13.27 9.47 11.72
CA TYR L 44 -13.54 9.01 13.08
C TYR L 44 -12.37 9.19 14.04
N GLU L 45 -11.45 10.11 13.73
CA GLU L 45 -10.48 10.58 14.71
C GLU L 45 -10.93 11.86 15.41
N SER L 46 -12.25 12.09 15.47
CA SER L 46 -12.80 13.29 16.07
C SER L 46 -13.87 12.94 17.10
N THR L 47 -14.17 13.89 17.98
CA THR L 47 -15.21 13.72 18.98
C THR L 47 -16.50 14.48 18.65
N ASN L 48 -16.41 15.50 17.81
CA ASN L 48 -17.58 16.27 17.41
C ASN L 48 -18.20 15.59 16.19
N PRO L 49 -19.47 15.16 16.30
CA PRO L 49 -20.07 14.36 15.23
C PRO L 49 -20.36 15.15 13.94
N LYS L 50 -20.31 16.48 14.01
CA LYS L 50 -20.55 17.30 12.83
C LYS L 50 -19.25 17.71 12.14
N ILE L 51 -18.20 16.90 12.27
CA ILE L 51 -16.93 17.16 11.63
C ILE L 51 -16.74 16.18 10.50
N SER L 52 -16.45 16.68 9.30
CA SER L 52 -16.10 15.81 8.20
C SER L 52 -14.62 15.40 8.28
N SER L 53 -13.73 16.37 8.17
CA SER L 53 -12.30 16.09 8.14
C SER L 53 -11.52 17.36 8.42
N GLU L 54 -10.66 17.33 9.43
CA GLU L 54 -9.76 18.43 9.70
C GLU L 54 -8.64 18.42 8.67
N VAL L 55 -8.10 19.61 8.39
CA VAL L 55 -6.86 19.70 7.63
C VAL L 55 -5.80 20.32 8.53
N HIS L 56 -5.09 19.49 9.27
CA HIS L 56 -4.01 19.95 10.14
C HIS L 56 -2.83 20.38 9.29
N ILE L 57 -2.58 21.68 9.21
CA ILE L 57 -1.38 22.17 8.54
C ILE L 57 -0.41 22.71 9.60
N PRO L 58 0.67 21.97 9.88
CA PRO L 58 1.67 22.50 10.80
C PRO L 58 2.41 23.67 10.19
N LEU L 59 2.18 24.86 10.74
CA LEU L 59 2.71 26.08 10.17
C LEU L 59 3.84 26.59 11.05
N GLY L 60 5.02 26.02 10.85
CA GLY L 60 6.18 26.38 11.67
C GLY L 60 6.06 25.86 13.09
N ASP L 61 5.80 26.77 14.03
CA ASP L 61 5.80 26.43 15.44
C ASP L 61 4.57 25.59 15.82
N ALA L 62 3.40 26.00 15.34
CA ALA L 62 2.15 25.35 15.72
C ALA L 62 1.24 25.19 14.51
N LYS L 63 0.17 24.41 14.70
CA LYS L 63 -0.67 23.96 13.59
C LYS L 63 -1.87 24.88 13.38
N LEU L 64 -2.09 25.27 12.13
CA LEU L 64 -3.38 25.79 11.69
C LEU L 64 -4.24 24.61 11.27
N VAL L 65 -5.52 24.66 11.60
CA VAL L 65 -6.44 23.61 11.14
C VAL L 65 -7.53 24.25 10.30
N ILE L 66 -8.06 23.47 9.37
CA ILE L 66 -9.21 23.87 8.57
C ILE L 66 -10.14 22.67 8.55
N THR L 67 -11.27 22.80 9.21
CA THR L 67 -12.17 21.67 9.36
C THR L 67 -13.44 21.86 8.52
N THR L 68 -14.11 20.76 8.24
CA THR L 68 -15.24 20.77 7.33
C THR L 68 -16.44 20.22 8.08
N TYR L 69 -17.56 20.94 8.01
CA TYR L 69 -18.77 20.55 8.71
C TYR L 69 -19.79 20.02 7.72
N TRP L 70 -20.71 19.19 8.20
CA TRP L 70 -21.78 18.69 7.33
C TRP L 70 -23.04 18.50 8.13
N GLY L 71 -24.16 18.92 7.55
CA GLY L 71 -25.47 18.76 8.16
C GLY L 71 -25.66 19.61 9.40
N LEU L 72 -25.30 20.88 9.32
CA LEU L 72 -25.49 21.76 10.46
C LEU L 72 -26.95 22.23 10.50
N HIS L 73 -27.25 23.16 9.60
CA HIS L 73 -28.58 23.75 9.46
C HIS L 73 -28.63 24.42 8.09
N THR L 74 -29.83 24.51 7.54
CA THR L 74 -29.99 25.02 6.20
C THR L 74 -29.84 26.55 6.20
N GLY L 75 -29.27 27.09 5.14
CA GLY L 75 -28.92 28.50 5.09
C GLY L 75 -30.02 29.39 4.56
N GLU L 76 -29.66 30.64 4.27
CA GLU L 76 -30.64 31.65 3.90
C GLU L 76 -30.81 31.75 2.38
N ARG L 77 -29.76 31.46 1.60
CA ARG L 77 -29.75 31.77 0.17
C ARG L 77 -29.71 30.50 -0.66
N ASP L 78 -30.62 29.59 -0.33
CA ASP L 78 -31.12 28.52 -1.20
C ASP L 78 -30.09 27.56 -1.79
N TRP L 79 -28.89 27.57 -1.21
CA TRP L 79 -27.94 26.51 -1.48
C TRP L 79 -27.14 26.10 -0.25
N HIS L 80 -27.14 26.93 0.79
CA HIS L 80 -26.30 26.67 1.96
C HIS L 80 -26.90 25.55 2.80
N LEU L 81 -26.68 24.32 2.33
CA LEU L 81 -27.42 23.17 2.83
C LEU L 81 -26.66 22.45 3.94
N GLY L 82 -26.24 23.22 4.94
CA GLY L 82 -25.64 22.64 6.14
C GLY L 82 -24.19 22.20 6.13
N GLN L 83 -23.41 22.72 5.19
CA GLN L 83 -22.01 22.36 5.10
C GLN L 83 -21.07 23.55 5.10
N GLY L 84 -20.23 23.64 6.12
CA GLY L 84 -19.45 24.84 6.35
C GLY L 84 -18.03 24.54 6.80
N VAL L 85 -17.31 25.61 7.12
CA VAL L 85 -15.87 25.55 7.36
C VAL L 85 -15.52 26.59 8.43
N SER L 86 -14.62 26.22 9.34
CA SER L 86 -14.16 27.14 10.38
C SER L 86 -12.66 26.97 10.53
N ILE L 87 -11.91 27.94 10.02
CA ILE L 87 -10.47 27.92 10.11
C ILE L 87 -10.03 28.37 11.49
N GLU L 88 -9.00 27.72 12.02
CA GLU L 88 -8.67 27.82 13.44
C GLU L 88 -7.18 27.53 13.61
N TRP L 89 -6.45 28.49 14.18
CA TRP L 89 -5.04 28.33 14.48
C TRP L 89 -4.88 28.16 15.99
N ARG L 90 -4.32 27.02 16.38
CA ARG L 90 -4.10 26.72 17.79
C ARG L 90 -2.60 26.77 18.10
N LYS L 91 -2.26 27.23 19.29
CA LYS L 91 -0.87 27.32 19.72
C LYS L 91 -0.73 26.66 21.07
N LYS L 92 -0.39 25.37 21.06
CA LYS L 92 -0.12 24.57 22.26
C LYS L 92 -1.20 24.70 23.34
N ARG L 93 -2.41 24.30 22.96
CA ARG L 93 -3.65 24.55 23.71
C ARG L 93 -3.93 26.03 23.96
N TYR L 94 -3.82 26.84 22.92
CA TYR L 94 -4.40 28.18 22.89
C TYR L 94 -4.96 28.44 21.50
N SER L 95 -6.28 28.49 21.41
CA SER L 95 -7.00 28.43 20.13
C SER L 95 -7.46 29.82 19.70
N THR L 96 -7.21 30.16 18.43
CA THR L 96 -7.88 31.30 17.82
C THR L 96 -8.44 30.97 16.45
N GLN L 97 -9.38 31.78 16.00
CA GLN L 97 -10.09 31.55 14.75
C GLN L 97 -9.98 32.80 13.89
N VAL L 98 -9.62 32.63 12.64
CA VAL L 98 -8.98 33.69 11.91
C VAL L 98 -9.77 34.12 10.67
N ASP L 99 -9.42 35.28 10.16
CA ASP L 99 -9.98 35.82 8.92
C ASP L 99 -9.57 34.92 7.75
N PRO L 100 -10.54 34.53 6.89
CA PRO L 100 -10.17 33.91 5.62
C PRO L 100 -9.34 34.80 4.69
N ASP L 101 -9.55 36.11 4.74
CA ASP L 101 -8.78 37.02 3.89
C ASP L 101 -7.33 37.15 4.37
N LEU L 102 -7.08 36.78 5.63
CA LEU L 102 -5.72 36.78 6.17
C LEU L 102 -5.12 35.37 6.22
N ALA L 103 -5.95 34.33 6.21
CA ALA L 103 -5.47 32.97 6.32
C ALA L 103 -4.69 32.53 5.07
N ASP L 104 -5.20 32.89 3.90
CA ASP L 104 -4.45 32.64 2.67
C ASP L 104 -3.16 33.47 2.61
N GLN L 105 -3.16 34.63 3.27
CA GLN L 105 -1.92 35.38 3.45
C GLN L 105 -1.03 34.76 4.52
N LEU L 106 -1.60 33.86 5.31
CA LEU L 106 -0.86 33.18 6.37
C LEU L 106 -0.28 31.84 5.94
N ILE L 107 -0.91 31.17 4.97
CA ILE L 107 -0.22 30.10 4.26
C ILE L 107 0.90 30.69 3.41
N HIS L 108 0.67 31.91 2.89
CA HIS L 108 1.63 32.63 2.04
C HIS L 108 2.99 32.87 2.72
N LEU L 109 3.01 32.94 4.05
CA LEU L 109 4.27 33.06 4.79
C LEU L 109 5.12 31.79 4.74
N HIS L 110 4.55 30.68 4.32
CA HIS L 110 5.29 29.44 4.20
C HIS L 110 5.10 28.80 2.84
N TYR L 111 3.93 29.02 2.25
CA TYR L 111 3.59 28.39 0.96
C TYR L 111 2.79 29.37 0.11
N PHE L 112 3.34 29.80 -1.02
CA PHE L 112 4.66 29.37 -1.47
C PHE L 112 5.43 30.60 -1.90
N ASP L 113 6.75 30.50 -1.93
CA ASP L 113 7.62 31.62 -2.27
C ASP L 113 7.82 31.79 -3.79
N GLU L 114 6.96 31.15 -4.58
CA GLU L 114 6.93 31.24 -6.05
C GLU L 114 8.27 30.95 -6.71
N GLN L 120 -4.13 30.24 -15.02
CA GLN L 120 -3.54 29.37 -16.02
C GLN L 120 -2.52 28.44 -15.38
N ILE L 121 -2.42 28.48 -14.06
CA ILE L 121 -1.44 27.70 -13.33
C ILE L 121 -1.95 26.25 -13.26
N LYS L 122 -1.04 25.29 -13.38
CA LYS L 122 -1.41 23.89 -13.33
C LYS L 122 -0.85 23.28 -12.04
N PRO L 123 -1.64 23.16 -10.96
CA PRO L 123 -2.95 23.77 -10.73
C PRO L 123 -2.79 25.03 -9.87
N PRO L 124 -3.87 25.80 -9.65
CA PRO L 124 -3.79 26.87 -8.65
C PRO L 124 -3.55 26.34 -7.23
N LEU L 125 -2.92 27.17 -6.40
CA LEU L 125 -2.62 26.77 -5.03
C LEU L 125 -3.91 26.79 -4.20
N PRO L 126 -4.00 25.93 -3.17
CA PRO L 126 -5.22 25.91 -2.35
C PRO L 126 -5.36 27.15 -1.49
N SER L 127 -6.25 28.04 -1.88
CA SER L 127 -6.48 29.28 -1.13
C SER L 127 -7.88 29.27 -0.55
N VAL L 128 -7.99 29.50 0.76
CA VAL L 128 -9.25 29.42 1.44
C VAL L 128 -10.17 30.60 1.11
N ARG L 129 -9.62 31.68 0.58
CA ARG L 129 -10.46 32.80 0.15
C ARG L 129 -11.26 32.41 -1.08
N LYS L 130 -10.67 31.59 -1.95
CA LYS L 130 -11.40 31.04 -3.09
C LYS L 130 -12.53 30.14 -2.64
N LEU L 131 -12.34 29.46 -1.50
CA LEU L 131 -13.37 28.60 -0.93
C LEU L 131 -14.56 29.44 -0.45
N THR L 132 -14.32 30.36 0.47
CA THR L 132 -15.37 30.90 1.30
C THR L 132 -16.16 32.04 0.67
N GLU L 133 -16.01 32.27 -0.63
CA GLU L 133 -16.78 33.33 -1.26
C GLU L 133 -18.12 32.79 -1.75
N ASP L 134 -19.19 33.40 -1.25
CA ASP L 134 -20.55 32.97 -1.55
C ASP L 134 -20.95 33.32 -2.98
N ARG L 135 -21.44 32.32 -3.71
CA ARG L 135 -21.84 32.51 -5.09
C ARG L 135 -23.29 32.95 -5.24
N TRP L 136 -23.91 33.38 -4.15
CA TRP L 136 -25.32 33.71 -4.20
C TRP L 136 -25.65 35.11 -3.73
N ASN L 137 -24.94 35.60 -2.72
CA ASN L 137 -25.18 36.96 -2.27
C ASN L 137 -24.67 37.99 -3.26
N LYS L 138 -23.50 37.72 -3.83
CA LYS L 138 -22.96 38.60 -4.87
C LYS L 138 -23.41 38.13 -6.25
ZN ZN M . 12.47 16.75 19.19
ZN ZN N . -3.17 4.94 -27.75
ZN ZN O . 15.80 -23.10 -4.56
ZN ZN P . -25.10 1.42 13.12
#